data_4FFV
#
_entry.id   4FFV
#
_cell.length_a   97.260
_cell.length_b   201.720
_cell.length_c   97.280
_cell.angle_alpha   90.00
_cell.angle_beta   93.71
_cell.angle_gamma   90.00
#
_symmetry.space_group_name_H-M   'P 1 21 1'
#
loop_
_entity.id
_entity.type
_entity.pdbx_description
1 polymer 'Dipeptidyl peptidase 4'
2 polymer '11A19 Fab light chain'
3 polymer '11A19 Fab heavy chain'
4 water water
#
loop_
_entity_poly.entity_id
_entity_poly.type
_entity_poly.pdbx_seq_one_letter_code
_entity_poly.pdbx_strand_id
1 'polypeptide(L)'
;RRTYTLADYLKNTFRVKSYSLRWVSDSEYLYKQENNILLFNAEHGNSSIFLENSTFEIFGDSISDYSVSPDRLFVLLEYN
YVKQWRHSYTASYSIYDLNKRQLITEEKIPNNTQWITWSQEGHKLAYVWKNDIYVKIEPHLPSHRITSTGKENVIFNGIN
DWVYEEEIFGAYSALWWSPNGTFLAYAQFNDTGVPLIEYSFYSDESLQYPKTVWIPYPKAGAVNPTVKFFIVNTDSLSST
TTTIPMQITAPASVTTGDHYLCDVAWVSEDRISLQWLRRIQNYSVMAICDYDKTTLVWNCPTTQEHIETSATGWCGRFRP
AEPHFTSDGSSFYKIVSDKDGYKHICQFQKDRKPEQVCTFITKGAWEVISIEALTSDYLYYISNEYKEMPGGRNLYKIQL
TDHTNKKCLSCDLNPERCQYYSVSLSKEAKYYQLGCRGPGLPLYTLHRSTDQKELRVLEDNSALDKMLQDVQMPSKKLDF
IVLNETRFWYQMILPPHFDKSKKYPLLIDVYAGPCSQKADAAFRLNWATYLASTENIIVASFDGRGSGYQGDKIMHAINK
RLGTLEVEDQIEAARQFLKMGFVDSKRVAIWGWSYGGYVTSMVLGSGSGVFKCGIAVAPVSRWEYYDSVYTERYMGLPTP
EDNLDHYRNSTVMSRAENFKQVEYLLIHGTADDNVHFQQSAQISKALVDAGVDFQAMWYTDEDHGIASSTAHQHIYSHMS
HFLQQCFSLR
;
A,B
2 'polypeptide(L)'
;QIVLSQSPAILSASPGEKVTMTCRASSSVNNMHWYQQKPGSSPKPWLHGTSNLASGVPVRFSGSGSGTSFSLTISRVEAE
DAATYFCQQWSNHPPTFGGGTKLEIDRADAAPTVSIFPPSSEQLTSGGASVVCFLNNFYPKDINVKWKIDGSERQNGVLN
SWTDQDSKDSTYSMSSTLTLTKDEYERHNSYTCEATHKTSTSPIVKSFNR
;
C,L
3 'polypeptide(L)'
;EFQLQQSGPELVKPGASVKISCKASGYSFTDYNINWMKQSNGKSLEWIGVVIPKYGTTNYNQKFQGKATLTVDQSSSTAY
IQLNSLTSEDSAVYYCTRFRDVFFDVWGTGTTVTVSSAKTTAPSVYPLAPVCGGTTGSSVTLGCLVKGYFPEPVTLTWNS
GSLSSGVHTFPALLQSGLYTLSSSVTVTSNTWPSQTITCNVAHPASSTKVDKKIVPR
;
D,H
#
# COMPACT_ATOMS: atom_id res chain seq x y z
N ARG A 2 -9.29 23.73 35.91
CA ARG A 2 -9.25 22.86 34.70
C ARG A 2 -8.92 23.67 33.44
N THR A 3 -8.11 23.08 32.57
CA THR A 3 -7.99 23.52 31.19
C THR A 3 -8.76 22.51 30.34
N TYR A 4 -9.15 22.92 29.14
CA TYR A 4 -9.78 22.01 28.18
C TYR A 4 -8.67 21.13 27.61
N THR A 5 -8.56 19.91 28.11
CA THR A 5 -7.43 19.03 27.80
C THR A 5 -7.62 18.30 26.46
N LEU A 6 -6.59 17.59 26.03
CA LEU A 6 -6.69 16.71 24.86
C LEU A 6 -7.69 15.59 25.14
N ALA A 7 -7.58 14.99 26.32
CA ALA A 7 -8.51 13.94 26.75
C ALA A 7 -9.97 14.39 26.67
N ASP A 8 -10.23 15.65 27.02
CA ASP A 8 -11.58 16.21 26.95
C ASP A 8 -12.07 16.28 25.49
N TYR A 9 -11.19 16.73 24.61
CA TYR A 9 -11.51 16.78 23.17
C TYR A 9 -11.74 15.37 22.61
N LEU A 10 -10.92 14.41 23.02
CA LEU A 10 -10.99 13.04 22.47
C LEU A 10 -12.16 12.22 23.04
N LYS A 11 -12.28 12.19 24.36
CA LYS A 11 -13.37 11.47 25.04
C LYS A 11 -14.73 12.10 24.75
N ASN A 12 -14.73 13.39 24.40
CA ASN A 12 -15.93 14.15 24.10
C ASN A 12 -16.75 14.41 25.37
N THR A 13 -16.08 14.86 26.43
CA THR A 13 -16.73 15.18 27.70
C THR A 13 -17.69 16.37 27.58
N PHE A 14 -17.37 17.31 26.69
CA PHE A 14 -18.16 18.54 26.52
C PHE A 14 -18.91 18.54 25.18
N ARG A 15 -20.20 18.25 25.24
CA ARG A 15 -21.04 18.05 24.05
C ARG A 15 -21.68 19.36 23.61
N VAL A 16 -21.32 19.84 22.42
CA VAL A 16 -22.01 20.98 21.81
C VAL A 16 -23.32 20.47 21.20
N LYS A 17 -24.42 20.73 21.88
CA LYS A 17 -25.73 20.25 21.45
C LYS A 17 -26.23 21.07 20.28
N SER A 18 -27.14 20.49 19.49
CA SER A 18 -27.83 21.22 18.44
C SER A 18 -29.30 20.79 18.47
N TYR A 19 -30.04 21.11 17.43
CA TYR A 19 -31.44 20.75 17.36
C TYR A 19 -31.82 20.51 15.90
N SER A 20 -31.98 19.24 15.54
CA SER A 20 -32.35 18.88 14.18
C SER A 20 -33.80 18.45 14.12
N LEU A 21 -34.60 19.21 13.39
CA LEU A 21 -36.02 18.89 13.18
C LEU A 21 -36.26 18.67 11.69
N ARG A 22 -37.41 18.08 11.38
CA ARG A 22 -37.81 17.85 9.99
C ARG A 22 -39.19 18.43 9.72
N TRP A 23 -39.24 19.53 8.97
CA TRP A 23 -40.51 20.15 8.59
C TRP A 23 -41.28 19.25 7.64
N VAL A 24 -42.36 18.68 8.16
CA VAL A 24 -43.24 17.83 7.35
C VAL A 24 -44.30 18.68 6.64
N SER A 25 -44.82 19.69 7.33
CA SER A 25 -45.80 20.61 6.75
C SER A 25 -45.37 22.05 6.97
N ASP A 26 -46.28 22.98 6.68
CA ASP A 26 -46.04 24.40 6.86
C ASP A 26 -46.00 24.79 8.34
N SER A 27 -46.66 24.00 9.19
CA SER A 27 -46.79 24.32 10.61
C SER A 27 -46.24 23.28 11.58
N GLU A 28 -45.81 22.12 11.06
CA GLU A 28 -45.42 21.00 11.92
C GLU A 28 -44.03 20.47 11.59
N TYR A 29 -43.30 20.04 12.62
CA TYR A 29 -42.00 19.39 12.45
C TYR A 29 -41.87 18.19 13.38
N LEU A 30 -40.99 17.26 13.00
CA LEU A 30 -40.69 16.07 13.82
C LEU A 30 -39.38 16.27 14.57
N TYR A 31 -39.27 15.65 15.75
CA TYR A 31 -38.03 15.69 16.54
C TYR A 31 -37.84 14.46 17.41
N LYS A 32 -36.57 14.15 17.68
CA LYS A 32 -36.16 12.97 18.45
C LYS A 32 -36.08 13.29 19.94
N GLN A 33 -36.79 12.51 20.75
CA GLN A 33 -36.84 12.73 22.20
C GLN A 33 -35.84 11.79 22.89
N GLU A 34 -36.30 10.61 23.33
CA GLU A 34 -35.44 9.60 23.94
C GLU A 34 -35.45 8.40 23.02
N ASN A 35 -34.99 8.62 21.79
CA ASN A 35 -35.14 7.68 20.68
C ASN A 35 -36.59 7.57 20.18
N ASN A 36 -37.49 8.39 20.76
CA ASN A 36 -38.87 8.50 20.31
C ASN A 36 -38.96 9.66 19.34
N ILE A 37 -39.79 9.53 18.31
CA ILE A 37 -40.02 10.64 17.39
C ILE A 37 -41.38 11.27 17.67
N LEU A 38 -41.35 12.56 17.97
CA LEU A 38 -42.54 13.31 18.34
C LEU A 38 -42.84 14.35 17.27
N LEU A 39 -44.13 14.66 17.11
CA LEU A 39 -44.58 15.66 16.16
C LEU A 39 -45.00 16.91 16.92
N PHE A 40 -44.37 18.04 16.60
CA PHE A 40 -44.65 19.31 17.29
C PHE A 40 -45.36 20.26 16.34
N ASN A 41 -46.53 20.73 16.73
CA ASN A 41 -47.31 21.71 15.96
C ASN A 41 -46.93 23.13 16.38
N ALA A 42 -46.58 23.96 15.42
CA ALA A 42 -46.10 25.33 15.70
C ALA A 42 -47.21 26.37 15.81
N GLU A 43 -48.41 26.05 15.32
CA GLU A 43 -49.59 26.92 15.53
C GLU A 43 -50.00 26.91 16.99
N HIS A 44 -49.80 25.77 17.64
CA HIS A 44 -50.07 25.59 19.07
C HIS A 44 -48.72 25.58 19.79
N GLY A 45 -48.69 24.97 20.98
CA GLY A 45 -47.42 24.61 21.63
C GLY A 45 -47.43 23.15 22.05
N ASN A 46 -48.30 22.35 21.43
CA ASN A 46 -48.50 20.96 21.83
C ASN A 46 -47.66 19.99 21.00
N SER A 47 -47.41 18.82 21.59
CA SER A 47 -46.63 17.76 20.95
C SER A 47 -47.48 16.50 20.83
N SER A 48 -47.12 15.66 19.88
CA SER A 48 -47.86 14.41 19.61
C SER A 48 -46.87 13.29 19.33
N ILE A 49 -47.08 12.13 19.95
CA ILE A 49 -46.20 10.98 19.73
C ILE A 49 -46.46 10.45 18.30
N PHE A 50 -45.40 10.38 17.50
CA PHE A 50 -45.48 9.90 16.12
C PHE A 50 -44.95 8.48 15.98
N LEU A 51 -43.81 8.22 16.61
CA LEU A 51 -43.15 6.92 16.51
C LEU A 51 -42.40 6.62 17.80
N GLU A 52 -42.89 5.64 18.55
CA GLU A 52 -42.28 5.27 19.83
C GLU A 52 -41.00 4.47 19.60
N ASN A 53 -40.08 4.58 20.56
CA ASN A 53 -38.77 3.93 20.47
C ASN A 53 -38.85 2.40 20.45
N SER A 54 -39.96 1.85 20.94
CA SER A 54 -40.20 0.41 20.90
C SER A 54 -40.25 -0.12 19.46
N THR A 55 -40.74 0.70 18.55
CA THR A 55 -40.81 0.34 17.14
C THR A 55 -39.42 0.16 16.54
N PHE A 56 -38.50 1.07 16.88
CA PHE A 56 -37.10 0.94 16.45
C PHE A 56 -36.41 -0.26 17.10
N GLU A 57 -36.84 -0.59 18.32
CA GLU A 57 -36.25 -1.70 19.08
C GLU A 57 -36.65 -3.08 18.55
N ILE A 58 -37.58 -3.15 17.61
CA ILE A 58 -37.85 -4.43 16.93
C ILE A 58 -36.71 -4.78 15.97
N PHE A 59 -35.86 -3.80 15.67
CA PHE A 59 -34.61 -4.02 14.96
C PHE A 59 -33.37 -3.88 15.86
N GLY A 60 -33.60 -3.69 17.16
CA GLY A 60 -32.51 -3.60 18.13
C GLY A 60 -31.80 -2.27 18.09
N ASP A 61 -30.46 -2.31 18.02
CA ASP A 61 -29.67 -1.08 17.87
C ASP A 61 -29.17 -0.92 16.43
N SER A 62 -29.67 -1.76 15.52
CA SER A 62 -29.21 -1.78 14.14
C SER A 62 -29.78 -0.64 13.29
N ILE A 63 -30.75 0.09 13.82
CA ILE A 63 -31.35 1.20 13.10
C ILE A 63 -30.33 2.33 12.99
N SER A 64 -30.28 2.96 11.83
CA SER A 64 -29.37 4.07 11.56
C SER A 64 -30.11 5.35 11.20
N ASP A 65 -31.26 5.22 10.55
CA ASP A 65 -32.05 6.36 10.14
C ASP A 65 -33.48 5.91 9.85
N TYR A 66 -34.37 6.87 9.76
CA TYR A 66 -35.74 6.62 9.36
C TYR A 66 -36.12 7.71 8.36
N SER A 67 -37.12 7.43 7.54
CA SER A 67 -37.62 8.44 6.59
C SER A 67 -39.13 8.26 6.40
N VAL A 68 -39.89 9.26 6.82
CA VAL A 68 -41.34 9.21 6.79
C VAL A 68 -41.85 9.70 5.44
N SER A 69 -42.89 9.03 4.93
CA SER A 69 -43.47 9.41 3.64
C SER A 69 -44.08 10.80 3.72
N PRO A 70 -44.07 11.55 2.60
CA PRO A 70 -44.70 12.88 2.52
C PRO A 70 -46.12 12.94 3.07
N ASP A 71 -46.92 11.90 2.82
CA ASP A 71 -48.31 11.86 3.30
C ASP A 71 -48.45 11.28 4.71
N ARG A 72 -47.34 10.86 5.31
CA ARG A 72 -47.29 10.38 6.70
C ARG A 72 -47.99 9.05 6.95
N LEU A 73 -48.13 8.22 5.91
CA LEU A 73 -48.76 6.90 6.07
C LEU A 73 -47.72 5.78 6.24
N PHE A 74 -46.48 6.04 5.83
CA PHE A 74 -45.44 5.01 5.90
C PHE A 74 -44.11 5.58 6.38
N VAL A 75 -43.32 4.72 7.01
CA VAL A 75 -41.98 5.08 7.46
C VAL A 75 -40.96 4.09 6.89
N LEU A 76 -39.96 4.63 6.22
CA LEU A 76 -38.79 3.88 5.78
C LEU A 76 -37.91 3.70 7.02
N LEU A 77 -37.60 2.45 7.38
CA LEU A 77 -36.68 2.17 8.50
C LEU A 77 -35.35 1.63 7.95
N GLU A 78 -34.28 2.39 8.16
CA GLU A 78 -32.97 2.06 7.61
C GLU A 78 -32.12 1.35 8.67
N TYR A 79 -31.55 0.21 8.31
CA TYR A 79 -30.66 -0.52 9.21
C TYR A 79 -29.53 -1.21 8.45
N ASN A 80 -28.58 -1.79 9.20
CA ASN A 80 -27.40 -2.45 8.65
C ASN A 80 -26.59 -1.53 7.72
N TYR A 81 -26.38 -0.31 8.21
CA TYR A 81 -25.60 0.72 7.52
C TYR A 81 -24.16 0.27 7.34
N VAL A 82 -23.69 0.22 6.10
CA VAL A 82 -22.28 0.00 5.79
C VAL A 82 -21.79 1.18 4.94
N LYS A 83 -20.95 2.02 5.53
CA LYS A 83 -20.37 3.18 4.86
C LYS A 83 -19.59 2.76 3.62
N GLN A 84 -19.61 3.61 2.58
CA GLN A 84 -18.74 3.46 1.41
C GLN A 84 -17.80 4.67 1.29
N TRP A 85 -18.11 5.65 0.42
CA TRP A 85 -17.28 6.86 0.29
C TRP A 85 -17.84 7.97 1.21
N ARG A 86 -17.71 9.24 0.81
CA ARG A 86 -18.09 10.34 1.71
C ARG A 86 -19.59 10.35 2.01
N HIS A 87 -20.40 10.22 0.96
CA HIS A 87 -21.85 10.24 1.10
C HIS A 87 -22.52 8.89 0.90
N SER A 88 -21.94 8.06 0.02
CA SER A 88 -22.52 6.78 -0.31
C SER A 88 -22.45 5.78 0.83
N TYR A 89 -23.42 4.88 0.84
CA TYR A 89 -23.43 3.73 1.75
C TYR A 89 -24.44 2.75 1.22
N THR A 90 -24.53 1.59 1.86
CA THR A 90 -25.59 0.65 1.61
C THR A 90 -26.26 0.30 2.92
N ALA A 91 -27.51 -0.15 2.82
CA ALA A 91 -28.29 -0.46 3.99
C ALA A 91 -29.39 -1.43 3.65
N SER A 92 -30.12 -1.87 4.67
CA SER A 92 -31.34 -2.63 4.49
C SER A 92 -32.50 -1.71 4.83
N TYR A 93 -33.69 -2.05 4.33
CA TYR A 93 -34.86 -1.24 4.55
C TYR A 93 -36.10 -2.12 4.77
N SER A 94 -36.95 -1.69 5.70
CA SER A 94 -38.28 -2.27 5.87
C SER A 94 -39.26 -1.13 6.08
N ILE A 95 -40.43 -1.24 5.44
CA ILE A 95 -41.44 -0.20 5.48
C ILE A 95 -42.42 -0.47 6.60
N TYR A 96 -42.72 0.57 7.36
CA TYR A 96 -43.62 0.46 8.52
C TYR A 96 -44.91 1.22 8.24
N ASP A 97 -46.03 0.50 8.23
CA ASP A 97 -47.33 1.12 8.05
C ASP A 97 -47.75 1.76 9.38
N LEU A 98 -47.88 3.08 9.38
CA LEU A 98 -48.27 3.83 10.58
C LEU A 98 -49.72 3.56 10.96
N ASN A 99 -50.61 3.72 9.98
CA ASN A 99 -52.04 3.47 10.16
C ASN A 99 -52.31 2.12 10.82
N LYS A 100 -51.66 1.06 10.30
CA LYS A 100 -51.89 -0.32 10.76
C LYS A 100 -50.91 -0.79 11.84
N ARG A 101 -49.82 -0.06 12.04
CA ARG A 101 -48.78 -0.40 13.03
C ARG A 101 -48.20 -1.80 12.80
N GLN A 102 -47.77 -2.04 11.55
CA GLN A 102 -47.24 -3.33 11.15
C GLN A 102 -46.21 -3.14 10.04
N LEU A 103 -45.28 -4.08 9.92
CA LEU A 103 -44.28 -4.06 8.84
C LEU A 103 -44.83 -4.75 7.60
N ILE A 104 -44.55 -4.17 6.43
CA ILE A 104 -44.88 -4.79 5.16
C ILE A 104 -43.85 -5.86 4.87
N THR A 105 -44.28 -7.13 4.95
CA THR A 105 -43.37 -8.29 4.76
C THR A 105 -43.36 -8.82 3.33
N GLU A 106 -44.11 -8.19 2.44
CA GLU A 106 -44.26 -8.67 1.06
C GLU A 106 -43.55 -7.73 0.10
N GLU A 107 -42.92 -8.31 -0.92
CA GLU A 107 -42.16 -7.54 -1.90
C GLU A 107 -41.28 -6.52 -1.19
N LYS A 108 -40.45 -7.02 -0.28
CA LYS A 108 -39.65 -6.14 0.56
C LYS A 108 -38.42 -5.62 -0.19
N ILE A 109 -37.93 -4.45 0.24
CA ILE A 109 -36.73 -3.84 -0.33
C ILE A 109 -35.55 -4.79 -0.12
N PRO A 110 -34.74 -5.01 -1.15
CA PRO A 110 -33.67 -6.01 -1.04
C PRO A 110 -32.47 -5.54 -0.21
N ASN A 111 -31.70 -6.50 0.28
CA ASN A 111 -30.39 -6.27 0.90
C ASN A 111 -29.49 -5.35 0.10
N ASN A 112 -28.58 -4.67 0.80
CA ASN A 112 -27.53 -3.89 0.15
C ASN A 112 -28.10 -2.91 -0.86
N THR A 113 -29.12 -2.17 -0.44
CA THR A 113 -29.71 -1.13 -1.26
C THR A 113 -28.77 0.07 -1.22
N GLN A 114 -28.53 0.67 -2.39
CA GLN A 114 -27.51 1.70 -2.55
C GLN A 114 -28.10 3.11 -2.35
N TRP A 115 -29.39 3.26 -2.66
CA TRP A 115 -30.12 4.50 -2.42
C TRP A 115 -31.61 4.18 -2.45
N ILE A 116 -32.39 4.96 -1.71
CA ILE A 116 -33.85 4.82 -1.72
C ILE A 116 -34.48 6.13 -1.28
N THR A 117 -35.57 6.51 -1.94
CA THR A 117 -36.26 7.74 -1.58
C THR A 117 -37.76 7.66 -1.86
N TRP A 118 -38.54 8.29 -0.99
CA TRP A 118 -39.94 8.52 -1.22
C TRP A 118 -40.08 9.54 -2.34
N SER A 119 -41.25 9.60 -2.96
CA SER A 119 -41.57 10.66 -3.92
C SER A 119 -41.81 11.97 -3.18
N GLN A 120 -41.94 13.06 -3.93
CA GLN A 120 -42.11 14.40 -3.34
C GLN A 120 -43.42 14.47 -2.57
N GLU A 121 -44.50 14.05 -3.21
CA GLU A 121 -45.81 13.90 -2.58
C GLU A 121 -46.13 12.41 -2.51
N GLY A 122 -47.22 12.07 -1.82
CA GLY A 122 -47.68 10.68 -1.77
C GLY A 122 -46.70 9.75 -1.09
N HIS A 123 -46.62 8.52 -1.60
CA HIS A 123 -45.77 7.49 -0.99
C HIS A 123 -45.21 6.47 -2.01
N LYS A 124 -44.85 6.94 -3.19
CA LYS A 124 -44.12 6.11 -4.15
C LYS A 124 -42.66 5.99 -3.72
N LEU A 125 -42.05 4.85 -4.02
CA LEU A 125 -40.65 4.58 -3.68
C LEU A 125 -39.85 4.30 -4.93
N ALA A 126 -38.61 4.79 -4.94
CA ALA A 126 -37.63 4.40 -5.94
C ALA A 126 -36.33 4.10 -5.23
N TYR A 127 -35.68 3.01 -5.64
CA TYR A 127 -34.42 2.62 -5.04
C TYR A 127 -33.45 2.03 -6.06
N VAL A 128 -32.17 2.04 -5.70
CA VAL A 128 -31.12 1.49 -6.52
C VAL A 128 -30.52 0.26 -5.86
N TRP A 129 -30.39 -0.82 -6.63
CA TRP A 129 -29.87 -2.09 -6.14
C TRP A 129 -29.03 -2.73 -7.23
N LYS A 130 -27.79 -3.06 -6.88
CA LYS A 130 -26.81 -3.57 -7.86
C LYS A 130 -26.78 -2.69 -9.11
N ASN A 131 -26.75 -1.38 -8.87
CA ASN A 131 -26.62 -0.37 -9.92
C ASN A 131 -27.83 -0.23 -10.85
N ASP A 132 -28.95 -0.90 -10.55
CA ASP A 132 -30.18 -0.72 -11.31
C ASP A 132 -31.27 -0.07 -10.46
N ILE A 133 -32.16 0.68 -11.12
CA ILE A 133 -33.26 1.39 -10.46
C ILE A 133 -34.54 0.56 -10.43
N TYR A 134 -35.29 0.68 -9.36
CA TYR A 134 -36.55 -0.04 -9.16
C TYR A 134 -37.58 0.90 -8.58
N VAL A 135 -38.84 0.74 -8.98
CA VAL A 135 -39.91 1.61 -8.52
C VAL A 135 -41.09 0.82 -7.96
N LYS A 136 -41.56 1.25 -6.79
CA LYS A 136 -42.76 0.73 -6.15
C LYS A 136 -43.78 1.85 -6.08
N ILE A 137 -44.95 1.64 -6.70
CA ILE A 137 -46.06 2.58 -6.59
C ILE A 137 -46.71 2.44 -5.20
N GLU A 138 -46.66 1.23 -4.65
CA GLU A 138 -47.30 0.94 -3.37
C GLU A 138 -46.38 0.01 -2.58
N PRO A 139 -46.13 0.32 -1.28
CA PRO A 139 -45.18 -0.44 -0.45
C PRO A 139 -45.29 -1.97 -0.52
N HIS A 140 -46.52 -2.48 -0.65
CA HIS A 140 -46.75 -3.93 -0.71
C HIS A 140 -46.68 -4.50 -2.13
N LEU A 141 -46.59 -3.62 -3.13
CA LEU A 141 -46.54 -4.04 -4.53
C LEU A 141 -45.14 -4.44 -5.00
N PRO A 142 -45.05 -5.43 -5.91
CA PRO A 142 -43.79 -5.80 -6.57
C PRO A 142 -43.09 -4.61 -7.23
N SER A 143 -41.76 -4.72 -7.35
CA SER A 143 -40.95 -3.66 -7.91
C SER A 143 -40.95 -3.71 -9.43
N HIS A 144 -40.90 -2.54 -10.06
CA HIS A 144 -40.76 -2.46 -11.50
C HIS A 144 -39.31 -2.14 -11.84
N ARG A 145 -38.65 -3.08 -12.51
CA ARG A 145 -37.26 -2.90 -12.92
C ARG A 145 -37.23 -1.84 -14.00
N ILE A 146 -36.57 -0.72 -13.71
CA ILE A 146 -36.51 0.41 -14.64
C ILE A 146 -35.35 0.25 -15.61
N THR A 147 -34.25 -0.35 -15.14
CA THR A 147 -33.05 -0.43 -15.94
C THR A 147 -32.38 -1.80 -15.77
N SER A 148 -31.70 -2.27 -16.80
CA SER A 148 -31.03 -3.58 -16.74
C SER A 148 -29.57 -3.55 -17.18
N THR A 149 -28.99 -2.36 -17.24
CA THR A 149 -27.61 -2.19 -17.67
C THR A 149 -26.63 -2.01 -16.51
N GLY A 150 -27.16 -1.89 -15.30
CA GLY A 150 -26.33 -1.75 -14.10
C GLY A 150 -25.21 -2.76 -14.03
N LYS A 151 -24.03 -2.33 -13.58
CA LYS A 151 -22.88 -3.21 -13.41
C LYS A 151 -21.86 -2.57 -12.48
N GLU A 152 -21.49 -3.32 -11.44
CA GLU A 152 -20.54 -2.84 -10.42
C GLU A 152 -19.35 -2.11 -11.04
N ASN A 153 -19.19 -0.84 -10.66
CA ASN A 153 -18.05 -0.01 -11.10
C ASN A 153 -17.93 0.22 -12.62
N VAL A 154 -18.99 -0.05 -13.37
CA VAL A 154 -18.97 0.17 -14.83
C VAL A 154 -20.14 1.06 -15.27
N ILE A 155 -21.36 0.58 -15.08
CA ILE A 155 -22.56 1.36 -15.36
C ILE A 155 -23.35 1.59 -14.07
N PHE A 156 -23.63 2.87 -13.80
CA PHE A 156 -24.40 3.32 -12.66
C PHE A 156 -25.73 3.90 -13.14
N ASN A 157 -26.83 3.35 -12.66
CA ASN A 157 -28.15 3.93 -12.91
C ASN A 157 -28.72 4.54 -11.63
N GLY A 158 -28.88 5.86 -11.61
CA GLY A 158 -29.50 6.55 -10.49
C GLY A 158 -28.63 6.70 -9.26
N ILE A 159 -27.35 6.38 -9.39
CA ILE A 159 -26.37 6.66 -8.35
C ILE A 159 -25.12 7.23 -9.01
N ASN A 160 -24.38 8.06 -8.28
CA ASN A 160 -23.16 8.66 -8.82
C ASN A 160 -21.98 7.72 -8.69
N ASP A 161 -21.05 7.80 -9.64
CA ASP A 161 -19.78 7.10 -9.52
C ASP A 161 -18.88 7.92 -8.61
N TRP A 162 -17.63 7.49 -8.43
CA TRP A 162 -16.80 8.11 -7.39
C TRP A 162 -16.68 9.62 -7.54
N VAL A 163 -16.34 10.08 -8.73
CA VAL A 163 -16.04 11.50 -8.95
C VAL A 163 -17.29 12.39 -8.94
N TYR A 164 -18.42 11.84 -9.38
CA TYR A 164 -19.69 12.60 -9.35
C TYR A 164 -20.23 12.73 -7.94
N GLU A 165 -20.05 11.70 -7.12
CA GLU A 165 -20.44 11.77 -5.72
C GLU A 165 -19.63 12.85 -5.02
N GLU A 166 -18.32 12.74 -5.09
CA GLU A 166 -17.41 13.59 -4.34
C GLU A 166 -17.42 15.05 -4.80
N GLU A 167 -17.37 15.27 -6.11
CA GLU A 167 -17.02 16.59 -6.65
C GLU A 167 -18.13 17.37 -7.34
N ILE A 168 -19.19 16.70 -7.75
CA ILE A 168 -20.26 17.36 -8.48
C ILE A 168 -21.51 17.45 -7.66
N PHE A 169 -22.09 16.31 -7.28
CA PHE A 169 -23.37 16.31 -6.58
C PHE A 169 -23.27 16.38 -5.06
N GLY A 170 -22.19 15.89 -4.48
CA GLY A 170 -22.06 15.87 -3.03
C GLY A 170 -23.17 15.02 -2.43
N ALA A 171 -23.45 13.91 -3.12
CA ALA A 171 -24.44 12.92 -2.70
C ALA A 171 -24.29 11.70 -3.60
N TYR A 172 -24.85 10.58 -3.17
CA TYR A 172 -24.80 9.33 -3.91
C TYR A 172 -25.97 9.26 -4.89
N SER A 173 -27.10 9.86 -4.51
CA SER A 173 -28.32 9.88 -5.32
C SER A 173 -28.12 10.56 -6.69
N ALA A 174 -28.64 9.92 -7.74
CA ALA A 174 -28.76 10.54 -9.05
C ALA A 174 -30.16 10.26 -9.63
N LEU A 175 -31.17 10.36 -8.80
CA LEU A 175 -32.54 10.27 -9.26
C LEU A 175 -33.41 11.33 -8.61
N TRP A 176 -34.42 11.78 -9.34
CA TRP A 176 -35.20 12.97 -8.98
C TRP A 176 -36.66 12.75 -9.34
N TRP A 177 -37.49 12.55 -8.32
CA TRP A 177 -38.93 12.38 -8.53
C TRP A 177 -39.58 13.68 -8.99
N SER A 178 -40.58 13.56 -9.86
CA SER A 178 -41.36 14.73 -10.30
C SER A 178 -42.23 15.23 -9.14
N PRO A 179 -42.69 16.48 -9.22
CA PRO A 179 -43.49 17.06 -8.13
C PRO A 179 -44.68 16.20 -7.72
N ASN A 180 -45.51 15.80 -8.68
CA ASN A 180 -46.67 14.95 -8.38
C ASN A 180 -46.39 13.47 -8.62
N GLY A 181 -45.18 13.14 -9.06
CA GLY A 181 -44.70 11.75 -9.07
C GLY A 181 -45.03 10.94 -10.31
N THR A 182 -45.39 11.62 -11.40
CA THR A 182 -45.63 10.94 -12.66
C THR A 182 -44.30 10.43 -13.21
N PHE A 183 -43.29 11.31 -13.18
CA PHE A 183 -41.98 11.01 -13.75
C PHE A 183 -40.91 10.81 -12.69
N LEU A 184 -40.04 9.84 -12.94
CA LEU A 184 -38.79 9.70 -12.22
C LEU A 184 -37.69 9.98 -13.24
N ALA A 185 -36.85 10.96 -12.94
CA ALA A 185 -35.68 11.23 -13.76
C ALA A 185 -34.44 10.65 -13.08
N TYR A 186 -33.45 10.28 -13.88
CA TYR A 186 -32.21 9.75 -13.33
C TYR A 186 -31.06 9.94 -14.29
N ALA A 187 -29.85 10.04 -13.75
CA ALA A 187 -28.64 10.10 -14.54
C ALA A 187 -28.08 8.70 -14.68
N GLN A 188 -27.34 8.47 -15.76
CA GLN A 188 -26.62 7.22 -15.94
C GLN A 188 -25.16 7.49 -16.30
N PHE A 189 -24.24 6.91 -15.53
CA PHE A 189 -22.80 7.12 -15.75
C PHE A 189 -22.13 5.84 -16.27
N ASN A 190 -21.15 6.01 -17.16
CA ASN A 190 -20.38 4.91 -17.74
C ASN A 190 -18.90 5.14 -17.41
N ASP A 191 -18.32 4.24 -16.61
CA ASP A 191 -16.92 4.34 -16.17
C ASP A 191 -15.92 3.61 -17.08
N THR A 192 -16.40 2.90 -18.09
CA THR A 192 -15.50 2.23 -19.03
C THR A 192 -14.45 3.21 -19.57
N GLY A 193 -13.20 2.77 -19.56
CA GLY A 193 -12.09 3.64 -19.96
C GLY A 193 -11.52 4.45 -18.82
N VAL A 194 -12.28 4.66 -17.75
CA VAL A 194 -11.79 5.42 -16.60
C VAL A 194 -10.72 4.57 -15.92
N PRO A 195 -9.49 5.09 -15.82
CA PRO A 195 -8.47 4.26 -15.19
C PRO A 195 -8.75 4.06 -13.70
N LEU A 196 -8.21 2.99 -13.14
CA LEU A 196 -8.51 2.58 -11.79
C LEU A 196 -7.43 2.99 -10.82
N ILE A 197 -7.80 3.56 -9.69
CA ILE A 197 -6.88 3.62 -8.56
C ILE A 197 -7.00 2.29 -7.81
N GLU A 198 -5.85 1.72 -7.47
CA GLU A 198 -5.79 0.48 -6.71
C GLU A 198 -4.95 0.69 -5.48
N TYR A 199 -5.42 0.18 -4.35
CA TYR A 199 -4.63 0.17 -3.11
C TYR A 199 -4.96 -1.07 -2.29
N SER A 200 -4.10 -1.35 -1.32
CA SER A 200 -4.27 -2.49 -0.42
C SER A 200 -5.21 -2.12 0.73
N PHE A 201 -6.04 -3.08 1.12
CA PHE A 201 -6.79 -3.00 2.37
C PHE A 201 -6.34 -4.23 3.17
N TYR A 202 -5.88 -4.00 4.39
CA TYR A 202 -5.29 -5.07 5.20
C TYR A 202 -6.34 -5.77 6.06
N SER A 203 -7.39 -5.03 6.41
CA SER A 203 -8.51 -5.58 7.16
C SER A 203 -8.06 -6.11 8.52
N ASP A 204 -8.92 -6.87 9.17
CA ASP A 204 -8.61 -7.40 10.48
C ASP A 204 -7.45 -8.36 10.44
N GLU A 205 -6.83 -8.53 11.59
CA GLU A 205 -5.62 -9.31 11.74
C GLU A 205 -5.74 -10.73 11.16
N SER A 206 -6.94 -11.30 11.19
CA SER A 206 -7.18 -12.67 10.74
C SER A 206 -7.18 -12.86 9.23
N LEU A 207 -7.24 -11.77 8.46
CA LEU A 207 -7.15 -11.87 6.99
C LEU A 207 -5.70 -12.18 6.63
N GLN A 208 -5.45 -13.33 6.00
CA GLN A 208 -4.09 -13.76 5.70
C GLN A 208 -3.47 -12.96 4.55
N TYR A 209 -4.25 -12.75 3.49
CA TYR A 209 -3.80 -12.00 2.32
C TYR A 209 -4.55 -10.68 2.23
N PRO A 210 -3.80 -9.56 2.15
CA PRO A 210 -4.46 -8.27 1.95
C PRO A 210 -5.26 -8.27 0.64
N LYS A 211 -6.40 -7.59 0.64
CA LYS A 211 -7.19 -7.47 -0.57
C LYS A 211 -6.91 -6.13 -1.25
N THR A 212 -6.97 -6.11 -2.57
CA THR A 212 -6.74 -4.91 -3.34
C THR A 212 -8.08 -4.27 -3.67
N VAL A 213 -8.27 -3.05 -3.19
CA VAL A 213 -9.43 -2.27 -3.51
C VAL A 213 -9.13 -1.55 -4.82
N TRP A 214 -10.12 -1.41 -5.68
CA TRP A 214 -9.98 -0.65 -6.92
C TRP A 214 -11.22 0.18 -7.18
N ILE A 215 -11.00 1.39 -7.68
CA ILE A 215 -12.08 2.34 -7.97
C ILE A 215 -11.80 3.00 -9.31
N PRO A 216 -12.83 3.11 -10.18
CA PRO A 216 -12.65 3.96 -11.35
C PRO A 216 -12.55 5.39 -10.87
N TYR A 217 -11.43 6.04 -11.18
CA TYR A 217 -11.12 7.32 -10.59
C TYR A 217 -10.29 8.11 -11.60
N PRO A 218 -10.92 9.12 -12.24
CA PRO A 218 -10.22 9.91 -13.22
C PRO A 218 -9.32 10.93 -12.55
N LYS A 219 -8.02 10.76 -12.71
CA LYS A 219 -7.04 11.75 -12.27
C LYS A 219 -6.93 12.85 -13.35
N ALA A 220 -6.11 13.87 -13.10
CA ALA A 220 -6.11 15.07 -13.95
C ALA A 220 -5.77 14.75 -15.41
N GLY A 221 -6.70 15.03 -16.31
CA GLY A 221 -6.49 14.78 -17.72
C GLY A 221 -6.71 13.33 -18.14
N ALA A 222 -7.31 12.55 -17.26
CA ALA A 222 -7.59 11.14 -17.54
C ALA A 222 -8.94 11.06 -18.22
N VAL A 223 -9.26 9.90 -18.76
CA VAL A 223 -10.57 9.67 -19.34
C VAL A 223 -11.61 9.76 -18.22
N ASN A 224 -12.64 10.57 -18.45
CA ASN A 224 -13.70 10.80 -17.47
C ASN A 224 -14.85 9.86 -17.73
N PRO A 225 -15.73 9.69 -16.74
CA PRO A 225 -16.98 9.01 -17.01
C PRO A 225 -17.84 9.83 -17.96
N THR A 226 -18.57 9.17 -18.84
CA THR A 226 -19.58 9.85 -19.65
C THR A 226 -20.90 9.71 -18.92
N VAL A 227 -21.86 10.53 -19.32
CA VAL A 227 -23.16 10.55 -18.66
C VAL A 227 -24.30 10.58 -19.67
N LYS A 228 -25.44 10.04 -19.26
CA LYS A 228 -26.70 10.24 -19.96
C LYS A 228 -27.75 10.60 -18.94
N PHE A 229 -28.89 11.07 -19.42
CA PHE A 229 -29.98 11.47 -18.56
C PHE A 229 -31.27 10.89 -19.14
N PHE A 230 -32.06 10.28 -18.27
CA PHE A 230 -33.27 9.59 -18.67
C PHE A 230 -34.44 10.02 -17.79
N ILE A 231 -35.63 9.99 -18.36
CA ILE A 231 -36.85 10.17 -17.58
C ILE A 231 -37.81 9.04 -17.92
N VAL A 232 -38.18 8.27 -16.90
CA VAL A 232 -39.19 7.22 -17.06
C VAL A 232 -40.56 7.67 -16.56
N ASN A 233 -41.60 7.17 -17.23
CA ASN A 233 -42.98 7.39 -16.83
C ASN A 233 -43.33 6.33 -15.79
N THR A 234 -43.66 6.75 -14.56
CA THR A 234 -43.89 5.80 -13.47
C THR A 234 -45.34 5.36 -13.33
N ASP A 235 -46.29 6.18 -13.75
CA ASP A 235 -47.70 5.79 -13.71
C ASP A 235 -48.09 4.79 -14.79
N SER A 236 -47.24 4.64 -15.81
CA SER A 236 -47.52 3.76 -16.93
C SER A 236 -46.76 2.44 -16.83
N LEU A 237 -46.18 2.15 -15.66
CA LEU A 237 -45.42 0.92 -15.46
C LEU A 237 -46.33 -0.29 -15.29
N SER A 238 -46.10 -1.32 -16.09
CA SER A 238 -46.76 -2.62 -15.91
C SER A 238 -45.84 -3.74 -16.36
N SER A 239 -46.02 -4.92 -15.77
CA SER A 239 -45.26 -6.11 -16.16
C SER A 239 -45.58 -6.55 -17.60
N THR A 240 -46.75 -6.17 -18.11
CA THR A 240 -47.19 -6.56 -19.45
C THR A 240 -46.53 -5.75 -20.58
N THR A 241 -46.19 -4.49 -20.32
CA THR A 241 -45.51 -3.64 -21.31
C THR A 241 -44.07 -3.39 -20.91
N THR A 242 -43.19 -3.23 -21.89
CA THR A 242 -41.78 -2.99 -21.60
C THR A 242 -41.59 -1.54 -21.17
N THR A 243 -40.83 -1.35 -20.10
CA THR A 243 -40.57 -0.01 -19.58
C THR A 243 -39.51 0.65 -20.48
N ILE A 244 -39.82 1.84 -21.00
CA ILE A 244 -38.94 2.56 -21.92
C ILE A 244 -38.72 3.98 -21.41
N PRO A 245 -37.52 4.27 -20.86
CA PRO A 245 -37.19 5.63 -20.46
C PRO A 245 -37.00 6.56 -21.66
N MET A 246 -37.38 7.82 -21.49
CA MET A 246 -37.12 8.86 -22.48
C MET A 246 -35.74 9.46 -22.21
N GLN A 247 -34.93 9.62 -23.24
CA GLN A 247 -33.63 10.24 -23.07
C GLN A 247 -33.66 11.72 -23.48
N ILE A 248 -33.03 12.55 -22.64
CA ILE A 248 -32.81 13.94 -22.95
C ILE A 248 -31.38 14.10 -23.43
N THR A 249 -31.22 14.68 -24.61
CA THR A 249 -29.92 15.01 -25.17
C THR A 249 -29.43 16.30 -24.52
N ALA A 250 -28.13 16.39 -24.24
CA ALA A 250 -27.57 17.60 -23.66
C ALA A 250 -27.36 18.66 -24.74
N PRO A 251 -27.43 19.95 -24.35
CA PRO A 251 -27.22 21.07 -25.27
C PRO A 251 -26.07 20.85 -26.23
N ALA A 252 -26.30 21.22 -27.50
CA ALA A 252 -25.30 21.06 -28.56
C ALA A 252 -23.96 21.73 -28.23
N SER A 253 -24.02 22.88 -27.58
CA SER A 253 -22.82 23.65 -27.28
C SER A 253 -21.92 22.96 -26.25
N VAL A 254 -22.46 21.94 -25.58
CA VAL A 254 -21.77 21.21 -24.52
C VAL A 254 -21.29 19.82 -24.96
N THR A 255 -21.99 19.20 -25.92
CA THR A 255 -21.63 17.85 -26.37
C THR A 255 -20.57 17.82 -27.48
N THR A 256 -19.96 18.97 -27.75
CA THR A 256 -18.84 19.05 -28.71
C THR A 256 -17.58 18.37 -28.17
N GLY A 257 -17.48 18.30 -26.84
CA GLY A 257 -16.39 17.58 -26.18
C GLY A 257 -16.84 16.94 -24.88
N ASP A 258 -15.89 16.71 -23.98
CA ASP A 258 -16.18 16.15 -22.66
C ASP A 258 -16.92 17.17 -21.81
N HIS A 259 -17.96 16.71 -21.12
CA HIS A 259 -18.83 17.59 -20.32
C HIS A 259 -19.37 16.88 -19.08
N TYR A 260 -20.07 17.63 -18.22
CA TYR A 260 -20.71 17.10 -17.02
C TYR A 260 -22.18 17.49 -16.92
N LEU A 261 -22.96 16.66 -16.23
CA LEU A 261 -24.25 17.06 -15.67
C LEU A 261 -23.97 17.55 -14.26
N CYS A 262 -24.49 18.71 -13.88
CA CYS A 262 -24.15 19.29 -12.57
C CYS A 262 -25.30 19.86 -11.74
N ASP A 263 -26.53 19.81 -12.26
CA ASP A 263 -27.71 20.17 -11.46
C ASP A 263 -28.99 19.70 -12.15
N VAL A 264 -29.94 19.23 -11.35
CA VAL A 264 -31.24 18.82 -11.83
C VAL A 264 -32.30 19.37 -10.89
N ALA A 265 -33.33 19.99 -11.45
CA ALA A 265 -34.48 20.46 -10.66
C ALA A 265 -35.77 20.45 -11.47
N TRP A 266 -36.78 19.77 -10.94
CA TRP A 266 -38.09 19.77 -11.53
C TRP A 266 -38.73 21.14 -11.32
N VAL A 267 -39.22 21.73 -12.40
CA VAL A 267 -39.92 23.00 -12.34
C VAL A 267 -41.42 22.73 -12.14
N SER A 268 -41.95 21.81 -12.94
CA SER A 268 -43.34 21.41 -12.83
C SER A 268 -43.45 19.93 -13.15
N GLU A 269 -44.67 19.43 -13.32
CA GLU A 269 -44.91 18.05 -13.72
C GLU A 269 -44.61 17.81 -15.21
N ASP A 270 -44.43 18.88 -15.98
CA ASP A 270 -44.08 18.78 -17.40
C ASP A 270 -42.83 19.60 -17.76
N ARG A 271 -42.05 19.99 -16.76
CA ARG A 271 -40.89 20.86 -16.99
C ARG A 271 -39.75 20.58 -16.00
N ILE A 272 -38.52 20.60 -16.51
CA ILE A 272 -37.35 20.22 -15.71
C ILE A 272 -36.10 20.99 -16.15
N SER A 273 -35.35 21.52 -15.19
CA SER A 273 -34.11 22.24 -15.48
C SER A 273 -32.91 21.34 -15.28
N LEU A 274 -32.06 21.27 -16.29
CA LEU A 274 -30.84 20.48 -16.29
C LEU A 274 -29.67 21.40 -16.55
N GLN A 275 -28.72 21.47 -15.62
CA GLN A 275 -27.52 22.24 -15.84
C GLN A 275 -26.39 21.31 -16.26
N TRP A 276 -25.68 21.74 -17.30
CA TRP A 276 -24.56 21.01 -17.84
C TRP A 276 -23.33 21.90 -17.77
N LEU A 277 -22.17 21.28 -17.93
CA LEU A 277 -20.90 21.96 -17.73
C LEU A 277 -19.83 21.31 -18.60
N ARG A 278 -19.08 22.11 -19.34
CA ARG A 278 -17.97 21.58 -20.14
C ARG A 278 -16.85 21.12 -19.24
N ARG A 279 -15.98 20.26 -19.75
CA ARG A 279 -14.84 19.78 -18.98
C ARG A 279 -13.91 20.95 -18.65
N ILE A 280 -13.75 21.88 -19.59
CA ILE A 280 -13.17 23.18 -19.27
C ILE A 280 -14.31 23.93 -18.58
N GLN A 281 -14.16 24.20 -17.29
CA GLN A 281 -15.29 24.62 -16.46
C GLN A 281 -15.51 26.14 -16.38
N ASN A 282 -15.41 26.80 -17.52
CA ASN A 282 -15.74 28.23 -17.63
C ASN A 282 -16.97 28.45 -18.51
N TYR A 283 -17.80 27.42 -18.62
CA TYR A 283 -18.97 27.45 -19.49
C TYR A 283 -20.00 26.43 -19.05
N SER A 284 -21.18 26.91 -18.65
CA SER A 284 -22.28 26.06 -18.21
C SER A 284 -23.56 26.44 -18.96
N VAL A 285 -24.48 25.49 -19.08
CA VAL A 285 -25.76 25.73 -19.76
C VAL A 285 -26.92 25.15 -18.96
N MET A 286 -27.85 26.02 -18.55
CA MET A 286 -29.10 25.58 -17.93
C MET A 286 -30.17 25.46 -19.01
N ALA A 287 -30.53 24.23 -19.33
CA ALA A 287 -31.57 23.96 -20.32
C ALA A 287 -32.87 23.63 -19.61
N ILE A 288 -33.92 24.39 -19.91
CA ILE A 288 -35.25 24.11 -19.40
C ILE A 288 -35.92 23.24 -20.44
N CYS A 289 -36.31 22.03 -20.05
CA CYS A 289 -36.85 21.06 -21.00
C CYS A 289 -38.31 20.73 -20.71
N ASP A 290 -39.12 20.72 -21.77
CA ASP A 290 -40.57 20.56 -21.67
C ASP A 290 -41.04 19.25 -22.28
N TYR A 291 -41.99 18.61 -21.62
CA TYR A 291 -42.54 17.32 -22.06
C TYR A 291 -43.57 17.49 -23.16
N ASP A 292 -43.47 16.68 -24.21
CA ASP A 292 -44.46 16.64 -25.27
C ASP A 292 -45.41 15.46 -25.07
N LYS A 293 -46.66 15.80 -24.74
CA LYS A 293 -47.71 14.82 -24.47
C LYS A 293 -47.86 13.77 -25.58
N THR A 294 -47.86 14.21 -26.84
CA THR A 294 -48.25 13.35 -27.96
C THR A 294 -47.12 12.46 -28.53
N THR A 295 -45.89 12.96 -28.54
CA THR A 295 -44.76 12.20 -29.12
C THR A 295 -43.78 11.59 -28.10
N LEU A 296 -44.09 11.66 -26.80
CA LEU A 296 -43.29 11.02 -25.74
C LEU A 296 -41.81 11.41 -25.77
N VAL A 297 -41.54 12.71 -25.80
CA VAL A 297 -40.16 13.21 -25.83
C VAL A 297 -40.10 14.49 -25.01
N TRP A 298 -38.91 14.83 -24.54
CA TRP A 298 -38.68 16.09 -23.85
C TRP A 298 -37.92 17.02 -24.77
N ASN A 299 -38.45 18.23 -24.94
CA ASN A 299 -37.88 19.22 -25.84
C ASN A 299 -37.07 20.23 -25.07
N CYS A 300 -35.85 20.50 -25.54
CA CYS A 300 -34.97 21.48 -24.92
C CYS A 300 -34.67 22.57 -25.97
N PRO A 301 -35.58 23.54 -26.11
CA PRO A 301 -35.39 24.59 -27.11
C PRO A 301 -34.23 25.51 -26.76
N THR A 302 -33.51 25.96 -27.78
CA THR A 302 -32.35 26.84 -27.61
C THR A 302 -32.71 28.15 -26.91
N THR A 303 -33.96 28.60 -27.09
CA THR A 303 -34.45 29.81 -26.42
C THR A 303 -34.56 29.64 -24.90
N GLN A 304 -34.71 28.40 -24.44
CA GLN A 304 -34.77 28.10 -23.01
C GLN A 304 -33.42 27.61 -22.45
N GLU A 305 -32.32 27.95 -23.12
CA GLU A 305 -30.97 27.65 -22.63
C GLU A 305 -30.32 28.91 -22.03
N HIS A 306 -30.02 28.87 -20.73
CA HIS A 306 -29.34 29.98 -20.05
C HIS A 306 -27.86 29.69 -19.84
N ILE A 307 -27.00 30.51 -20.44
CA ILE A 307 -25.56 30.32 -20.39
C ILE A 307 -24.96 31.07 -19.19
N GLU A 308 -23.98 30.45 -18.56
CA GLU A 308 -23.09 31.11 -17.60
C GLU A 308 -21.67 30.93 -18.09
N THR A 309 -20.82 31.90 -17.80
CA THR A 309 -19.40 31.82 -18.16
C THR A 309 -18.56 32.61 -17.17
N SER A 310 -17.24 32.41 -17.26
CA SER A 310 -16.29 33.21 -16.50
C SER A 310 -15.04 33.43 -17.34
N ALA A 311 -14.60 34.68 -17.43
CA ALA A 311 -13.36 35.02 -18.13
C ALA A 311 -12.15 34.97 -17.19
N THR A 312 -12.41 35.05 -15.89
CA THR A 312 -11.34 35.08 -14.88
C THR A 312 -11.10 33.73 -14.18
N GLY A 313 -12.11 32.86 -14.16
CA GLY A 313 -11.98 31.56 -13.49
C GLY A 313 -12.95 30.47 -13.94
N TRP A 314 -13.88 30.13 -13.04
CA TRP A 314 -14.81 29.02 -13.26
C TRP A 314 -16.23 29.45 -12.89
N CYS A 315 -17.20 28.56 -13.12
CA CYS A 315 -18.61 28.87 -12.86
C CYS A 315 -19.03 28.46 -11.46
N GLY A 316 -19.53 29.43 -10.70
CA GLY A 316 -20.01 29.19 -9.35
C GLY A 316 -18.87 28.99 -8.38
N ARG A 317 -19.20 28.81 -7.11
CA ARG A 317 -18.18 28.62 -6.09
C ARG A 317 -17.46 27.28 -6.29
N PHE A 318 -18.25 26.21 -6.41
CA PHE A 318 -17.73 24.90 -6.77
C PHE A 318 -18.44 24.39 -8.04
N ARG A 319 -19.77 24.46 -8.03
CA ARG A 319 -20.57 24.14 -9.19
C ARG A 319 -21.46 25.36 -9.49
N PRO A 320 -21.95 25.49 -10.73
CA PRO A 320 -22.99 26.47 -11.04
C PRO A 320 -24.17 26.37 -10.08
N ALA A 321 -24.74 27.51 -9.70
CA ALA A 321 -25.69 27.58 -8.61
C ALA A 321 -27.07 26.98 -8.94
N GLU A 322 -27.76 26.54 -7.90
CA GLU A 322 -29.08 25.92 -8.02
C GLU A 322 -30.13 26.97 -8.37
N PRO A 323 -30.96 26.71 -9.40
CA PRO A 323 -32.04 27.64 -9.71
C PRO A 323 -33.22 27.41 -8.76
N HIS A 324 -33.91 28.49 -8.41
CA HIS A 324 -35.11 28.41 -7.59
C HIS A 324 -36.26 29.00 -8.39
N PHE A 325 -37.18 28.13 -8.80
CA PHE A 325 -38.29 28.50 -9.67
C PHE A 325 -39.52 28.97 -8.89
N THR A 326 -40.34 29.79 -9.54
CA THR A 326 -41.64 30.17 -9.01
C THR A 326 -42.62 29.03 -9.23
N SER A 327 -43.72 29.02 -8.48
CA SER A 327 -44.69 27.93 -8.54
C SER A 327 -45.36 27.75 -9.90
N ASP A 328 -45.45 28.82 -10.68
CA ASP A 328 -45.97 28.72 -12.06
C ASP A 328 -44.88 28.26 -13.03
N GLY A 329 -43.62 28.32 -12.60
CA GLY A 329 -42.49 27.85 -13.40
C GLY A 329 -42.10 28.78 -14.52
N SER A 330 -42.38 30.07 -14.34
CA SER A 330 -42.15 31.07 -15.38
C SER A 330 -40.85 31.82 -15.17
N SER A 331 -40.50 32.08 -13.91
CA SER A 331 -39.27 32.76 -13.57
C SER A 331 -38.50 31.98 -12.52
N PHE A 332 -37.18 32.20 -12.46
CA PHE A 332 -36.34 31.55 -11.46
C PHE A 332 -35.24 32.48 -10.96
N TYR A 333 -34.87 32.28 -9.70
CA TYR A 333 -33.79 33.03 -9.06
C TYR A 333 -32.60 32.12 -8.83
N LYS A 334 -31.40 32.63 -9.08
CA LYS A 334 -30.18 31.94 -8.68
C LYS A 334 -29.06 32.94 -8.40
N ILE A 335 -28.06 32.48 -7.64
CA ILE A 335 -26.93 33.31 -7.27
C ILE A 335 -25.93 33.33 -8.42
N VAL A 336 -25.44 34.52 -8.77
CA VAL A 336 -24.57 34.72 -9.92
C VAL A 336 -23.73 35.98 -9.70
N SER A 337 -22.54 36.01 -10.30
CA SER A 337 -21.63 37.14 -10.17
C SER A 337 -22.16 38.44 -10.76
N ASP A 338 -22.06 39.52 -9.99
CA ASP A 338 -22.26 40.90 -10.47
C ASP A 338 -21.26 41.27 -11.55
N LYS A 339 -21.41 42.49 -12.07
CA LYS A 339 -20.38 43.12 -12.89
C LYS A 339 -19.10 43.37 -12.07
N ASP A 340 -19.27 43.60 -10.77
CA ASP A 340 -18.15 43.82 -9.85
C ASP A 340 -17.60 42.54 -9.23
N GLY A 341 -18.07 41.39 -9.70
CA GLY A 341 -17.57 40.09 -9.24
C GLY A 341 -18.23 39.57 -7.97
N TYR A 342 -19.22 40.30 -7.46
CA TYR A 342 -19.92 39.90 -6.24
C TYR A 342 -21.12 39.00 -6.53
N LYS A 343 -21.24 37.93 -5.75
CA LYS A 343 -22.25 36.91 -5.97
C LYS A 343 -23.58 37.39 -5.40
N HIS A 344 -24.60 37.53 -6.25
CA HIS A 344 -25.90 38.07 -5.84
C HIS A 344 -27.06 37.41 -6.57
N ILE A 345 -28.24 37.49 -5.96
CA ILE A 345 -29.47 36.89 -6.51
C ILE A 345 -29.94 37.62 -7.77
N CYS A 346 -29.84 36.95 -8.92
CA CYS A 346 -30.35 37.48 -10.18
C CYS A 346 -31.68 36.81 -10.50
N GLN A 347 -32.59 37.54 -11.16
CA GLN A 347 -33.90 37.01 -11.54
C GLN A 347 -33.95 36.79 -13.05
N PHE A 348 -34.32 35.57 -13.44
CA PHE A 348 -34.44 35.18 -14.85
C PHE A 348 -35.87 34.81 -15.19
N GLN A 349 -36.16 34.74 -16.49
CA GLN A 349 -37.40 34.16 -17.00
C GLN A 349 -37.11 32.80 -17.64
N LYS A 350 -38.17 32.05 -17.95
CA LYS A 350 -38.06 30.78 -18.67
C LYS A 350 -37.27 30.94 -19.96
N ASP A 351 -37.55 32.02 -20.69
CA ASP A 351 -36.82 32.35 -21.90
C ASP A 351 -35.59 33.18 -21.55
N ARG A 352 -34.54 33.02 -22.34
CA ARG A 352 -33.36 33.87 -22.21
C ARG A 352 -33.62 35.21 -22.92
N LYS A 353 -33.08 36.27 -22.36
CA LYS A 353 -33.14 37.60 -23.00
C LYS A 353 -31.89 37.77 -23.87
N PRO A 354 -31.89 38.78 -24.76
CA PRO A 354 -30.70 39.03 -25.58
C PRO A 354 -29.45 39.32 -24.73
N GLU A 355 -28.35 38.65 -25.08
CA GLU A 355 -27.08 38.75 -24.33
C GLU A 355 -27.21 38.29 -22.86
N GLN A 356 -28.12 37.35 -22.62
CA GLN A 356 -28.26 36.64 -21.34
C GLN A 356 -28.31 37.56 -20.11
N VAL A 357 -29.24 38.52 -20.13
CA VAL A 357 -29.33 39.53 -19.07
C VAL A 357 -30.39 39.16 -18.03
N CYS A 358 -30.11 39.47 -16.77
CA CYS A 358 -31.03 39.24 -15.67
C CYS A 358 -31.04 40.41 -14.69
N THR A 359 -32.03 40.42 -13.79
CA THR A 359 -32.22 41.52 -12.84
C THR A 359 -31.71 41.15 -11.45
N PHE A 360 -30.68 41.86 -10.98
CA PHE A 360 -30.11 41.63 -9.66
C PHE A 360 -30.97 42.29 -8.59
N ILE A 361 -31.52 41.49 -7.69
CA ILE A 361 -32.37 42.00 -6.62
C ILE A 361 -31.57 42.33 -5.35
N THR A 362 -30.28 42.01 -5.35
CA THR A 362 -29.35 42.43 -4.29
C THR A 362 -28.02 42.87 -4.90
N LYS A 363 -27.30 43.73 -4.18
CA LYS A 363 -26.00 44.23 -4.64
C LYS A 363 -25.16 44.81 -3.49
N GLY A 364 -23.89 45.04 -3.79
CA GLY A 364 -22.96 45.64 -2.82
C GLY A 364 -21.72 44.80 -2.61
N ALA A 365 -20.81 45.30 -1.78
CA ALA A 365 -19.57 44.60 -1.45
C ALA A 365 -19.80 43.54 -0.36
N TRP A 366 -20.55 42.50 -0.73
CA TRP A 366 -20.90 41.37 0.14
C TRP A 366 -21.65 40.38 -0.72
N GLU A 367 -21.71 39.12 -0.30
CA GLU A 367 -22.31 38.07 -1.13
C GLU A 367 -23.54 37.43 -0.51
N VAL A 368 -24.43 36.94 -1.37
CA VAL A 368 -25.49 36.04 -0.96
C VAL A 368 -24.88 34.63 -0.84
N ILE A 369 -25.08 33.99 0.30
CA ILE A 369 -24.54 32.64 0.52
C ILE A 369 -25.43 31.60 -0.14
N SER A 370 -26.71 31.61 0.25
CA SER A 370 -27.67 30.63 -0.25
C SER A 370 -29.09 31.20 -0.29
N ILE A 371 -29.93 30.58 -1.12
CA ILE A 371 -31.35 30.91 -1.18
C ILE A 371 -32.11 29.80 -0.45
N GLU A 372 -32.71 30.11 0.69
CA GLU A 372 -33.36 29.09 1.53
C GLU A 372 -34.85 28.91 1.24
N ALA A 373 -35.56 29.98 0.93
CA ALA A 373 -36.98 29.86 0.59
C ALA A 373 -37.42 30.89 -0.45
N LEU A 374 -38.43 30.51 -1.24
CA LEU A 374 -39.01 31.38 -2.27
C LEU A 374 -40.52 31.22 -2.28
N THR A 375 -41.23 32.16 -1.64
CA THR A 375 -42.70 32.15 -1.61
C THR A 375 -43.25 33.03 -2.74
N SER A 376 -44.57 33.19 -2.77
CA SER A 376 -45.23 34.08 -3.72
C SER A 376 -44.83 35.54 -3.51
N ASP A 377 -44.71 35.95 -2.25
CA ASP A 377 -44.49 37.35 -1.90
C ASP A 377 -43.05 37.72 -1.56
N TYR A 378 -42.29 36.78 -0.97
CA TYR A 378 -40.94 37.08 -0.47
C TYR A 378 -39.90 36.01 -0.81
N LEU A 379 -38.63 36.41 -0.70
CA LEU A 379 -37.48 35.54 -0.91
C LEU A 379 -36.64 35.58 0.36
N TYR A 380 -36.38 34.41 0.94
CA TYR A 380 -35.48 34.28 2.09
C TYR A 380 -34.10 33.84 1.62
N TYR A 381 -33.06 34.49 2.13
CA TYR A 381 -31.69 34.09 1.83
C TYR A 381 -30.76 34.33 3.01
N ILE A 382 -29.54 33.81 2.89
CA ILE A 382 -28.47 34.07 3.84
C ILE A 382 -27.38 34.85 3.13
N SER A 383 -26.80 35.82 3.82
CA SER A 383 -25.70 36.61 3.27
C SER A 383 -24.69 36.96 4.37
N ASN A 384 -23.56 37.53 3.96
CA ASN A 384 -22.55 38.01 4.90
C ASN A 384 -22.45 39.54 4.90
N GLU A 385 -23.59 40.19 4.69
CA GLU A 385 -23.64 41.64 4.58
C GLU A 385 -23.39 42.35 5.91
N TYR A 386 -24.14 41.95 6.93
CA TYR A 386 -24.13 42.60 8.24
C TYR A 386 -22.73 42.88 8.75
N LYS A 387 -22.48 44.16 9.05
CA LYS A 387 -21.20 44.62 9.62
C LYS A 387 -20.00 44.41 8.69
N GLU A 388 -20.27 44.22 7.40
CA GLU A 388 -19.23 43.94 6.41
C GLU A 388 -18.30 42.80 6.84
N MET A 389 -18.86 41.78 7.49
CA MET A 389 -18.12 40.61 7.98
C MET A 389 -18.35 39.41 7.06
N PRO A 390 -17.35 39.05 6.23
CA PRO A 390 -17.53 37.91 5.32
C PRO A 390 -17.74 36.55 6.02
N GLY A 391 -17.32 36.45 7.28
CA GLY A 391 -17.49 35.23 8.08
C GLY A 391 -18.64 35.32 9.06
N GLY A 392 -19.60 36.19 8.77
CA GLY A 392 -20.84 36.26 9.52
C GLY A 392 -21.96 35.75 8.63
N ARG A 393 -23.02 35.25 9.24
CA ARG A 393 -24.15 34.70 8.49
C ARG A 393 -25.47 35.15 9.09
N ASN A 394 -26.32 35.79 8.28
CA ASN A 394 -27.60 36.29 8.74
C ASN A 394 -28.76 35.99 7.78
N LEU A 395 -29.95 35.82 8.35
CA LEU A 395 -31.15 35.56 7.57
C LEU A 395 -31.78 36.88 7.13
N TYR A 396 -32.01 37.03 5.83
CA TYR A 396 -32.64 38.22 5.27
C TYR A 396 -33.94 37.85 4.56
N LYS A 397 -34.82 38.85 4.45
CA LYS A 397 -36.14 38.69 3.84
C LYS A 397 -36.37 39.84 2.88
N ILE A 398 -36.50 39.53 1.59
CA ILE A 398 -36.69 40.54 0.55
C ILE A 398 -38.00 40.31 -0.20
N GLN A 399 -38.67 41.40 -0.57
CA GLN A 399 -39.94 41.36 -1.30
C GLN A 399 -39.65 41.39 -2.80
N LEU A 400 -40.35 40.56 -3.58
CA LEU A 400 -40.10 40.48 -5.01
C LEU A 400 -40.57 41.72 -5.77
N THR A 401 -41.64 42.34 -5.28
CA THR A 401 -42.16 43.58 -5.88
C THR A 401 -41.18 44.74 -5.70
N ASP A 402 -40.83 45.02 -4.45
CA ASP A 402 -39.93 46.12 -4.11
C ASP A 402 -38.64 45.60 -3.45
N HIS A 403 -37.52 45.76 -4.15
CA HIS A 403 -36.24 45.23 -3.69
C HIS A 403 -35.62 46.04 -2.55
N THR A 404 -36.19 47.20 -2.23
CA THR A 404 -35.70 48.02 -1.11
C THR A 404 -36.17 47.46 0.23
N ASN A 405 -37.34 46.83 0.24
CA ASN A 405 -37.89 46.18 1.43
C ASN A 405 -37.08 44.94 1.79
N LYS A 406 -35.94 45.16 2.45
CA LYS A 406 -34.97 44.11 2.72
C LYS A 406 -34.69 44.03 4.22
N LYS A 407 -35.51 43.26 4.93
CA LYS A 407 -35.32 43.05 6.37
C LYS A 407 -34.10 42.18 6.67
N CYS A 408 -33.56 42.31 7.88
CA CYS A 408 -32.67 41.30 8.45
C CYS A 408 -33.39 40.71 9.66
N LEU A 409 -33.62 39.40 9.63
CA LEU A 409 -34.41 38.75 10.66
C LEU A 409 -33.60 38.24 11.85
N SER A 410 -32.28 38.16 11.70
CA SER A 410 -31.40 37.56 12.72
C SER A 410 -30.27 38.47 13.21
N CYS A 411 -30.15 39.68 12.67
CA CYS A 411 -29.03 40.58 12.97
C CYS A 411 -28.94 40.93 14.45
N ASP A 412 -30.07 41.34 15.02
CA ASP A 412 -30.09 41.95 16.36
C ASP A 412 -30.34 40.97 17.48
N LEU A 413 -31.08 39.89 17.21
CA LEU A 413 -31.56 38.96 18.25
C LEU A 413 -30.62 38.88 19.47
N ASN A 414 -29.36 38.56 19.22
CA ASN A 414 -28.33 38.53 20.27
C ASN A 414 -26.94 38.74 19.64
N PRO A 415 -26.51 40.01 19.51
CA PRO A 415 -25.35 40.32 18.68
C PRO A 415 -23.97 39.96 19.28
N GLU A 416 -23.91 39.64 20.57
CA GLU A 416 -22.68 39.16 21.19
C GLU A 416 -22.56 37.64 21.04
N ARG A 417 -23.66 36.94 21.30
CA ARG A 417 -23.69 35.49 21.24
C ARG A 417 -23.88 34.96 19.82
N CYS A 418 -24.49 35.75 18.95
CA CYS A 418 -24.95 35.23 17.65
C CYS A 418 -24.61 36.12 16.44
N GLN A 419 -23.59 35.71 15.69
CA GLN A 419 -23.22 36.36 14.42
C GLN A 419 -23.16 35.37 13.24
N TYR A 420 -23.45 34.09 13.49
CA TYR A 420 -23.36 33.06 12.47
C TYR A 420 -24.60 32.17 12.51
N TYR A 421 -25.54 32.46 11.62
CA TYR A 421 -26.84 31.79 11.62
C TYR A 421 -26.99 30.82 10.45
N SER A 422 -27.69 29.71 10.72
CA SER A 422 -28.26 28.85 9.68
C SER A 422 -29.76 28.76 9.96
N VAL A 423 -30.55 28.52 8.92
CA VAL A 423 -32.01 28.55 9.04
C VAL A 423 -32.65 27.27 8.49
N SER A 424 -33.83 26.95 9.02
CA SER A 424 -34.65 25.87 8.50
C SER A 424 -36.12 26.31 8.43
N LEU A 425 -36.55 26.72 7.25
CA LEU A 425 -37.90 27.23 7.03
C LEU A 425 -38.89 26.10 6.76
N SER A 426 -40.15 26.31 7.18
CA SER A 426 -41.22 25.33 7.00
C SER A 426 -41.68 25.28 5.54
N LYS A 427 -42.56 24.34 5.22
CA LYS A 427 -42.88 24.01 3.82
C LYS A 427 -43.29 25.20 2.94
N GLU A 428 -43.98 26.18 3.52
CA GLU A 428 -44.23 27.44 2.81
C GLU A 428 -43.89 28.66 3.67
N ALA A 429 -42.77 28.56 4.39
CA ALA A 429 -42.13 29.69 5.05
C ALA A 429 -42.99 30.42 6.11
N LYS A 430 -43.96 29.73 6.69
CA LYS A 430 -44.82 30.31 7.72
C LYS A 430 -44.06 30.43 9.03
N TYR A 431 -43.24 29.43 9.31
CA TYR A 431 -42.34 29.45 10.46
C TYR A 431 -40.91 29.17 10.02
N TYR A 432 -39.96 29.35 10.94
CA TYR A 432 -38.56 29.01 10.67
C TYR A 432 -37.75 28.80 11.94
N GLN A 433 -36.91 27.76 11.92
CA GLN A 433 -35.95 27.50 12.98
C GLN A 433 -34.68 28.29 12.69
N LEU A 434 -34.24 29.09 13.66
CA LEU A 434 -32.94 29.77 13.56
C LEU A 434 -31.88 28.96 14.29
N GLY A 435 -30.73 28.80 13.65
CA GLY A 435 -29.59 28.12 14.24
C GLY A 435 -28.43 29.06 14.39
N CYS A 436 -28.24 29.56 15.61
CA CYS A 436 -27.11 30.42 15.96
C CYS A 436 -25.92 29.51 16.23
N ARG A 437 -24.87 29.63 15.43
CA ARG A 437 -23.75 28.69 15.47
C ARG A 437 -22.50 29.26 16.16
N GLY A 438 -22.50 30.56 16.40
CA GLY A 438 -21.37 31.23 17.07
C GLY A 438 -21.49 32.74 16.97
N PRO A 439 -20.56 33.48 17.58
CA PRO A 439 -19.38 32.99 18.29
C PRO A 439 -19.63 32.47 19.71
N GLY A 440 -20.79 32.78 20.28
CA GLY A 440 -21.15 32.24 21.60
C GLY A 440 -21.62 30.79 21.51
N LEU A 441 -22.09 30.25 22.63
CA LEU A 441 -22.63 28.90 22.66
C LEU A 441 -23.84 28.82 21.73
N PRO A 442 -23.81 27.91 20.74
CA PRO A 442 -24.90 27.80 19.78
C PRO A 442 -26.31 27.81 20.39
N LEU A 443 -27.22 28.52 19.72
CA LEU A 443 -28.57 28.74 20.21
C LEU A 443 -29.58 28.45 19.09
N TYR A 444 -30.56 27.61 19.39
CA TYR A 444 -31.56 27.20 18.42
C TYR A 444 -32.94 27.60 18.89
N THR A 445 -33.65 28.32 18.02
CA THR A 445 -34.94 28.94 18.35
C THR A 445 -35.97 28.77 17.24
N LEU A 446 -37.25 28.85 17.61
CA LEU A 446 -38.38 28.74 16.69
C LEU A 446 -38.94 30.14 16.47
N HIS A 447 -39.38 30.43 15.26
CA HIS A 447 -39.91 31.74 14.93
C HIS A 447 -41.09 31.68 13.95
N ARG A 448 -42.03 32.61 14.12
CA ARG A 448 -43.08 32.88 13.13
C ARG A 448 -42.55 33.95 12.18
N SER A 449 -43.01 33.94 10.93
CA SER A 449 -42.39 34.76 9.87
C SER A 449 -43.03 36.12 9.59
N THR A 450 -44.29 36.32 9.98
CA THR A 450 -44.94 37.62 9.79
C THR A 450 -44.30 38.67 10.70
N ASP A 451 -44.49 38.50 12.01
CA ASP A 451 -43.69 39.18 13.02
C ASP A 451 -42.58 38.20 13.40
N GLN A 452 -41.35 38.70 13.59
CA GLN A 452 -40.20 37.82 13.83
C GLN A 452 -40.20 37.26 15.27
N LYS A 453 -41.37 36.80 15.71
CA LYS A 453 -41.58 36.46 17.12
C LYS A 453 -41.03 35.09 17.47
N GLU A 454 -40.04 35.08 18.36
CA GLU A 454 -39.51 33.84 18.91
C GLU A 454 -40.59 33.11 19.70
N LEU A 455 -41.00 31.95 19.22
CA LEU A 455 -42.03 31.15 19.90
C LEU A 455 -41.43 30.47 21.13
N ARG A 456 -40.30 29.78 20.94
CA ARG A 456 -39.62 29.10 22.05
C ARG A 456 -38.12 28.91 21.78
N VAL A 457 -37.42 28.45 22.82
CA VAL A 457 -36.01 28.11 22.73
C VAL A 457 -35.91 26.59 22.61
N LEU A 458 -35.34 26.12 21.50
CA LEU A 458 -35.23 24.69 21.20
C LEU A 458 -34.02 24.08 21.89
N GLU A 459 -32.88 24.77 21.82
CA GLU A 459 -31.68 24.36 22.54
C GLU A 459 -30.81 25.60 22.84
N ASP A 460 -30.50 25.79 24.12
CA ASP A 460 -29.68 26.93 24.57
C ASP A 460 -28.29 26.51 25.05
N ASN A 461 -28.04 25.20 25.07
CA ASN A 461 -26.75 24.64 25.49
C ASN A 461 -26.39 24.93 26.95
N SER A 462 -27.41 25.11 27.79
CA SER A 462 -27.21 25.36 29.21
C SER A 462 -26.47 24.21 29.89
N ALA A 463 -26.69 22.99 29.42
CA ALA A 463 -25.98 21.82 29.97
C ALA A 463 -24.47 21.95 29.75
N LEU A 464 -24.07 22.32 28.53
CA LEU A 464 -22.67 22.58 28.21
C LEU A 464 -22.13 23.79 28.99
N ASP A 465 -23.01 24.78 29.21
CA ASP A 465 -22.66 25.96 29.99
C ASP A 465 -22.24 25.56 31.40
N LYS A 466 -23.09 24.80 32.09
CA LYS A 466 -22.79 24.32 33.44
C LYS A 466 -21.51 23.48 33.55
N MET A 467 -21.14 22.77 32.48
CA MET A 467 -19.96 21.91 32.51
C MET A 467 -18.65 22.64 32.24
N LEU A 468 -18.73 23.75 31.50
CA LEU A 468 -17.56 24.56 31.16
C LEU A 468 -17.17 25.55 32.26
N GLN A 469 -17.85 25.54 33.39
CA GLN A 469 -17.68 26.61 34.38
C GLN A 469 -16.42 26.52 35.23
N ASP A 470 -15.71 25.39 35.17
CA ASP A 470 -14.42 25.26 35.85
C ASP A 470 -13.24 25.22 34.87
N VAL A 471 -13.51 25.44 33.58
CA VAL A 471 -12.49 25.28 32.54
C VAL A 471 -12.02 26.63 32.03
N GLN A 472 -10.71 26.78 31.87
CA GLN A 472 -10.14 28.01 31.34
C GLN A 472 -10.48 28.11 29.85
N MET A 473 -11.33 29.08 29.51
CA MET A 473 -11.88 29.21 28.16
C MET A 473 -11.02 30.07 27.26
N PRO A 474 -10.69 29.56 26.05
CA PRO A 474 -10.13 30.42 25.02
C PRO A 474 -11.14 31.47 24.56
N SER A 475 -10.66 32.48 23.85
CA SER A 475 -11.54 33.44 23.21
C SER A 475 -11.23 33.47 21.72
N LYS A 476 -12.21 33.89 20.93
CA LYS A 476 -12.06 33.94 19.49
C LYS A 476 -12.05 35.38 19.01
N LYS A 477 -11.03 35.73 18.23
CA LYS A 477 -10.89 37.05 17.68
C LYS A 477 -11.04 36.98 16.17
N LEU A 478 -12.11 37.56 15.66
CA LEU A 478 -12.35 37.66 14.22
C LEU A 478 -12.03 39.10 13.79
N ASP A 479 -11.10 39.26 12.86
CA ASP A 479 -10.70 40.59 12.42
C ASP A 479 -9.92 40.53 11.11
N PHE A 480 -9.38 41.66 10.65
CA PHE A 480 -8.72 41.74 9.35
C PHE A 480 -7.45 42.60 9.34
N ILE A 481 -6.68 42.45 8.26
CA ILE A 481 -5.49 43.27 7.99
C ILE A 481 -5.56 43.79 6.55
N VAL A 482 -5.00 44.96 6.30
CA VAL A 482 -5.03 45.57 4.97
C VAL A 482 -3.77 45.24 4.19
N LEU A 483 -3.94 44.61 3.03
CA LEU A 483 -2.85 44.32 2.11
C LEU A 483 -3.23 44.84 0.73
N ASN A 484 -2.41 45.73 0.18
CA ASN A 484 -2.64 46.32 -1.15
C ASN A 484 -4.06 46.88 -1.29
N GLU A 485 -4.49 47.64 -0.29
CA GLU A 485 -5.81 48.31 -0.26
C GLU A 485 -7.02 47.36 -0.12
N THR A 486 -6.75 46.07 0.09
CA THR A 486 -7.82 45.08 0.28
C THR A 486 -7.69 44.48 1.67
N ARG A 487 -8.82 44.22 2.31
CA ARG A 487 -8.82 43.65 3.65
C ARG A 487 -9.01 42.13 3.61
N PHE A 488 -8.14 41.42 4.33
CA PHE A 488 -8.18 39.97 4.41
C PHE A 488 -8.39 39.55 5.86
N TRP A 489 -9.43 38.78 6.10
CA TRP A 489 -9.83 38.43 7.46
C TRP A 489 -9.02 37.25 8.01
N TYR A 490 -8.86 37.25 9.33
CA TYR A 490 -8.24 36.14 10.04
C TYR A 490 -9.09 35.81 11.25
N GLN A 491 -8.69 34.75 11.96
CA GLN A 491 -9.28 34.44 13.26
C GLN A 491 -8.23 33.83 14.15
N MET A 492 -8.29 34.16 15.43
CA MET A 492 -7.32 33.68 16.39
C MET A 492 -8.03 33.10 17.60
N ILE A 493 -7.77 31.82 17.86
CA ILE A 493 -8.24 31.17 19.07
C ILE A 493 -7.18 31.46 20.12
N LEU A 494 -7.44 32.45 20.97
CA LEU A 494 -6.43 32.94 21.90
C LEU A 494 -6.48 32.17 23.22
N PRO A 495 -5.33 31.99 23.87
CA PRO A 495 -5.32 31.35 25.20
C PRO A 495 -6.14 32.12 26.23
N PRO A 496 -6.65 31.43 27.27
CA PRO A 496 -7.50 32.09 28.25
C PRO A 496 -6.87 33.31 28.89
N HIS A 497 -7.61 34.41 28.96
CA HIS A 497 -7.11 35.69 29.46
C HIS A 497 -5.84 36.07 28.72
N PHE A 498 -5.96 36.14 27.40
CA PHE A 498 -4.85 36.46 26.52
C PHE A 498 -4.21 37.78 26.94
N ASP A 499 -2.95 37.68 27.36
CA ASP A 499 -2.17 38.83 27.80
C ASP A 499 -1.30 39.31 26.63
N LYS A 500 -1.75 40.35 25.94
CA LYS A 500 -1.03 40.86 24.75
C LYS A 500 0.42 41.28 25.02
N SER A 501 0.76 41.55 26.28
CA SER A 501 2.13 41.89 26.67
C SER A 501 3.08 40.70 26.55
N LYS A 502 2.54 39.47 26.63
CA LYS A 502 3.36 38.26 26.49
C LYS A 502 3.60 37.91 25.02
N LYS A 503 4.56 37.02 24.79
CA LYS A 503 4.81 36.46 23.48
C LYS A 503 4.40 34.99 23.48
N TYR A 504 3.41 34.64 22.65
CA TYR A 504 2.90 33.27 22.59
C TYR A 504 3.39 32.52 21.36
N PRO A 505 3.52 31.19 21.47
CA PRO A 505 3.74 30.37 20.27
C PRO A 505 2.52 30.41 19.34
N LEU A 506 2.77 30.36 18.03
CA LEU A 506 1.72 30.48 17.03
C LEU A 506 1.58 29.19 16.22
N LEU A 507 0.34 28.77 15.99
CA LEU A 507 0.04 27.68 15.09
C LEU A 507 -0.90 28.22 14.02
N ILE A 508 -0.46 28.20 12.76
CA ILE A 508 -1.33 28.49 11.65
C ILE A 508 -2.10 27.21 11.34
N ASP A 509 -3.42 27.30 11.39
CA ASP A 509 -4.29 26.20 11.00
C ASP A 509 -4.83 26.59 9.64
N VAL A 510 -4.38 25.91 8.60
CA VAL A 510 -4.68 26.29 7.22
C VAL A 510 -5.45 25.23 6.45
N TYR A 511 -6.33 25.71 5.56
CA TYR A 511 -6.89 24.91 4.49
C TYR A 511 -6.63 25.67 3.18
N ALA A 512 -7.27 26.82 3.02
CA ALA A 512 -6.92 27.79 1.97
C ALA A 512 -7.12 27.30 0.55
N GLY A 513 -8.11 26.44 0.34
CA GLY A 513 -8.49 25.98 -0.99
C GLY A 513 -9.33 27.02 -1.71
N PRO A 514 -9.55 26.83 -3.01
CA PRO A 514 -10.42 27.73 -3.75
C PRO A 514 -11.80 27.86 -3.11
N CYS A 515 -12.20 29.09 -2.84
CA CYS A 515 -13.47 29.41 -2.18
C CYS A 515 -13.57 28.93 -0.72
N SER A 516 -12.44 28.73 -0.06
CA SER A 516 -12.44 28.33 1.33
C SER A 516 -12.68 29.55 2.24
N GLN A 517 -13.17 29.27 3.44
CA GLN A 517 -13.29 30.26 4.49
C GLN A 517 -13.00 29.60 5.82
N LYS A 518 -11.81 29.83 6.36
CA LYS A 518 -11.43 29.34 7.68
C LYS A 518 -11.49 30.40 8.79
N ALA A 519 -11.74 31.66 8.43
CA ALA A 519 -11.97 32.74 9.39
C ALA A 519 -13.46 33.07 9.41
N ASP A 520 -14.15 32.65 10.46
CA ASP A 520 -15.60 32.87 10.57
C ASP A 520 -16.06 33.10 12.01
N ALA A 521 -17.33 33.41 12.20
CA ALA A 521 -17.86 33.73 13.52
C ALA A 521 -18.53 32.53 14.19
N ALA A 522 -18.27 31.32 13.69
CA ALA A 522 -18.84 30.11 14.27
C ALA A 522 -18.10 29.73 15.55
N PHE A 523 -18.75 28.91 16.36
CA PHE A 523 -18.18 28.43 17.61
C PHE A 523 -17.83 26.95 17.45
N ARG A 524 -16.61 26.60 17.86
CA ARG A 524 -16.14 25.22 17.77
C ARG A 524 -15.41 24.83 19.04
N LEU A 525 -15.68 23.61 19.50
CA LEU A 525 -15.00 23.02 20.64
C LEU A 525 -14.19 21.87 20.07
N ASN A 526 -12.95 22.17 19.69
CA ASN A 526 -12.14 21.28 18.87
C ASN A 526 -10.69 21.20 19.36
N TRP A 527 -9.81 20.64 18.54
CA TRP A 527 -8.39 20.48 18.89
C TRP A 527 -7.74 21.81 19.22
N ALA A 528 -8.04 22.83 18.42
CA ALA A 528 -7.48 24.17 18.61
C ALA A 528 -7.76 24.74 19.98
N THR A 529 -8.94 24.45 20.55
CA THR A 529 -9.28 25.01 21.86
C THR A 529 -8.39 24.39 22.92
N TYR A 530 -8.09 23.10 22.80
CA TYR A 530 -7.16 22.43 23.72
C TYR A 530 -5.77 23.06 23.67
N LEU A 531 -5.29 23.32 22.46
CA LEU A 531 -3.99 23.95 22.26
C LEU A 531 -3.92 25.32 22.93
N ALA A 532 -5.02 26.06 22.88
CA ALA A 532 -5.08 27.37 23.55
C ALA A 532 -5.31 27.20 25.04
N SER A 533 -6.32 26.43 25.40
CA SER A 533 -6.70 26.28 26.80
C SER A 533 -5.61 25.65 27.66
N THR A 534 -4.96 24.60 27.15
CA THR A 534 -4.01 23.80 27.93
C THR A 534 -2.54 24.11 27.63
N GLU A 535 -2.21 24.27 26.34
CA GLU A 535 -0.83 24.49 25.92
C GLU A 535 -0.50 25.97 25.72
N ASN A 536 -1.51 26.82 25.83
CA ASN A 536 -1.37 28.28 25.66
C ASN A 536 -0.76 28.65 24.31
N ILE A 537 -1.19 27.93 23.28
CA ILE A 537 -0.78 28.19 21.92
C ILE A 537 -1.88 28.97 21.22
N ILE A 538 -1.49 30.02 20.49
CA ILE A 538 -2.41 30.78 19.67
C ILE A 538 -2.63 30.03 18.35
N VAL A 539 -3.90 29.75 18.03
CA VAL A 539 -4.25 29.06 16.79
C VAL A 539 -4.93 30.07 15.85
N ALA A 540 -4.30 30.29 14.70
CA ALA A 540 -4.73 31.32 13.75
C ALA A 540 -5.05 30.73 12.38
N SER A 541 -6.09 31.28 11.74
CA SER A 541 -6.42 30.92 10.36
C SER A 541 -6.55 32.20 9.54
N PHE A 542 -6.21 32.13 8.26
CA PHE A 542 -6.17 33.31 7.40
C PHE A 542 -6.79 33.01 6.05
N ASP A 543 -7.77 33.84 5.66
CA ASP A 543 -8.40 33.72 4.36
C ASP A 543 -7.76 34.73 3.41
N GLY A 544 -6.71 34.30 2.71
CA GLY A 544 -6.05 35.13 1.72
C GLY A 544 -6.70 34.99 0.35
N ARG A 545 -5.93 35.31 -0.68
CA ARG A 545 -6.40 35.14 -2.06
C ARG A 545 -6.78 33.69 -2.32
N GLY A 546 -7.83 33.49 -3.12
CA GLY A 546 -8.38 32.17 -3.37
C GLY A 546 -9.58 31.87 -2.46
N SER A 547 -9.64 32.56 -1.31
CA SER A 547 -10.76 32.41 -0.40
C SER A 547 -12.05 32.95 -1.00
N GLY A 548 -13.18 32.50 -0.46
CA GLY A 548 -14.48 32.78 -1.04
C GLY A 548 -15.31 33.77 -0.24
N TYR A 549 -16.53 33.99 -0.73
CA TYR A 549 -17.52 34.81 -0.07
C TYR A 549 -17.14 36.31 0.01
N GLN A 550 -16.20 36.73 -0.83
CA GLN A 550 -15.70 38.10 -0.84
C GLN A 550 -15.49 38.64 -2.26
N GLY A 551 -16.21 38.09 -3.23
CA GLY A 551 -16.09 38.50 -4.63
C GLY A 551 -15.14 37.65 -5.45
N ASP A 552 -15.35 37.64 -6.77
CA ASP A 552 -14.54 36.86 -7.70
C ASP A 552 -13.12 37.41 -7.89
N LYS A 553 -12.89 38.68 -7.54
CA LYS A 553 -11.54 39.23 -7.68
C LYS A 553 -10.59 38.49 -6.74
N ILE A 554 -11.04 38.26 -5.50
CA ILE A 554 -10.28 37.52 -4.51
C ILE A 554 -10.27 36.01 -4.82
N MET A 555 -11.42 35.44 -5.18
CA MET A 555 -11.53 33.98 -5.36
C MET A 555 -10.76 33.46 -6.57
N HIS A 556 -10.82 34.20 -7.68
CA HIS A 556 -10.20 33.76 -8.94
C HIS A 556 -8.73 34.17 -9.08
N ALA A 557 -8.18 34.84 -8.07
CA ALA A 557 -6.77 35.22 -8.07
C ALA A 557 -5.80 34.05 -8.29
N ILE A 558 -6.20 32.85 -7.86
CA ILE A 558 -5.34 31.66 -8.03
C ILE A 558 -5.79 30.75 -9.18
N ASN A 559 -6.44 31.32 -10.20
CA ASN A 559 -6.88 30.55 -11.35
C ASN A 559 -5.68 30.08 -12.17
N LYS A 560 -5.64 28.78 -12.46
CA LYS A 560 -4.53 28.14 -13.16
C LYS A 560 -3.22 28.15 -12.35
N ARG A 561 -3.27 28.61 -11.11
CA ARG A 561 -2.07 28.85 -10.32
C ARG A 561 -2.26 28.43 -8.86
N LEU A 562 -2.61 27.16 -8.66
CA LEU A 562 -2.67 26.59 -7.32
C LEU A 562 -1.25 26.45 -6.78
N GLY A 563 -1.12 26.57 -5.48
CA GLY A 563 0.18 26.54 -4.81
C GLY A 563 1.01 27.78 -5.07
N THR A 564 0.34 28.92 -5.25
CA THR A 564 1.01 30.18 -5.56
C THR A 564 0.64 31.27 -4.52
N LEU A 565 -0.40 32.04 -4.79
CA LEU A 565 -0.71 33.21 -3.98
C LEU A 565 -1.30 32.81 -2.63
N GLU A 566 -2.06 31.71 -2.61
CA GLU A 566 -2.66 31.22 -1.37
C GLU A 566 -1.61 30.75 -0.36
N VAL A 567 -0.50 30.21 -0.84
CA VAL A 567 0.57 29.73 0.07
C VAL A 567 1.40 30.94 0.54
N GLU A 568 1.73 31.81 -0.40
CA GLU A 568 2.45 33.06 -0.14
C GLU A 568 1.69 33.94 0.85
N ASP A 569 0.38 34.05 0.66
CA ASP A 569 -0.47 34.86 1.55
C ASP A 569 -0.54 34.28 2.98
N GLN A 570 -0.36 32.98 3.11
CA GLN A 570 -0.37 32.33 4.42
C GLN A 570 0.91 32.67 5.19
N ILE A 571 2.02 32.73 4.45
CA ILE A 571 3.31 33.16 5.01
C ILE A 571 3.22 34.63 5.45
N GLU A 572 2.69 35.47 4.57
CA GLU A 572 2.54 36.90 4.86
C GLU A 572 1.68 37.18 6.09
N ALA A 573 0.64 36.38 6.28
CA ALA A 573 -0.22 36.51 7.44
C ALA A 573 0.57 36.26 8.71
N ALA A 574 1.45 35.25 8.67
CA ALA A 574 2.33 34.92 9.78
C ALA A 574 3.24 36.11 10.09
N ARG A 575 3.80 36.71 9.05
CA ARG A 575 4.65 37.89 9.20
C ARG A 575 3.88 39.04 9.85
N GLN A 576 2.63 39.22 9.42
CA GLN A 576 1.75 40.23 10.03
C GLN A 576 1.45 39.91 11.49
N PHE A 577 1.28 38.63 11.81
CA PHE A 577 1.06 38.22 13.20
C PHE A 577 2.31 38.49 14.04
N LEU A 578 3.48 38.41 13.42
CA LEU A 578 4.74 38.71 14.09
C LEU A 578 4.84 40.20 14.41
N LYS A 579 4.42 41.04 13.46
CA LYS A 579 4.44 42.50 13.64
C LYS A 579 3.45 42.99 14.71
N MET A 580 2.45 42.18 15.03
CA MET A 580 1.51 42.51 16.11
C MET A 580 2.14 42.41 17.51
N GLY A 581 3.34 41.86 17.59
CA GLY A 581 4.14 41.95 18.81
C GLY A 581 3.92 40.90 19.89
N PHE A 582 2.86 40.10 19.78
CA PHE A 582 2.54 39.09 20.81
C PHE A 582 2.79 37.64 20.36
N VAL A 583 3.57 37.47 19.29
CA VAL A 583 3.92 36.13 18.80
C VAL A 583 5.41 35.85 18.98
N ASP A 584 5.73 34.75 19.65
CA ASP A 584 7.10 34.28 19.75
C ASP A 584 7.56 33.77 18.39
N SER A 585 8.43 34.52 17.73
CA SER A 585 8.89 34.20 16.37
C SER A 585 9.71 32.91 16.31
N LYS A 586 10.30 32.50 17.43
CA LYS A 586 11.07 31.25 17.48
C LYS A 586 10.17 30.00 17.62
N ARG A 587 8.87 30.19 17.68
CA ARG A 587 7.94 29.08 17.89
C ARG A 587 6.65 29.28 17.10
N VAL A 588 6.80 29.35 15.78
CA VAL A 588 5.67 29.47 14.86
C VAL A 588 5.58 28.20 14.02
N ALA A 589 4.38 27.61 13.97
CA ALA A 589 4.16 26.35 13.26
C ALA A 589 2.92 26.45 12.36
N ILE A 590 2.71 25.43 11.54
CA ILE A 590 1.56 25.38 10.64
C ILE A 590 1.12 23.93 10.39
N TRP A 591 -0.18 23.71 10.34
CA TRP A 591 -0.70 22.40 10.00
C TRP A 591 -1.95 22.51 9.15
N GLY A 592 -2.24 21.45 8.42
CA GLY A 592 -3.44 21.39 7.60
C GLY A 592 -3.76 20.00 7.10
N TRP A 593 -4.99 19.83 6.65
CA TRP A 593 -5.52 18.56 6.17
C TRP A 593 -5.90 18.71 4.71
N SER A 594 -5.58 17.73 3.88
CA SER A 594 -5.97 17.70 2.47
C SER A 594 -5.34 18.89 1.71
N TYR A 595 -6.14 19.82 1.20
CA TYR A 595 -5.60 21.05 0.65
C TYR A 595 -4.74 21.77 1.69
N GLY A 596 -5.18 21.75 2.94
CA GLY A 596 -4.38 22.26 4.06
C GLY A 596 -3.02 21.60 4.17
N GLY A 597 -2.99 20.29 3.97
CA GLY A 597 -1.74 19.53 3.95
C GLY A 597 -0.82 19.96 2.82
N TYR A 598 -1.40 20.22 1.65
CA TYR A 598 -0.67 20.74 0.50
C TYR A 598 -0.06 22.11 0.83
N VAL A 599 -0.90 23.03 1.27
CA VAL A 599 -0.47 24.39 1.60
C VAL A 599 0.60 24.38 2.69
N THR A 600 0.38 23.58 3.72
CA THR A 600 1.35 23.40 4.79
C THR A 600 2.71 22.98 4.22
N SER A 601 2.71 21.94 3.41
CA SER A 601 3.95 21.41 2.83
C SER A 601 4.61 22.43 1.88
N MET A 602 3.79 23.14 1.11
CA MET A 602 4.29 24.20 0.24
C MET A 602 4.89 25.36 1.02
N VAL A 603 4.21 25.77 2.11
CA VAL A 603 4.73 26.78 3.02
C VAL A 603 6.09 26.36 3.59
N LEU A 604 6.15 25.16 4.16
CA LEU A 604 7.38 24.64 4.75
C LEU A 604 8.51 24.50 3.73
N GLY A 605 8.17 24.17 2.49
CA GLY A 605 9.16 24.03 1.44
C GLY A 605 9.55 25.33 0.76
N SER A 606 8.89 26.44 1.15
CA SER A 606 9.14 27.74 0.53
C SER A 606 10.48 28.34 0.94
N GLY A 607 11.00 27.92 2.10
CA GLY A 607 12.26 28.45 2.61
C GLY A 607 12.13 29.87 3.13
N SER A 608 10.93 30.23 3.60
CA SER A 608 10.68 31.58 4.12
C SER A 608 11.43 31.81 5.42
N GLY A 609 11.60 30.77 6.21
CA GLY A 609 12.29 30.86 7.50
C GLY A 609 11.38 31.26 8.66
N VAL A 610 10.09 31.45 8.36
CA VAL A 610 9.13 31.92 9.35
C VAL A 610 8.65 30.79 10.27
N PHE A 611 8.62 29.56 9.75
CA PHE A 611 8.03 28.44 10.47
C PHE A 611 9.08 27.42 10.91
N LYS A 612 9.06 27.07 12.20
CA LYS A 612 9.97 26.07 12.76
C LYS A 612 9.57 24.67 12.31
N CYS A 613 8.28 24.40 12.29
CA CYS A 613 7.78 23.06 12.03
C CYS A 613 6.36 23.09 11.50
N GLY A 614 5.87 21.92 11.10
CA GLY A 614 4.50 21.79 10.65
C GLY A 614 4.10 20.34 10.48
N ILE A 615 2.79 20.13 10.31
CA ILE A 615 2.21 18.80 10.17
C ILE A 615 1.24 18.79 8.99
N ALA A 616 1.50 17.95 7.99
CA ALA A 616 0.62 17.82 6.84
C ALA A 616 -0.15 16.52 6.96
N VAL A 617 -1.47 16.60 6.96
CA VAL A 617 -2.32 15.41 7.09
C VAL A 617 -3.06 15.13 5.79
N ALA A 618 -2.78 13.96 5.21
CA ALA A 618 -3.34 13.55 3.93
C ALA A 618 -3.22 14.63 2.85
N PRO A 619 -2.00 15.14 2.62
CA PRO A 619 -1.82 16.22 1.66
C PRO A 619 -1.93 15.77 0.21
N VAL A 620 -2.51 16.63 -0.61
CA VAL A 620 -2.24 16.59 -2.05
C VAL A 620 -0.76 16.95 -2.20
N SER A 621 -0.06 16.26 -3.09
CA SER A 621 1.39 16.47 -3.31
C SER A 621 1.71 16.98 -4.72
N ARG A 622 0.97 16.52 -5.72
CA ARG A 622 0.92 17.21 -7.02
C ARG A 622 -0.43 16.96 -7.66
N TRP A 623 -0.86 17.90 -8.49
CA TRP A 623 -2.25 17.93 -8.93
C TRP A 623 -2.61 16.87 -9.95
N GLU A 624 -1.60 16.33 -10.64
CA GLU A 624 -1.83 15.19 -11.54
C GLU A 624 -2.34 13.94 -10.79
N TYR A 625 -2.09 13.86 -9.49
CA TYR A 625 -2.55 12.73 -8.67
C TYR A 625 -4.01 12.86 -8.22
N TYR A 626 -4.55 14.08 -8.25
CA TYR A 626 -5.90 14.32 -7.74
C TYR A 626 -6.95 14.23 -8.86
N ASP A 627 -8.22 14.11 -8.49
CA ASP A 627 -9.26 13.82 -9.48
C ASP A 627 -9.50 14.96 -10.47
N SER A 628 -10.04 14.59 -11.63
CA SER A 628 -10.20 15.49 -12.76
C SER A 628 -11.09 16.68 -12.44
N VAL A 629 -12.27 16.41 -11.89
CA VAL A 629 -13.32 17.42 -11.76
C VAL A 629 -12.88 18.59 -10.86
N TYR A 630 -12.34 18.27 -9.69
CA TYR A 630 -11.83 19.30 -8.78
C TYR A 630 -10.61 19.98 -9.38
N THR A 631 -9.64 19.18 -9.80
CA THR A 631 -8.34 19.71 -10.22
C THR A 631 -8.47 20.62 -11.43
N GLU A 632 -9.09 20.12 -12.49
CA GLU A 632 -9.16 20.84 -13.77
C GLU A 632 -10.01 22.10 -13.69
N ARG A 633 -10.87 22.17 -12.67
CA ARG A 633 -11.65 23.36 -12.40
C ARG A 633 -10.78 24.57 -12.10
N TYR A 634 -9.63 24.31 -11.47
CA TYR A 634 -8.71 25.37 -11.04
C TYR A 634 -7.42 25.41 -11.85
N MET A 635 -7.00 24.27 -12.38
CA MET A 635 -5.68 24.13 -12.99
C MET A 635 -5.70 23.88 -14.50
N GLY A 636 -6.87 23.61 -15.05
CA GLY A 636 -6.97 23.18 -16.45
C GLY A 636 -6.36 21.81 -16.66
N LEU A 637 -6.10 21.46 -17.91
CA LEU A 637 -5.52 20.16 -18.25
C LEU A 637 -4.00 20.20 -18.14
N PRO A 638 -3.38 19.07 -17.75
CA PRO A 638 -1.93 18.98 -17.69
C PRO A 638 -1.35 18.64 -19.06
N THR A 639 -1.34 19.62 -19.96
CA THR A 639 -0.81 19.46 -21.32
C THR A 639 0.09 20.64 -21.69
N PRO A 640 1.02 20.42 -22.64
CA PRO A 640 1.81 21.54 -23.19
C PRO A 640 0.92 22.66 -23.76
N GLU A 641 -0.20 22.26 -24.36
CA GLU A 641 -1.17 23.18 -24.94
C GLU A 641 -1.85 24.03 -23.88
N ASP A 642 -1.96 23.52 -22.66
CA ASP A 642 -2.62 24.24 -21.56
C ASP A 642 -1.62 24.51 -20.42
N ASN A 643 -1.78 23.85 -19.27
CA ASN A 643 -1.11 24.29 -18.04
C ASN A 643 -0.12 23.28 -17.44
N LEU A 644 0.48 22.44 -18.28
CA LEU A 644 1.43 21.42 -17.81
C LEU A 644 2.62 21.99 -17.06
N ASP A 645 3.08 23.18 -17.45
CA ASP A 645 4.24 23.79 -16.80
C ASP A 645 3.98 24.08 -15.33
N HIS A 646 2.80 24.60 -15.02
CA HIS A 646 2.46 24.90 -13.63
C HIS A 646 2.10 23.64 -12.84
N TYR A 647 1.64 22.60 -13.54
CA TYR A 647 1.43 21.29 -12.89
C TYR A 647 2.77 20.74 -12.37
N ARG A 648 3.82 20.83 -13.19
CA ARG A 648 5.16 20.37 -12.79
C ARG A 648 5.81 21.30 -11.78
N ASN A 649 5.42 22.58 -11.80
CA ASN A 649 6.03 23.59 -10.91
C ASN A 649 5.39 23.71 -9.52
N SER A 650 4.15 23.26 -9.37
CA SER A 650 3.40 23.45 -8.14
C SER A 650 3.37 22.21 -7.23
N THR A 651 4.36 21.32 -7.36
CA THR A 651 4.39 20.09 -6.58
C THR A 651 5.17 20.28 -5.30
N VAL A 652 4.82 19.51 -4.28
CA VAL A 652 5.57 19.51 -3.03
C VAL A 652 6.97 18.93 -3.26
N MET A 653 7.06 17.85 -4.04
CA MET A 653 8.32 17.14 -4.26
C MET A 653 9.48 18.01 -4.78
N SER A 654 9.17 18.98 -5.65
CA SER A 654 10.22 19.87 -6.19
C SER A 654 10.90 20.70 -5.11
N ARG A 655 10.18 20.97 -4.02
CA ARG A 655 10.69 21.76 -2.89
C ARG A 655 11.37 20.95 -1.79
N ALA A 656 11.68 19.69 -2.06
CA ALA A 656 12.24 18.78 -1.06
C ALA A 656 13.42 19.35 -0.28
N GLU A 657 14.35 19.97 -0.99
CA GLU A 657 15.62 20.42 -0.37
C GLU A 657 15.40 21.43 0.77
N ASN A 658 14.43 22.32 0.61
CA ASN A 658 14.17 23.35 1.63
C ASN A 658 13.63 22.81 2.97
N PHE A 659 13.08 21.60 2.97
CA PHE A 659 12.61 20.97 4.22
C PHE A 659 13.74 20.67 5.22
N LYS A 660 14.99 20.86 4.80
CA LYS A 660 16.13 20.74 5.72
C LYS A 660 16.11 21.80 6.82
N GLN A 661 15.42 22.91 6.57
CA GLN A 661 15.31 24.02 7.50
C GLN A 661 14.19 23.86 8.55
N VAL A 662 13.36 22.83 8.41
CA VAL A 662 12.17 22.66 9.27
C VAL A 662 12.01 21.24 9.80
N GLU A 663 11.17 21.09 10.82
CA GLU A 663 10.77 19.77 11.32
C GLU A 663 9.36 19.47 10.79
N TYR A 664 9.22 18.30 10.15
CA TYR A 664 8.03 18.00 9.33
C TYR A 664 7.39 16.69 9.76
N LEU A 665 6.08 16.69 9.96
CA LEU A 665 5.32 15.49 10.28
C LEU A 665 4.33 15.24 9.14
N LEU A 666 4.42 14.06 8.53
CA LEU A 666 3.62 13.69 7.37
C LEU A 666 2.72 12.54 7.78
N ILE A 667 1.41 12.70 7.55
CA ILE A 667 0.43 11.72 8.00
C ILE A 667 -0.55 11.40 6.88
N HIS A 668 -0.82 10.11 6.67
CA HIS A 668 -1.75 9.70 5.65
C HIS A 668 -2.44 8.37 5.95
N GLY A 669 -3.74 8.27 5.70
CA GLY A 669 -4.45 7.00 5.77
C GLY A 669 -4.14 6.14 4.57
N THR A 670 -3.86 4.86 4.79
CA THR A 670 -3.51 3.95 3.70
C THR A 670 -4.67 3.60 2.79
N ALA A 671 -5.89 3.62 3.31
CA ALA A 671 -7.08 3.33 2.50
C ALA A 671 -7.80 4.62 2.06
N ASP A 672 -7.04 5.70 1.90
CA ASP A 672 -7.60 6.98 1.47
C ASP A 672 -7.99 6.88 0.01
N ASP A 673 -9.30 6.84 -0.25
CA ASP A 673 -9.84 6.78 -1.61
C ASP A 673 -9.85 8.11 -2.33
N ASN A 674 -9.67 9.20 -1.59
CA ASN A 674 -9.89 10.56 -2.07
C ASN A 674 -8.53 11.20 -2.44
N VAL A 675 -7.74 11.54 -1.43
CA VAL A 675 -6.36 11.93 -1.66
C VAL A 675 -5.53 10.69 -1.38
N HIS A 676 -5.08 10.05 -2.44
CA HIS A 676 -4.49 8.73 -2.35
C HIS A 676 -3.14 8.75 -1.64
N PHE A 677 -2.85 7.64 -0.94
CA PHE A 677 -1.63 7.50 -0.16
C PHE A 677 -0.39 7.74 -1.02
N GLN A 678 -0.46 7.29 -2.27
CA GLN A 678 0.50 7.68 -3.31
C GLN A 678 1.08 9.08 -3.13
N GLN A 679 0.20 10.05 -2.90
CA GLN A 679 0.60 11.44 -2.80
C GLN A 679 1.63 11.64 -1.69
N SER A 680 1.35 11.12 -0.50
CA SER A 680 2.35 11.16 0.58
C SER A 680 3.51 10.21 0.32
N ALA A 681 3.26 9.11 -0.36
CA ALA A 681 4.32 8.17 -0.70
C ALA A 681 5.39 8.86 -1.57
N GLN A 682 4.95 9.76 -2.45
CA GLN A 682 5.89 10.47 -3.32
C GLN A 682 6.61 11.58 -2.58
N ILE A 683 5.91 12.28 -1.67
CA ILE A 683 6.57 13.30 -0.84
C ILE A 683 7.70 12.65 -0.05
N SER A 684 7.39 11.56 0.65
CA SER A 684 8.41 10.88 1.45
C SER A 684 9.57 10.37 0.59
N LYS A 685 9.28 9.90 -0.61
CA LYS A 685 10.35 9.43 -1.50
C LYS A 685 11.25 10.59 -1.97
N ALA A 686 10.64 11.74 -2.26
CA ALA A 686 11.40 12.94 -2.64
C ALA A 686 12.23 13.48 -1.47
N LEU A 687 11.69 13.43 -0.26
CA LEU A 687 12.44 13.84 0.93
C LEU A 687 13.60 12.91 1.19
N VAL A 688 13.35 11.60 1.16
CA VAL A 688 14.41 10.60 1.30
C VAL A 688 15.52 10.82 0.26
N ASP A 689 15.13 11.01 -1.00
CA ASP A 689 16.11 11.23 -2.07
C ASP A 689 16.98 12.46 -1.86
N ALA A 690 16.45 13.47 -1.17
CA ALA A 690 17.17 14.71 -0.91
C ALA A 690 17.96 14.72 0.41
N GLY A 691 17.92 13.64 1.18
CA GLY A 691 18.66 13.53 2.45
C GLY A 691 18.08 14.38 3.57
N VAL A 692 16.76 14.57 3.55
CA VAL A 692 16.06 15.41 4.52
C VAL A 692 15.42 14.53 5.59
N ASP A 693 15.64 14.86 6.86
CA ASP A 693 14.93 14.15 7.94
C ASP A 693 13.57 14.79 8.17
N PHE A 694 12.65 13.95 8.61
CA PHE A 694 11.27 14.32 8.84
C PHE A 694 10.68 13.15 9.59
N GLN A 695 9.43 13.30 10.02
CA GLN A 695 8.73 12.27 10.79
C GLN A 695 7.46 11.88 10.04
N ALA A 696 7.06 10.62 10.19
CA ALA A 696 5.96 10.09 9.40
C ALA A 696 5.06 9.19 10.21
N MET A 697 3.83 9.06 9.75
CA MET A 697 2.86 8.17 10.38
C MET A 697 1.81 7.78 9.34
N TRP A 698 1.67 6.48 9.11
CA TRP A 698 0.61 5.96 8.26
C TRP A 698 -0.48 5.45 9.18
N TYR A 699 -1.73 5.51 8.75
CA TYR A 699 -2.82 4.89 9.50
C TYR A 699 -3.46 3.80 8.67
N THR A 700 -3.11 2.56 9.04
CA THR A 700 -3.58 1.37 8.36
C THR A 700 -5.09 1.38 8.21
N ASP A 701 -5.54 1.21 6.96
CA ASP A 701 -6.95 1.07 6.63
C ASP A 701 -7.83 2.30 6.85
N GLU A 702 -7.23 3.42 7.26
CA GLU A 702 -8.01 4.65 7.43
C GLU A 702 -8.16 5.37 6.10
N ASP A 703 -9.30 6.04 5.92
CA ASP A 703 -9.57 6.81 4.74
C ASP A 703 -9.30 8.30 5.02
N HIS A 704 -9.85 9.17 4.18
CA HIS A 704 -9.50 10.60 4.20
C HIS A 704 -9.86 11.29 5.51
N GLY A 705 -10.91 10.84 6.16
CA GLY A 705 -11.32 11.39 7.44
C GLY A 705 -10.45 10.97 8.62
N ILE A 706 -9.68 9.89 8.46
CA ILE A 706 -9.01 9.24 9.61
C ILE A 706 -9.96 9.22 10.81
N ALA A 707 -11.20 8.80 10.55
CA ALA A 707 -12.32 9.05 11.46
C ALA A 707 -12.70 7.88 12.38
N SER A 708 -12.03 6.74 12.26
CA SER A 708 -12.30 5.66 13.20
C SER A 708 -11.83 6.16 14.56
N SER A 709 -12.67 5.96 15.58
CA SER A 709 -12.47 6.50 16.91
C SER A 709 -11.02 6.40 17.40
N THR A 710 -10.43 5.21 17.32
CA THR A 710 -9.10 4.98 17.87
C THR A 710 -8.01 5.69 17.05
N ALA A 711 -8.14 5.65 15.73
CA ALA A 711 -7.21 6.37 14.85
C ALA A 711 -7.34 7.86 15.12
N HIS A 712 -8.57 8.34 15.25
CA HIS A 712 -8.84 9.76 15.50
C HIS A 712 -8.14 10.26 16.75
N GLN A 713 -8.25 9.48 17.82
CA GLN A 713 -7.60 9.83 19.08
C GLN A 713 -6.08 9.76 18.95
N HIS A 714 -5.61 8.76 18.20
CA HIS A 714 -4.17 8.54 18.04
C HIS A 714 -3.50 9.68 17.25
N ILE A 715 -4.11 10.09 16.14
CA ILE A 715 -3.50 11.13 15.30
C ILE A 715 -3.38 12.45 16.04
N TYR A 716 -4.42 12.84 16.75
CA TYR A 716 -4.39 14.10 17.49
C TYR A 716 -3.44 14.05 18.69
N SER A 717 -3.29 12.88 19.31
CA SER A 717 -2.27 12.68 20.36
C SER A 717 -0.88 12.81 19.79
N HIS A 718 -0.63 12.11 18.68
CA HIS A 718 0.65 12.15 17.98
C HIS A 718 1.02 13.57 17.55
N MET A 719 0.09 14.26 16.91
CA MET A 719 0.31 15.65 16.50
C MET A 719 0.54 16.57 17.69
N SER A 720 -0.20 16.34 18.79
CA SER A 720 -0.06 17.17 19.98
C SER A 720 1.36 17.09 20.52
N HIS A 721 1.85 15.86 20.64
CA HIS A 721 3.20 15.58 21.12
C HIS A 721 4.26 16.21 20.22
N PHE A 722 3.98 16.24 18.93
CA PHE A 722 4.90 16.84 17.97
C PHE A 722 5.01 18.35 18.20
N LEU A 723 3.89 19.00 18.49
CA LEU A 723 3.90 20.43 18.83
C LEU A 723 4.51 20.71 20.20
N GLN A 724 4.33 19.80 21.15
CA GLN A 724 4.98 19.92 22.46
C GLN A 724 6.49 19.94 22.27
N GLN A 725 7.00 18.92 21.59
CA GLN A 725 8.42 18.85 21.23
C GLN A 725 8.87 20.12 20.52
N CYS A 726 8.14 20.51 19.48
CA CYS A 726 8.52 21.67 18.68
C CYS A 726 8.53 22.99 19.49
N PHE A 727 7.61 23.12 20.46
CA PHE A 727 7.44 24.37 21.19
C PHE A 727 8.03 24.43 22.61
N SER A 728 8.20 23.30 23.27
CA SER A 728 8.68 23.32 24.67
C SER A 728 10.19 23.16 24.74
N ARG B 2 39.30 12.30 15.68
CA ARG B 2 37.93 12.05 15.15
C ARG B 2 37.41 10.66 15.52
N THR B 3 36.09 10.50 15.48
CA THR B 3 35.43 9.21 15.71
C THR B 3 34.91 8.70 14.38
N TYR B 4 34.54 7.42 14.36
CA TYR B 4 33.89 6.82 13.18
C TYR B 4 32.44 7.31 13.15
N THR B 5 32.19 8.37 12.38
CA THR B 5 30.89 9.04 12.37
C THR B 5 29.85 8.27 11.58
N LEU B 6 28.61 8.75 11.65
CA LEU B 6 27.52 8.23 10.82
C LEU B 6 27.81 8.46 9.33
N ALA B 7 28.24 9.67 9.00
CA ALA B 7 28.62 10.01 7.64
C ALA B 7 29.68 9.05 7.08
N ASP B 8 30.65 8.69 7.92
CA ASP B 8 31.71 7.76 7.52
C ASP B 8 31.13 6.39 7.16
N TYR B 9 30.19 5.93 7.97
CA TYR B 9 29.46 4.68 7.68
C TYR B 9 28.63 4.80 6.40
N LEU B 10 27.97 5.95 6.20
CA LEU B 10 27.04 6.13 5.08
C LEU B 10 27.71 6.41 3.74
N LYS B 11 28.73 7.27 3.73
CA LYS B 11 29.47 7.59 2.50
C LYS B 11 30.51 6.52 2.14
N ASN B 12 30.72 5.56 3.04
CA ASN B 12 31.67 4.47 2.83
C ASN B 12 33.10 5.00 2.67
N THR B 13 33.50 5.87 3.60
CA THR B 13 34.83 6.49 3.59
C THR B 13 35.93 5.46 3.84
N PHE B 14 35.67 4.54 4.77
CA PHE B 14 36.63 3.49 5.11
C PHE B 14 36.21 2.15 4.49
N ARG B 15 36.84 1.80 3.36
CA ARG B 15 36.47 0.60 2.64
C ARG B 15 37.25 -0.63 3.14
N VAL B 16 36.50 -1.64 3.59
CA VAL B 16 37.08 -2.93 3.96
C VAL B 16 37.28 -3.76 2.70
N LYS B 17 38.52 -3.85 2.22
CA LYS B 17 38.82 -4.57 1.00
C LYS B 17 38.73 -6.08 1.20
N SER B 18 38.42 -6.78 0.11
CA SER B 18 38.43 -8.23 0.08
C SER B 18 39.25 -8.65 -1.14
N TYR B 19 39.21 -9.93 -1.48
CA TYR B 19 39.92 -10.40 -2.65
C TYR B 19 39.12 -11.54 -3.28
N SER B 20 38.47 -11.24 -4.40
CA SER B 20 37.71 -12.24 -5.13
C SER B 20 38.55 -12.81 -6.25
N LEU B 21 38.65 -14.14 -6.25
CA LEU B 21 39.33 -14.85 -7.33
C LEU B 21 38.44 -16.01 -7.78
N ARG B 22 38.64 -16.42 -9.03
CA ARG B 22 37.88 -17.53 -9.59
C ARG B 22 38.85 -18.60 -10.06
N TRP B 23 38.88 -19.72 -9.35
CA TRP B 23 39.72 -20.85 -9.74
C TRP B 23 39.25 -21.42 -11.08
N VAL B 24 40.13 -21.32 -12.07
CA VAL B 24 39.86 -21.81 -13.42
C VAL B 24 40.54 -23.18 -13.65
N SER B 25 41.44 -23.55 -12.75
CA SER B 25 42.16 -24.80 -12.84
C SER B 25 42.65 -25.23 -11.45
N ASP B 26 43.45 -26.29 -11.40
CA ASP B 26 44.05 -26.74 -10.15
C ASP B 26 45.17 -25.80 -9.69
N SER B 27 45.77 -25.09 -10.64
CA SER B 27 46.93 -24.24 -10.35
C SER B 27 46.74 -22.76 -10.71
N GLU B 28 45.60 -22.41 -11.30
CA GLU B 28 45.40 -21.07 -11.86
C GLU B 28 44.08 -20.44 -11.43
N TYR B 29 44.12 -19.16 -11.10
CA TYR B 29 42.91 -18.40 -10.77
C TYR B 29 42.83 -17.09 -11.55
N LEU B 30 41.60 -16.63 -11.76
CA LEU B 30 41.31 -15.37 -12.41
C LEU B 30 41.07 -14.28 -11.35
N TYR B 31 41.54 -13.07 -11.62
CA TYR B 31 41.41 -11.96 -10.67
C TYR B 31 41.39 -10.59 -11.32
N LYS B 32 40.71 -9.64 -10.68
CA LYS B 32 40.44 -8.33 -11.25
C LYS B 32 41.47 -7.32 -10.80
N GLN B 33 41.84 -6.40 -11.70
CA GLN B 33 42.79 -5.35 -11.38
C GLN B 33 42.61 -4.18 -12.36
N GLU B 34 42.09 -3.06 -11.86
CA GLU B 34 41.83 -1.86 -12.67
C GLU B 34 40.83 -2.14 -13.80
N ASN B 35 39.75 -2.86 -13.46
CA ASN B 35 38.74 -3.30 -14.43
C ASN B 35 39.25 -4.30 -15.49
N ASN B 36 40.52 -4.67 -15.40
CA ASN B 36 41.10 -5.68 -16.28
C ASN B 36 41.12 -7.01 -15.54
N ILE B 37 40.65 -8.06 -16.20
CA ILE B 37 40.69 -9.40 -15.60
C ILE B 37 41.97 -10.09 -16.06
N LEU B 38 42.84 -10.39 -15.10
CA LEU B 38 44.14 -11.02 -15.35
C LEU B 38 44.11 -12.46 -14.81
N LEU B 39 45.06 -13.27 -15.27
CA LEU B 39 45.16 -14.67 -14.90
C LEU B 39 46.47 -14.93 -14.15
N PHE B 40 46.36 -15.50 -12.95
CA PHE B 40 47.54 -15.81 -12.14
C PHE B 40 47.80 -17.31 -12.11
N ASN B 41 49.05 -17.70 -12.37
CA ASN B 41 49.46 -19.10 -12.27
C ASN B 41 50.23 -19.32 -10.96
N ALA B 42 49.65 -20.11 -10.07
CA ALA B 42 50.23 -20.37 -8.75
C ALA B 42 51.32 -21.44 -8.76
N GLU B 43 51.59 -22.01 -9.94
CA GLU B 43 52.76 -22.88 -10.14
C GLU B 43 54.02 -22.02 -10.05
N HIS B 44 53.97 -20.86 -10.71
CA HIS B 44 55.03 -19.87 -10.64
C HIS B 44 54.52 -18.71 -9.76
N GLY B 45 54.98 -17.49 -10.04
CA GLY B 45 54.40 -16.28 -9.43
C GLY B 45 54.05 -15.24 -10.49
N ASN B 46 53.89 -15.69 -11.73
CA ASN B 46 53.64 -14.78 -12.85
C ASN B 46 52.15 -14.58 -13.09
N SER B 47 51.83 -13.57 -13.90
CA SER B 47 50.46 -13.25 -14.26
C SER B 47 50.36 -12.90 -15.74
N SER B 48 49.21 -13.20 -16.34
CA SER B 48 48.96 -12.91 -17.75
C SER B 48 47.63 -12.20 -17.92
N ILE B 49 47.60 -11.17 -18.76
CA ILE B 49 46.36 -10.47 -19.11
C ILE B 49 45.43 -11.44 -19.86
N PHE B 50 44.25 -11.68 -19.28
CA PHE B 50 43.27 -12.60 -19.87
C PHE B 50 42.23 -11.84 -20.70
N LEU B 51 41.67 -10.78 -20.13
CA LEU B 51 40.66 -9.98 -20.81
C LEU B 51 40.85 -8.51 -20.48
N GLU B 52 41.09 -7.71 -21.51
CA GLU B 52 41.41 -6.30 -21.33
C GLU B 52 40.14 -5.50 -21.05
N ASN B 53 40.28 -4.44 -20.25
CA ASN B 53 39.14 -3.60 -19.86
C ASN B 53 38.50 -2.86 -21.03
N SER B 54 39.25 -2.73 -22.12
CA SER B 54 38.74 -2.20 -23.38
C SER B 54 37.60 -3.06 -23.95
N THR B 55 37.68 -4.38 -23.72
CA THR B 55 36.64 -5.30 -24.15
C THR B 55 35.32 -5.04 -23.38
N PHE B 56 35.43 -4.78 -22.08
CA PHE B 56 34.27 -4.40 -21.28
C PHE B 56 33.74 -3.03 -21.70
N GLU B 57 34.64 -2.13 -22.08
CA GLU B 57 34.27 -0.80 -22.60
C GLU B 57 33.39 -0.91 -23.85
N ILE B 58 33.52 -2.02 -24.58
CA ILE B 58 32.70 -2.24 -25.77
C ILE B 58 31.19 -2.19 -25.46
N PHE B 59 30.82 -2.37 -24.19
CA PHE B 59 29.44 -2.13 -23.74
C PHE B 59 29.33 -0.96 -22.74
N GLY B 60 30.31 -0.06 -22.77
CA GLY B 60 30.29 1.13 -21.90
C GLY B 60 30.46 0.81 -20.43
N ASP B 61 29.55 1.33 -19.60
CA ASP B 61 29.54 1.05 -18.16
C ASP B 61 28.42 0.06 -17.79
N SER B 62 27.83 -0.57 -18.80
CA SER B 62 26.65 -1.39 -18.62
C SER B 62 26.96 -2.82 -18.19
N ILE B 63 28.24 -3.18 -18.18
CA ILE B 63 28.64 -4.53 -17.81
C ILE B 63 28.45 -4.74 -16.31
N SER B 64 27.66 -5.74 -15.96
CA SER B 64 27.45 -6.12 -14.57
C SER B 64 28.41 -7.25 -14.18
N ASP B 65 28.58 -8.22 -15.06
CA ASP B 65 29.40 -9.40 -14.75
C ASP B 65 29.88 -10.09 -16.02
N TYR B 66 30.80 -11.03 -15.85
CA TYR B 66 31.27 -11.87 -16.93
C TYR B 66 31.36 -13.29 -16.40
N SER B 67 31.32 -14.26 -17.30
CA SER B 67 31.51 -15.66 -16.94
C SER B 67 32.22 -16.38 -18.08
N VAL B 68 33.38 -16.96 -17.77
CA VAL B 68 34.24 -17.58 -18.76
C VAL B 68 33.93 -19.07 -18.88
N SER B 69 33.93 -19.57 -20.12
CA SER B 69 33.65 -20.98 -20.37
C SER B 69 34.71 -21.83 -19.67
N PRO B 70 34.31 -23.01 -19.17
CA PRO B 70 35.25 -23.94 -18.54
C PRO B 70 36.55 -24.14 -19.31
N ASP B 71 36.45 -24.19 -20.65
CA ASP B 71 37.62 -24.42 -21.51
C ASP B 71 38.30 -23.13 -22.01
N ARG B 72 37.97 -22.00 -21.39
CA ARG B 72 38.61 -20.70 -21.68
C ARG B 72 38.54 -20.24 -23.13
N LEU B 73 37.59 -20.77 -23.91
CA LEU B 73 37.45 -20.39 -25.32
C LEU B 73 36.47 -19.23 -25.52
N PHE B 74 35.51 -19.10 -24.62
CA PHE B 74 34.51 -18.03 -24.74
C PHE B 74 34.26 -17.36 -23.39
N VAL B 75 33.83 -16.10 -23.45
CA VAL B 75 33.40 -15.37 -22.27
C VAL B 75 31.96 -14.89 -22.45
N LEU B 76 31.11 -15.24 -21.48
CA LEU B 76 29.77 -14.69 -21.38
C LEU B 76 29.87 -13.28 -20.79
N LEU B 77 29.31 -12.28 -21.48
CA LEU B 77 29.30 -10.89 -20.99
C LEU B 77 27.88 -10.46 -20.59
N GLU B 78 27.70 -10.15 -19.31
CA GLU B 78 26.39 -9.79 -18.76
C GLU B 78 26.24 -8.27 -18.69
N TYR B 79 25.10 -7.77 -19.18
CA TYR B 79 24.82 -6.34 -19.10
C TYR B 79 23.33 -6.06 -19.02
N ASN B 80 22.99 -4.79 -18.76
CA ASN B 80 21.62 -4.35 -18.54
C ASN B 80 20.92 -5.16 -17.44
N TYR B 81 21.66 -5.33 -16.34
CA TYR B 81 21.18 -6.02 -15.15
C TYR B 81 19.99 -5.30 -14.55
N VAL B 82 18.87 -6.01 -14.43
CA VAL B 82 17.70 -5.52 -13.69
C VAL B 82 17.35 -6.51 -12.59
N LYS B 83 17.53 -6.08 -11.34
CA LYS B 83 17.26 -6.91 -10.17
C LYS B 83 15.78 -7.29 -10.08
N GLN B 84 15.51 -8.52 -9.65
CA GLN B 84 14.15 -8.95 -9.32
C GLN B 84 14.01 -9.16 -7.80
N TRP B 85 14.17 -10.39 -7.29
CA TRP B 85 14.08 -10.64 -5.84
C TRP B 85 15.50 -10.68 -5.23
N ARG B 86 15.72 -11.48 -4.20
CA ARG B 86 17.01 -11.49 -3.50
C ARG B 86 18.14 -12.02 -4.39
N HIS B 87 17.85 -13.06 -5.16
CA HIS B 87 18.83 -13.67 -6.05
C HIS B 87 18.51 -13.48 -7.54
N SER B 88 17.23 -13.49 -7.88
CA SER B 88 16.81 -13.45 -9.27
C SER B 88 17.07 -12.08 -9.90
N TYR B 89 17.31 -12.09 -11.20
CA TYR B 89 17.46 -10.86 -11.96
C TYR B 89 17.33 -11.15 -13.44
N THR B 90 17.39 -10.09 -14.23
CA THR B 90 17.24 -10.16 -15.67
C THR B 90 18.41 -9.42 -16.30
N ALA B 91 18.87 -9.90 -17.46
CA ALA B 91 20.03 -9.30 -18.10
C ALA B 91 20.12 -9.67 -19.57
N SER B 92 20.99 -8.96 -20.28
CA SER B 92 21.32 -9.28 -21.66
C SER B 92 22.68 -9.96 -21.68
N TYR B 93 22.95 -10.68 -22.76
CA TYR B 93 24.18 -11.44 -22.88
C TYR B 93 24.71 -11.42 -24.30
N SER B 94 26.03 -11.29 -24.42
CA SER B 94 26.72 -11.50 -25.68
C SER B 94 27.96 -12.33 -25.38
N ILE B 95 28.30 -13.21 -26.31
CA ILE B 95 29.41 -14.15 -26.14
C ILE B 95 30.62 -13.60 -26.86
N TYR B 96 31.77 -13.66 -26.19
CA TYR B 96 33.01 -13.13 -26.74
C TYR B 96 33.95 -14.30 -27.02
N ASP B 97 34.42 -14.36 -28.27
CA ASP B 97 35.36 -15.40 -28.69
C ASP B 97 36.78 -14.97 -28.31
N LEU B 98 37.42 -15.74 -27.44
CA LEU B 98 38.80 -15.43 -27.01
C LEU B 98 39.79 -15.45 -28.18
N ASN B 99 39.90 -16.60 -28.83
CA ASN B 99 40.84 -16.77 -29.96
C ASN B 99 40.69 -15.70 -31.04
N LYS B 100 39.47 -15.58 -31.56
CA LYS B 100 39.18 -14.65 -32.65
C LYS B 100 39.01 -13.20 -32.18
N ARG B 101 38.85 -13.00 -30.87
CA ARG B 101 38.73 -11.67 -30.27
C ARG B 101 37.62 -10.85 -30.91
N GLN B 102 36.43 -11.43 -31.00
CA GLN B 102 35.27 -10.73 -31.55
C GLN B 102 33.96 -11.26 -30.97
N LEU B 103 32.91 -10.45 -31.11
CA LEU B 103 31.58 -10.83 -30.65
C LEU B 103 30.92 -11.78 -31.64
N ILE B 104 30.17 -12.73 -31.08
CA ILE B 104 29.35 -13.65 -31.87
C ILE B 104 27.99 -13.01 -32.05
N THR B 105 27.73 -12.52 -33.27
CA THR B 105 26.52 -11.74 -33.57
C THR B 105 25.37 -12.55 -34.17
N GLU B 106 25.62 -13.82 -34.47
CA GLU B 106 24.58 -14.70 -35.02
C GLU B 106 23.96 -15.54 -33.91
N GLU B 107 22.66 -15.81 -34.02
CA GLU B 107 21.92 -16.58 -33.01
C GLU B 107 22.23 -16.07 -31.60
N LYS B 108 21.83 -14.84 -31.33
CA LYS B 108 22.17 -14.17 -30.08
C LYS B 108 21.29 -14.63 -28.91
N ILE B 109 21.85 -14.55 -27.71
CA ILE B 109 21.10 -14.77 -26.48
C ILE B 109 20.08 -13.65 -26.40
N PRO B 110 18.80 -13.96 -26.13
CA PRO B 110 17.77 -12.93 -26.23
C PRO B 110 17.74 -11.95 -25.06
N ASN B 111 17.09 -10.81 -25.30
CA ASN B 111 16.65 -9.87 -24.25
C ASN B 111 16.12 -10.53 -22.99
N ASN B 112 16.31 -9.87 -21.86
CA ASN B 112 15.65 -10.26 -20.63
C ASN B 112 15.79 -11.74 -20.34
N THR B 113 17.02 -12.23 -20.42
CA THR B 113 17.31 -13.61 -20.07
C THR B 113 17.28 -13.73 -18.54
N GLN B 114 16.63 -14.78 -18.06
CA GLN B 114 16.39 -14.96 -16.62
C GLN B 114 17.51 -15.76 -15.95
N TRP B 115 18.22 -16.58 -16.72
CA TRP B 115 19.38 -17.32 -16.23
C TRP B 115 20.17 -17.90 -17.40
N ILE B 116 21.49 -18.04 -17.23
CA ILE B 116 22.37 -18.66 -18.24
C ILE B 116 23.44 -19.42 -17.50
N THR B 117 23.95 -20.49 -18.11
CA THR B 117 25.16 -21.13 -17.59
C THR B 117 25.92 -21.85 -18.68
N TRP B 118 27.24 -21.79 -18.57
CA TRP B 118 28.10 -22.71 -19.27
C TRP B 118 27.87 -24.10 -18.68
N SER B 119 28.15 -25.13 -19.46
CA SER B 119 28.21 -26.50 -18.95
C SER B 119 29.42 -26.61 -18.02
N GLN B 120 29.52 -27.75 -17.31
CA GLN B 120 30.62 -27.97 -16.38
C GLN B 120 31.96 -27.94 -17.10
N GLU B 121 32.00 -28.54 -18.29
CA GLU B 121 33.15 -28.44 -19.18
C GLU B 121 32.66 -28.07 -20.59
N GLY B 122 33.59 -27.71 -21.47
CA GLY B 122 33.35 -27.72 -22.91
C GLY B 122 32.35 -26.75 -23.53
N HIS B 123 32.15 -25.61 -22.89
CA HIS B 123 31.46 -24.45 -23.49
C HIS B 123 30.05 -24.63 -24.11
N LYS B 124 29.28 -25.62 -23.64
CA LYS B 124 27.84 -25.66 -23.96
C LYS B 124 27.11 -24.60 -23.14
N LEU B 125 25.95 -24.14 -23.63
CA LEU B 125 25.18 -23.09 -22.98
C LEU B 125 23.73 -23.48 -22.79
N ALA B 126 23.20 -23.21 -21.59
CA ALA B 126 21.77 -23.35 -21.31
C ALA B 126 21.26 -22.05 -20.70
N TYR B 127 20.06 -21.64 -21.10
CA TYR B 127 19.46 -20.43 -20.56
C TYR B 127 17.94 -20.49 -20.50
N VAL B 128 17.39 -19.64 -19.65
CA VAL B 128 15.94 -19.53 -19.48
C VAL B 128 15.48 -18.16 -19.96
N TRP B 129 14.45 -18.16 -20.79
CA TRP B 129 13.89 -16.93 -21.35
C TRP B 129 12.38 -17.10 -21.39
N LYS B 130 11.66 -16.15 -20.79
CA LYS B 130 10.20 -16.23 -20.61
C LYS B 130 9.78 -17.59 -20.05
N ASN B 131 10.51 -18.05 -19.03
CA ASN B 131 10.21 -19.24 -18.26
C ASN B 131 10.39 -20.58 -19.00
N ASP B 132 11.00 -20.55 -20.19
CA ASP B 132 11.33 -21.77 -20.93
C ASP B 132 12.84 -21.93 -21.02
N ILE B 133 13.29 -23.20 -21.12
CA ILE B 133 14.73 -23.51 -21.20
C ILE B 133 15.17 -23.69 -22.64
N TYR B 134 16.35 -23.17 -22.93
CA TYR B 134 16.95 -23.25 -24.26
C TYR B 134 18.37 -23.73 -24.11
N VAL B 135 18.81 -24.58 -25.03
CA VAL B 135 20.16 -25.12 -25.00
C VAL B 135 20.86 -24.76 -26.30
N LYS B 136 22.12 -24.40 -26.18
CA LYS B 136 22.91 -23.91 -27.29
C LYS B 136 24.23 -24.66 -27.26
N ILE B 137 24.41 -25.57 -28.21
CA ILE B 137 25.55 -26.49 -28.21
C ILE B 137 26.85 -25.76 -28.57
N GLU B 138 26.75 -24.79 -29.46
CA GLU B 138 27.88 -23.94 -29.83
C GLU B 138 27.40 -22.50 -29.91
N PRO B 139 28.18 -21.54 -29.37
CA PRO B 139 27.79 -20.13 -29.28
C PRO B 139 27.18 -19.52 -30.54
N HIS B 140 27.64 -19.96 -31.71
CA HIS B 140 27.14 -19.41 -32.99
C HIS B 140 25.91 -20.15 -33.53
N LEU B 141 25.56 -21.29 -32.94
CA LEU B 141 24.46 -22.11 -33.42
C LEU B 141 23.11 -21.71 -32.83
N PRO B 142 22.01 -21.94 -33.58
CA PRO B 142 20.67 -21.66 -33.05
C PRO B 142 20.36 -22.50 -31.81
N SER B 143 19.48 -21.97 -30.96
CA SER B 143 19.18 -22.62 -29.70
C SER B 143 18.09 -23.67 -29.89
N HIS B 144 18.17 -24.74 -29.11
CA HIS B 144 17.14 -25.76 -29.10
C HIS B 144 16.20 -25.47 -27.95
N ARG B 145 14.92 -25.31 -28.25
CA ARG B 145 13.91 -25.09 -27.24
C ARG B 145 13.62 -26.40 -26.53
N ILE B 146 13.78 -26.39 -25.21
CA ILE B 146 13.59 -27.59 -24.40
C ILE B 146 12.18 -27.68 -23.86
N THR B 147 11.60 -26.53 -23.53
CA THR B 147 10.24 -26.48 -22.99
C THR B 147 9.41 -25.42 -23.69
N SER B 148 8.10 -25.66 -23.74
CA SER B 148 7.15 -24.75 -24.34
C SER B 148 5.98 -24.43 -23.41
N THR B 149 6.09 -24.80 -22.14
CA THR B 149 5.03 -24.60 -21.15
C THR B 149 5.26 -23.39 -20.25
N GLY B 150 6.40 -22.73 -20.41
CA GLY B 150 6.72 -21.56 -19.60
C GLY B 150 5.61 -20.53 -19.58
N LYS B 151 5.36 -19.94 -18.41
CA LYS B 151 4.34 -18.91 -18.30
C LYS B 151 4.59 -18.02 -17.07
N GLU B 152 4.77 -16.73 -17.35
CA GLU B 152 5.26 -15.70 -16.41
C GLU B 152 5.24 -15.99 -14.89
N ASN B 153 4.05 -16.05 -14.30
CA ASN B 153 3.94 -16.32 -12.85
C ASN B 153 3.14 -17.59 -12.59
N VAL B 154 3.31 -18.59 -13.45
CA VAL B 154 2.47 -19.78 -13.41
C VAL B 154 3.32 -21.04 -13.56
N ILE B 155 4.02 -21.15 -14.69
CA ILE B 155 4.88 -22.30 -14.96
C ILE B 155 6.33 -21.84 -15.13
N PHE B 156 7.21 -22.36 -14.27
CA PHE B 156 8.64 -22.04 -14.30
C PHE B 156 9.42 -23.28 -14.75
N ASN B 157 10.20 -23.14 -15.83
CA ASN B 157 11.13 -24.20 -16.24
C ASN B 157 12.57 -23.73 -16.06
N GLY B 158 13.32 -24.42 -15.20
CA GLY B 158 14.73 -24.11 -14.98
C GLY B 158 14.99 -22.89 -14.13
N ILE B 159 13.94 -22.31 -13.54
CA ILE B 159 14.11 -21.25 -12.55
C ILE B 159 13.16 -21.49 -11.39
N ASN B 160 13.56 -21.06 -10.21
CA ASN B 160 12.71 -21.16 -9.03
C ASN B 160 11.66 -20.06 -9.01
N ASP B 161 10.50 -20.36 -8.42
CA ASP B 161 9.49 -19.35 -8.16
C ASP B 161 9.85 -18.66 -6.85
N TRP B 162 8.97 -17.80 -6.33
CA TRP B 162 9.38 -16.95 -5.23
C TRP B 162 9.91 -17.70 -4.01
N VAL B 163 9.13 -18.65 -3.50
CA VAL B 163 9.48 -19.35 -2.25
C VAL B 163 10.66 -20.33 -2.44
N TYR B 164 10.79 -20.91 -3.64
CA TYR B 164 11.92 -21.80 -3.91
C TYR B 164 13.24 -21.03 -4.02
N GLU B 165 13.19 -19.85 -4.64
CA GLU B 165 14.38 -18.99 -4.69
C GLU B 165 14.80 -18.59 -3.28
N GLU B 166 13.85 -18.05 -2.52
CA GLU B 166 14.15 -17.48 -1.21
C GLU B 166 14.52 -18.49 -0.14
N GLU B 167 13.79 -19.61 -0.09
CA GLU B 167 13.82 -20.50 1.09
C GLU B 167 14.43 -21.87 0.88
N ILE B 168 14.43 -22.35 -0.37
CA ILE B 168 14.94 -23.68 -0.67
C ILE B 168 16.34 -23.59 -1.20
N PHE B 169 16.50 -23.04 -2.41
CA PHE B 169 17.78 -23.08 -3.11
C PHE B 169 18.68 -21.92 -2.83
N GLY B 170 18.12 -20.74 -2.51
CA GLY B 170 18.93 -19.55 -2.33
C GLY B 170 19.57 -19.12 -3.64
N ALA B 171 18.86 -19.36 -4.73
CA ALA B 171 19.29 -18.96 -6.07
C ALA B 171 18.09 -18.99 -7.01
N TYR B 172 18.23 -18.33 -8.15
CA TYR B 172 17.18 -18.31 -9.16
C TYR B 172 17.28 -19.56 -10.04
N SER B 173 18.49 -20.09 -10.16
CA SER B 173 18.76 -21.24 -11.02
C SER B 173 18.09 -22.52 -10.52
N ALA B 174 17.42 -23.22 -11.45
CA ALA B 174 16.94 -24.58 -11.21
C ALA B 174 17.32 -25.49 -12.38
N LEU B 175 18.54 -25.35 -12.86
CA LEU B 175 19.06 -26.27 -13.87
C LEU B 175 20.51 -26.68 -13.57
N TRP B 176 20.81 -27.95 -13.85
CA TRP B 176 22.08 -28.55 -13.47
C TRP B 176 22.63 -29.40 -14.62
N TRP B 177 23.74 -28.95 -15.20
CA TRP B 177 24.40 -29.67 -16.28
C TRP B 177 25.08 -30.93 -15.76
N SER B 178 25.07 -31.99 -16.55
CA SER B 178 25.82 -33.21 -16.23
C SER B 178 27.34 -32.94 -16.31
N PRO B 179 28.14 -33.77 -15.62
CA PRO B 179 29.60 -33.54 -15.57
C PRO B 179 30.27 -33.36 -16.93
N ASN B 180 29.92 -34.19 -17.91
CA ASN B 180 30.49 -34.10 -19.24
C ASN B 180 29.53 -33.46 -20.27
N GLY B 181 28.36 -33.04 -19.79
CA GLY B 181 27.44 -32.25 -20.60
C GLY B 181 26.49 -33.02 -21.50
N THR B 182 26.30 -34.32 -21.24
CA THR B 182 25.34 -35.11 -22.01
C THR B 182 23.94 -34.65 -21.65
N PHE B 183 23.66 -34.59 -20.35
CA PHE B 183 22.34 -34.27 -19.85
C PHE B 183 22.25 -32.88 -19.23
N LEU B 184 21.08 -32.28 -19.39
CA LEU B 184 20.71 -31.07 -18.67
C LEU B 184 19.53 -31.46 -17.80
N ALA B 185 19.68 -31.33 -16.49
CA ALA B 185 18.58 -31.56 -15.55
C ALA B 185 17.97 -30.22 -15.17
N TYR B 186 16.66 -30.24 -14.90
CA TYR B 186 15.98 -29.04 -14.47
C TYR B 186 14.70 -29.34 -13.71
N ALA B 187 14.33 -28.40 -12.82
CA ALA B 187 13.09 -28.48 -12.08
C ALA B 187 12.04 -27.67 -12.80
N GLN B 188 10.77 -28.06 -12.60
CA GLN B 188 9.65 -27.30 -13.10
C GLN B 188 8.63 -27.06 -12.00
N PHE B 189 8.28 -25.79 -11.79
CA PHE B 189 7.34 -25.42 -10.73
C PHE B 189 6.02 -24.91 -11.30
N ASN B 190 4.94 -25.19 -10.58
CA ASN B 190 3.60 -24.77 -10.98
C ASN B 190 2.92 -24.01 -9.85
N ASP B 191 2.66 -22.71 -10.06
CA ASP B 191 2.08 -21.84 -9.03
C ASP B 191 0.54 -21.71 -9.12
N THR B 192 -0.10 -22.53 -9.95
CA THR B 192 -1.51 -22.32 -10.30
C THR B 192 -2.48 -22.17 -9.10
N GLY B 193 -2.27 -22.93 -8.03
CA GLY B 193 -3.14 -22.78 -6.86
C GLY B 193 -2.68 -21.71 -5.88
N VAL B 194 -1.46 -21.22 -6.06
CA VAL B 194 -0.78 -20.42 -5.04
C VAL B 194 -1.39 -19.03 -4.96
N PRO B 195 -1.89 -18.63 -3.77
CA PRO B 195 -2.52 -17.32 -3.70
C PRO B 195 -1.50 -16.20 -3.88
N LEU B 196 -1.99 -15.03 -4.28
CA LEU B 196 -1.11 -13.93 -4.67
C LEU B 196 -1.00 -12.90 -3.55
N ILE B 197 0.21 -12.47 -3.26
CA ILE B 197 0.40 -11.23 -2.50
C ILE B 197 0.39 -10.09 -3.52
N GLU B 198 -0.38 -9.05 -3.21
CA GLU B 198 -0.46 -7.87 -4.06
C GLU B 198 -0.12 -6.65 -3.24
N TYR B 199 0.58 -5.69 -3.86
CA TYR B 199 0.88 -4.43 -3.20
C TYR B 199 1.14 -3.33 -4.21
N SER B 200 1.08 -2.10 -3.74
CA SER B 200 1.30 -0.93 -4.59
C SER B 200 2.77 -0.67 -4.84
N PHE B 201 3.09 -0.33 -6.09
CA PHE B 201 4.39 0.27 -6.43
C PHE B 201 4.10 1.65 -7.01
N TYR B 202 4.62 2.68 -6.35
CA TYR B 202 4.32 4.05 -6.70
C TYR B 202 5.24 4.55 -7.82
N SER B 203 6.45 4.00 -7.86
CA SER B 203 7.42 4.31 -8.91
C SER B 203 7.78 5.79 -8.92
N ASP B 204 8.43 6.23 -9.97
CA ASP B 204 8.83 7.63 -10.10
C ASP B 204 7.61 8.53 -10.13
N GLU B 205 7.78 9.78 -9.72
CA GLU B 205 6.65 10.65 -9.47
C GLU B 205 5.85 11.01 -10.74
N SER B 206 6.42 10.77 -11.91
CA SER B 206 5.70 10.98 -13.18
C SER B 206 4.63 9.92 -13.47
N LEU B 207 4.68 8.79 -12.79
CA LEU B 207 3.64 7.75 -12.94
C LEU B 207 2.39 8.29 -12.27
N GLN B 208 1.32 8.47 -13.04
CA GLN B 208 0.08 9.07 -12.52
C GLN B 208 -0.71 8.11 -11.63
N TYR B 209 -0.74 6.85 -12.04
CA TYR B 209 -1.46 5.80 -11.35
C TYR B 209 -0.49 4.76 -10.82
N PRO B 210 -0.53 4.49 -9.50
CA PRO B 210 0.31 3.43 -8.94
C PRO B 210 0.07 2.07 -9.59
N LYS B 211 1.11 1.25 -9.68
CA LYS B 211 1.00 -0.11 -10.21
C LYS B 211 0.82 -1.11 -9.07
N THR B 212 0.03 -2.15 -9.33
CA THR B 212 -0.13 -3.24 -8.39
C THR B 212 0.79 -4.37 -8.82
N VAL B 213 1.75 -4.70 -7.96
CA VAL B 213 2.63 -5.82 -8.17
C VAL B 213 1.92 -7.01 -7.53
N TRP B 214 2.05 -8.18 -8.14
CA TRP B 214 1.50 -9.40 -7.56
C TRP B 214 2.49 -10.54 -7.72
N ILE B 215 2.56 -11.40 -6.71
CA ILE B 215 3.49 -12.52 -6.70
C ILE B 215 2.75 -13.74 -6.14
N PRO B 216 2.83 -14.88 -6.85
CA PRO B 216 2.37 -16.11 -6.22
C PRO B 216 3.27 -16.38 -5.02
N TYR B 217 2.68 -16.40 -3.83
CA TYR B 217 3.44 -16.41 -2.59
C TYR B 217 2.62 -17.15 -1.55
N PRO B 218 3.04 -18.39 -1.20
CA PRO B 218 2.29 -19.19 -0.25
C PRO B 218 2.59 -18.78 1.18
N LYS B 219 1.64 -18.12 1.82
CA LYS B 219 1.73 -17.87 3.25
C LYS B 219 1.47 -19.18 4.01
N ALA B 220 1.63 -19.15 5.33
CA ALA B 220 1.59 -20.38 6.14
C ALA B 220 0.29 -21.14 5.96
N GLY B 221 0.39 -22.42 5.59
CA GLY B 221 -0.76 -23.28 5.43
C GLY B 221 -1.47 -23.16 4.09
N ALA B 222 -0.91 -22.35 3.19
CA ALA B 222 -1.53 -22.09 1.91
C ALA B 222 -1.15 -23.15 0.90
N VAL B 223 -1.85 -23.16 -0.22
CA VAL B 223 -1.52 -24.04 -1.32
C VAL B 223 -0.12 -23.67 -1.80
N ASN B 224 0.76 -24.67 -1.86
CA ASN B 224 2.14 -24.48 -2.26
C ASN B 224 2.32 -24.78 -3.73
N PRO B 225 3.43 -24.32 -4.32
CA PRO B 225 3.75 -24.76 -5.67
C PRO B 225 4.05 -26.25 -5.71
N THR B 226 3.66 -26.92 -6.80
CA THR B 226 4.05 -28.31 -7.00
C THR B 226 5.29 -28.31 -7.88
N VAL B 227 6.00 -29.42 -7.89
CA VAL B 227 7.26 -29.51 -8.61
C VAL B 227 7.32 -30.77 -9.46
N LYS B 228 8.09 -30.69 -10.55
CA LYS B 228 8.47 -31.86 -11.33
C LYS B 228 9.94 -31.74 -11.64
N PHE B 229 10.56 -32.87 -11.95
CA PHE B 229 11.99 -32.92 -12.25
C PHE B 229 12.19 -33.67 -13.55
N PHE B 230 13.01 -33.09 -14.42
CA PHE B 230 13.17 -33.57 -15.78
C PHE B 230 14.64 -33.60 -16.15
N ILE B 231 15.02 -34.52 -17.03
CA ILE B 231 16.37 -34.53 -17.59
C ILE B 231 16.25 -34.66 -19.10
N VAL B 232 16.91 -33.75 -19.82
CA VAL B 232 16.95 -33.79 -21.29
C VAL B 232 18.34 -34.18 -21.77
N ASN B 233 18.37 -35.01 -22.81
CA ASN B 233 19.60 -35.41 -23.46
C ASN B 233 19.98 -34.29 -24.41
N THR B 234 21.13 -33.67 -24.19
CA THR B 234 21.56 -32.55 -25.02
C THR B 234 22.38 -33.01 -26.23
N ASP B 235 22.94 -34.21 -26.18
CA ASP B 235 23.67 -34.76 -27.31
C ASP B 235 22.75 -35.07 -28.48
N SER B 236 21.49 -35.38 -28.19
CA SER B 236 20.53 -35.80 -29.22
C SER B 236 19.62 -34.68 -29.70
N LEU B 237 19.90 -33.44 -29.32
CA LEU B 237 19.07 -32.32 -29.75
C LEU B 237 19.16 -32.13 -31.25
N SER B 238 18.00 -31.92 -31.89
CA SER B 238 17.92 -31.73 -33.32
C SER B 238 16.57 -31.12 -33.72
N SER B 239 16.60 -30.14 -34.62
CA SER B 239 15.37 -29.54 -35.14
C SER B 239 14.50 -30.55 -35.89
N THR B 240 15.13 -31.61 -36.41
CA THR B 240 14.43 -32.70 -37.10
C THR B 240 13.54 -33.55 -36.18
N THR B 241 13.89 -33.63 -34.90
CA THR B 241 13.20 -34.52 -33.96
C THR B 241 12.70 -33.77 -32.73
N THR B 242 11.57 -34.20 -32.18
CA THR B 242 10.97 -33.51 -31.04
C THR B 242 11.76 -33.85 -29.79
N THR B 243 12.20 -32.82 -29.06
CA THR B 243 13.02 -33.05 -27.87
C THR B 243 12.07 -33.44 -26.75
N ILE B 244 12.36 -34.57 -26.11
CA ILE B 244 11.47 -35.16 -25.12
C ILE B 244 12.24 -35.40 -23.83
N PRO B 245 12.06 -34.52 -22.83
CA PRO B 245 12.65 -34.74 -21.52
C PRO B 245 12.06 -35.98 -20.85
N MET B 246 12.89 -36.71 -20.11
CA MET B 246 12.40 -37.84 -19.33
C MET B 246 12.23 -37.40 -17.88
N GLN B 247 11.14 -37.86 -17.26
CA GLN B 247 10.76 -37.41 -15.94
C GLN B 247 11.18 -38.39 -14.87
N ILE B 248 11.66 -37.85 -13.75
CA ILE B 248 11.92 -38.62 -12.55
C ILE B 248 10.79 -38.35 -11.58
N THR B 249 10.04 -39.39 -11.23
CA THR B 249 9.02 -39.30 -10.20
C THR B 249 9.75 -39.29 -8.87
N ALA B 250 9.24 -38.53 -7.91
CA ALA B 250 9.83 -38.46 -6.58
C ALA B 250 9.52 -39.75 -5.82
N PRO B 251 10.33 -40.08 -4.80
CA PRO B 251 10.10 -41.24 -3.95
C PRO B 251 8.66 -41.37 -3.46
N ALA B 252 8.22 -42.62 -3.29
CA ALA B 252 6.87 -42.92 -2.85
C ALA B 252 6.55 -42.32 -1.49
N SER B 253 7.53 -42.28 -0.60
CA SER B 253 7.31 -41.86 0.78
C SER B 253 7.05 -40.35 0.93
N VAL B 254 7.40 -39.55 -0.08
CA VAL B 254 7.15 -38.10 -0.05
C VAL B 254 5.95 -37.66 -0.92
N THR B 255 5.62 -38.45 -1.95
CA THR B 255 4.51 -38.08 -2.84
C THR B 255 3.13 -38.38 -2.26
N THR B 256 3.11 -39.00 -1.06
CA THR B 256 1.88 -39.23 -0.31
C THR B 256 1.20 -37.93 0.14
N GLY B 257 1.93 -36.82 0.13
CA GLY B 257 1.37 -35.50 0.39
C GLY B 257 2.15 -34.40 -0.30
N ASP B 258 2.03 -33.18 0.23
CA ASP B 258 2.79 -32.04 -0.30
C ASP B 258 4.26 -32.18 0.07
N HIS B 259 5.14 -31.86 -0.88
CA HIS B 259 6.57 -32.06 -0.70
C HIS B 259 7.39 -31.02 -1.47
N TYR B 260 8.70 -31.02 -1.23
CA TYR B 260 9.65 -30.15 -1.92
C TYR B 260 10.81 -30.95 -2.50
N LEU B 261 11.36 -30.45 -3.61
CA LEU B 261 12.71 -30.81 -4.03
C LEU B 261 13.61 -29.82 -3.32
N CYS B 262 14.72 -30.28 -2.76
CA CYS B 262 15.60 -29.37 -2.02
C CYS B 262 17.10 -29.55 -2.23
N ASP B 263 17.50 -30.44 -3.13
CA ASP B 263 18.89 -30.54 -3.56
C ASP B 263 19.01 -31.46 -4.77
N VAL B 264 19.97 -31.16 -5.63
CA VAL B 264 20.32 -32.06 -6.72
C VAL B 264 21.81 -31.94 -6.99
N ALA B 265 22.46 -33.10 -7.18
CA ALA B 265 23.88 -33.16 -7.47
C ALA B 265 24.18 -34.33 -8.41
N TRP B 266 24.86 -34.01 -9.50
CA TRP B 266 25.30 -35.02 -10.45
C TRP B 266 26.47 -35.77 -9.83
N VAL B 267 26.33 -37.10 -9.76
CA VAL B 267 27.39 -37.96 -9.25
C VAL B 267 28.30 -38.40 -10.39
N SER B 268 27.69 -38.75 -11.52
CA SER B 268 28.44 -39.12 -12.73
C SER B 268 27.61 -38.78 -13.95
N GLU B 269 28.09 -39.15 -15.13
CA GLU B 269 27.36 -38.91 -16.39
C GLU B 269 26.09 -39.75 -16.52
N ASP B 270 25.94 -40.76 -15.68
CA ASP B 270 24.71 -41.57 -15.65
C ASP B 270 24.20 -41.81 -14.23
N ARG B 271 24.58 -40.93 -13.31
CA ARG B 271 24.07 -40.99 -11.93
C ARG B 271 23.88 -39.57 -11.35
N ILE B 272 22.77 -39.40 -10.63
CA ILE B 272 22.42 -38.10 -10.05
C ILE B 272 21.71 -38.33 -8.72
N SER B 273 21.94 -37.43 -7.77
CA SER B 273 21.25 -37.47 -6.47
C SER B 273 20.26 -36.33 -6.38
N LEU B 274 19.05 -36.65 -5.94
CA LEU B 274 17.97 -35.69 -5.76
C LEU B 274 17.51 -35.80 -4.32
N GLN B 275 17.46 -34.67 -3.61
CA GLN B 275 16.93 -34.66 -2.26
C GLN B 275 15.53 -34.09 -2.23
N TRP B 276 14.63 -34.83 -1.57
CA TRP B 276 13.24 -34.43 -1.43
C TRP B 276 12.95 -34.23 0.03
N LEU B 277 11.81 -33.61 0.31
CA LEU B 277 11.47 -33.16 1.64
C LEU B 277 9.96 -32.99 1.74
N ARG B 278 9.34 -33.67 2.71
CA ARG B 278 7.91 -33.52 2.95
C ARG B 278 7.60 -32.11 3.39
N ARG B 279 6.36 -31.68 3.20
CA ARG B 279 5.97 -30.34 3.62
C ARG B 279 6.17 -30.20 5.13
N ILE B 280 5.87 -31.27 5.87
CA ILE B 280 6.29 -31.36 7.27
C ILE B 280 7.76 -31.75 7.21
N GLN B 281 8.63 -30.84 7.63
CA GLN B 281 10.07 -30.94 7.31
C GLN B 281 10.89 -31.69 8.37
N ASN B 282 10.35 -32.79 8.89
CA ASN B 282 11.11 -33.69 9.75
C ASN B 282 11.41 -35.01 9.05
N TYR B 283 11.35 -35.00 7.72
CA TYR B 283 11.55 -36.21 6.91
C TYR B 283 12.03 -35.84 5.51
N SER B 284 13.25 -36.22 5.18
CA SER B 284 13.83 -35.98 3.86
C SER B 284 14.31 -37.29 3.24
N VAL B 285 14.36 -37.34 1.91
CA VAL B 285 14.81 -38.54 1.18
C VAL B 285 15.79 -38.18 0.08
N MET B 286 17.03 -38.63 0.23
CA MET B 286 18.02 -38.53 -0.84
C MET B 286 17.92 -39.77 -1.72
N ALA B 287 17.43 -39.58 -2.94
CA ALA B 287 17.30 -40.68 -3.90
C ALA B 287 18.42 -40.60 -4.94
N ILE B 288 19.26 -41.61 -4.97
CA ILE B 288 20.31 -41.72 -5.98
C ILE B 288 19.69 -42.43 -7.17
N CYS B 289 19.73 -41.78 -8.33
CA CYS B 289 19.06 -42.30 -9.52
C CYS B 289 20.05 -42.62 -10.64
N ASP B 290 19.82 -43.73 -11.33
CA ASP B 290 20.70 -44.22 -12.38
C ASP B 290 19.99 -44.27 -13.72
N TYR B 291 20.70 -43.86 -14.78
CA TYR B 291 20.17 -43.85 -16.13
C TYR B 291 20.15 -45.26 -16.74
N ASP B 292 19.02 -45.59 -17.37
CA ASP B 292 18.88 -46.83 -18.13
C ASP B 292 18.87 -46.49 -19.61
N LYS B 293 20.01 -46.70 -20.26
CA LYS B 293 20.19 -46.31 -21.66
C LYS B 293 19.39 -47.17 -22.65
N THR B 294 19.00 -48.37 -22.26
CA THR B 294 18.20 -49.23 -23.15
C THR B 294 16.73 -48.78 -23.21
N THR B 295 16.19 -48.25 -22.11
CA THR B 295 14.79 -47.79 -22.10
C THR B 295 14.62 -46.27 -21.86
N LEU B 296 15.73 -45.52 -21.89
CA LEU B 296 15.69 -44.05 -21.76
C LEU B 296 14.87 -43.57 -20.57
N VAL B 297 15.17 -44.13 -19.40
CA VAL B 297 14.48 -43.77 -18.16
C VAL B 297 15.50 -43.80 -17.02
N TRP B 298 15.27 -42.98 -16.00
CA TRP B 298 16.15 -42.94 -14.85
C TRP B 298 15.55 -43.75 -13.72
N ASN B 299 16.33 -44.69 -13.21
CA ASN B 299 15.86 -45.60 -12.16
C ASN B 299 16.28 -45.11 -10.78
N CYS B 300 15.31 -45.02 -9.88
CA CYS B 300 15.55 -44.60 -8.50
C CYS B 300 15.11 -45.73 -7.56
N PRO B 301 15.94 -46.79 -7.45
CA PRO B 301 15.57 -47.93 -6.60
C PRO B 301 15.57 -47.56 -5.12
N THR B 302 14.71 -48.20 -4.34
CA THR B 302 14.54 -47.87 -2.92
C THR B 302 15.77 -48.24 -2.08
N THR B 303 16.62 -49.12 -2.62
CA THR B 303 17.90 -49.47 -2.00
C THR B 303 18.90 -48.31 -2.07
N GLN B 304 18.70 -47.42 -3.04
CA GLN B 304 19.55 -46.23 -3.18
C GLN B 304 18.87 -44.96 -2.62
N GLU B 305 17.89 -45.15 -1.73
CA GLU B 305 17.24 -44.04 -1.02
C GLU B 305 17.86 -43.86 0.35
N HIS B 306 18.30 -42.64 0.67
CA HIS B 306 18.85 -42.32 1.99
C HIS B 306 17.94 -41.39 2.80
N ILE B 307 17.24 -41.96 3.78
CA ILE B 307 16.33 -41.21 4.62
C ILE B 307 17.09 -40.44 5.70
N GLU B 308 16.58 -39.26 6.01
CA GLU B 308 17.08 -38.44 7.11
C GLU B 308 15.87 -37.89 7.86
N THR B 309 15.92 -37.90 9.19
CA THR B 309 14.78 -37.49 10.01
C THR B 309 15.24 -36.71 11.24
N SER B 310 14.27 -36.11 11.93
CA SER B 310 14.52 -35.49 13.23
C SER B 310 13.31 -35.68 14.15
N ALA B 311 13.59 -36.07 15.38
CA ALA B 311 12.53 -36.27 16.38
C ALA B 311 12.33 -35.02 17.24
N THR B 312 13.30 -34.11 17.20
CA THR B 312 13.26 -32.90 18.03
C THR B 312 12.87 -31.63 17.25
N GLY B 313 13.20 -31.59 15.96
CA GLY B 313 12.92 -30.40 15.14
C GLY B 313 12.71 -30.66 13.65
N TRP B 314 13.62 -30.15 12.84
CA TRP B 314 13.54 -30.25 11.38
C TRP B 314 14.84 -30.84 10.85
N CYS B 315 14.92 -31.07 9.55
CA CYS B 315 16.11 -31.66 8.94
C CYS B 315 17.08 -30.59 8.46
N GLY B 316 18.33 -30.70 8.89
CA GLY B 316 19.37 -29.77 8.48
C GLY B 316 19.21 -28.42 9.16
N ARG B 317 20.19 -27.54 8.96
CA ARG B 317 20.13 -26.21 9.57
C ARG B 317 18.94 -25.42 9.00
N PHE B 318 18.94 -25.23 7.70
CA PHE B 318 17.78 -24.67 6.99
C PHE B 318 17.17 -25.69 6.04
N ARG B 319 18.02 -26.58 5.52
CA ARG B 319 17.61 -27.64 4.62
C ARG B 319 18.57 -28.81 4.81
N PRO B 320 18.15 -30.03 4.47
CA PRO B 320 19.07 -31.17 4.42
C PRO B 320 20.36 -30.82 3.69
N ALA B 321 21.49 -31.23 4.26
CA ALA B 321 22.80 -30.79 3.78
C ALA B 321 23.18 -31.43 2.43
N GLU B 322 24.12 -30.81 1.74
CA GLU B 322 24.65 -31.33 0.47
C GLU B 322 25.39 -32.65 0.66
N PRO B 323 25.28 -33.56 -0.32
CA PRO B 323 26.19 -34.70 -0.40
C PRO B 323 27.41 -34.32 -1.21
N HIS B 324 28.56 -34.86 -0.81
CA HIS B 324 29.78 -34.72 -1.60
C HIS B 324 30.27 -36.11 -1.97
N PHE B 325 29.98 -36.50 -3.21
CA PHE B 325 30.30 -37.83 -3.72
C PHE B 325 31.79 -37.99 -4.08
N THR B 326 32.27 -39.22 -4.03
CA THR B 326 33.61 -39.55 -4.50
C THR B 326 33.63 -39.61 -6.02
N SER B 327 34.84 -39.60 -6.59
CA SER B 327 35.04 -39.60 -8.04
C SER B 327 34.40 -40.81 -8.73
N ASP B 328 34.48 -41.98 -8.11
CA ASP B 328 33.82 -43.18 -8.65
C ASP B 328 32.31 -43.18 -8.43
N GLY B 329 31.84 -42.32 -7.52
CA GLY B 329 30.42 -42.18 -7.23
C GLY B 329 29.87 -43.30 -6.36
N SER B 330 30.73 -43.92 -5.56
CA SER B 330 30.35 -45.09 -4.76
C SER B 330 30.06 -44.73 -3.31
N SER B 331 30.69 -43.67 -2.81
CA SER B 331 30.44 -43.18 -1.46
C SER B 331 30.31 -41.67 -1.45
N PHE B 332 29.57 -41.13 -0.48
CA PHE B 332 29.40 -39.69 -0.36
C PHE B 332 29.47 -39.22 1.09
N TYR B 333 30.04 -38.03 1.28
CA TYR B 333 30.16 -37.41 2.59
C TYR B 333 29.10 -36.31 2.75
N LYS B 334 28.62 -36.13 3.97
CA LYS B 334 27.45 -35.32 4.23
C LYS B 334 27.44 -34.93 5.70
N ILE B 335 27.19 -33.65 5.99
CA ILE B 335 27.07 -33.19 7.37
C ILE B 335 25.71 -33.62 7.89
N VAL B 336 25.71 -34.28 9.05
CA VAL B 336 24.50 -34.83 9.66
C VAL B 336 24.66 -34.73 11.16
N SER B 337 23.55 -34.51 11.86
CA SER B 337 23.56 -34.49 13.31
C SER B 337 23.78 -35.89 13.86
N ASP B 338 24.83 -36.06 14.67
CA ASP B 338 25.15 -37.34 15.28
C ASP B 338 24.24 -37.65 16.47
N LYS B 339 24.59 -38.69 17.22
CA LYS B 339 23.78 -39.18 18.33
C LYS B 339 23.59 -38.14 19.44
N ASP B 340 24.59 -37.27 19.61
CA ASP B 340 24.56 -36.23 20.64
C ASP B 340 23.98 -34.89 20.14
N GLY B 341 23.42 -34.89 18.93
CA GLY B 341 22.84 -33.68 18.35
C GLY B 341 23.84 -32.73 17.69
N TYR B 342 25.10 -33.15 17.59
CA TYR B 342 26.14 -32.32 16.97
C TYR B 342 26.31 -32.65 15.49
N LYS B 343 26.33 -31.61 14.67
CA LYS B 343 26.47 -31.77 13.21
C LYS B 343 27.90 -32.15 12.88
N HIS B 344 28.07 -33.31 12.24
CA HIS B 344 29.40 -33.81 11.89
C HIS B 344 29.42 -34.53 10.55
N ILE B 345 30.58 -34.54 9.89
CA ILE B 345 30.77 -35.23 8.61
C ILE B 345 30.71 -36.74 8.82
N CYS B 346 29.83 -37.41 8.09
CA CYS B 346 29.82 -38.87 8.10
C CYS B 346 29.71 -39.43 6.70
N GLN B 347 30.08 -40.71 6.57
CA GLN B 347 30.27 -41.35 5.28
C GLN B 347 29.17 -42.38 5.03
N PHE B 348 28.52 -42.26 3.88
CA PHE B 348 27.58 -43.25 3.39
C PHE B 348 28.15 -43.91 2.13
N GLN B 349 27.61 -45.08 1.79
CA GLN B 349 27.81 -45.68 0.47
C GLN B 349 26.58 -45.40 -0.39
N LYS B 350 26.71 -45.66 -1.69
CA LYS B 350 25.60 -45.51 -2.64
C LYS B 350 24.35 -46.27 -2.19
N ASP B 351 24.54 -47.46 -1.63
CA ASP B 351 23.44 -48.23 -1.03
C ASP B 351 23.22 -47.82 0.43
N ARG B 352 21.96 -47.85 0.87
CA ARG B 352 21.65 -47.68 2.28
C ARG B 352 21.98 -48.95 3.05
N LYS B 353 22.19 -48.80 4.35
CA LYS B 353 22.39 -49.94 5.25
C LYS B 353 21.08 -50.16 6.02
N PRO B 354 20.88 -51.37 6.59
CA PRO B 354 19.60 -51.79 7.23
C PRO B 354 18.87 -50.66 7.97
N GLU B 355 19.31 -50.32 9.18
CA GLU B 355 19.13 -48.98 9.70
C GLU B 355 20.34 -48.24 9.13
N GLN B 356 20.08 -47.30 8.23
CA GLN B 356 21.16 -46.65 7.49
C GLN B 356 22.13 -45.90 8.39
N VAL B 357 23.09 -46.66 8.92
CA VAL B 357 24.16 -46.10 9.72
C VAL B 357 25.17 -45.48 8.78
N CYS B 358 25.81 -44.43 9.25
CA CYS B 358 26.94 -43.84 8.53
C CYS B 358 28.13 -43.77 9.48
N THR B 359 29.33 -43.80 8.91
CA THR B 359 30.54 -43.71 9.70
C THR B 359 30.89 -42.26 9.93
N PHE B 360 30.71 -41.79 11.16
CA PHE B 360 31.07 -40.42 11.53
C PHE B 360 32.59 -40.29 11.62
N ILE B 361 33.14 -39.33 10.89
CA ILE B 361 34.58 -39.10 10.87
C ILE B 361 35.03 -37.92 11.74
N THR B 362 34.05 -37.19 12.30
CA THR B 362 34.31 -36.18 13.33
C THR B 362 33.30 -36.36 14.46
N LYS B 363 33.70 -36.06 15.70
CA LYS B 363 32.95 -36.48 16.89
C LYS B 363 32.59 -35.43 17.94
N GLY B 364 33.53 -34.53 18.26
CA GLY B 364 33.44 -33.71 19.48
C GLY B 364 32.25 -32.76 19.65
N ALA B 365 32.24 -32.06 20.79
CA ALA B 365 31.18 -31.11 21.14
C ALA B 365 31.37 -29.77 20.41
N TRP B 366 31.30 -29.84 19.09
CA TRP B 366 31.48 -28.71 18.20
C TRP B 366 30.89 -29.16 16.88
N GLU B 367 30.82 -28.30 15.88
CA GLU B 367 30.16 -28.65 14.62
C GLU B 367 31.01 -28.39 13.38
N VAL B 368 30.83 -29.24 12.38
CA VAL B 368 31.35 -28.97 11.06
C VAL B 368 30.40 -27.97 10.40
N ILE B 369 30.95 -26.86 9.93
CA ILE B 369 30.15 -25.82 9.28
C ILE B 369 29.82 -26.23 7.84
N SER B 370 30.85 -26.59 7.08
CA SER B 370 30.67 -26.93 5.67
C SER B 370 31.80 -27.82 5.17
N ILE B 371 31.51 -28.62 4.14
CA ILE B 371 32.50 -29.45 3.48
C ILE B 371 32.99 -28.71 2.24
N GLU B 372 34.28 -28.39 2.19
CA GLU B 372 34.83 -27.46 1.19
C GLU B 372 35.51 -28.13 -0.01
N ALA B 373 36.22 -29.24 0.23
CA ALA B 373 36.81 -30.00 -0.87
C ALA B 373 37.02 -31.47 -0.50
N LEU B 374 36.83 -32.34 -1.49
CA LEU B 374 36.96 -33.78 -1.31
C LEU B 374 37.92 -34.33 -2.37
N THR B 375 39.05 -34.87 -1.95
CA THR B 375 40.02 -35.47 -2.87
C THR B 375 40.05 -36.99 -2.68
N SER B 376 40.96 -37.67 -3.39
CA SER B 376 41.14 -39.11 -3.27
C SER B 376 41.42 -39.56 -1.83
N ASP B 377 42.22 -38.79 -1.12
CA ASP B 377 42.69 -39.16 0.22
C ASP B 377 42.32 -38.17 1.35
N TYR B 378 42.09 -36.91 1.01
CA TYR B 378 41.84 -35.86 2.02
C TYR B 378 40.49 -35.15 1.84
N LEU B 379 39.89 -34.77 2.96
CA LEU B 379 38.66 -33.99 2.96
C LEU B 379 38.89 -32.68 3.71
N TYR B 380 38.74 -31.57 3.00
CA TYR B 380 38.83 -30.24 3.60
C TYR B 380 37.47 -29.78 4.10
N TYR B 381 37.43 -29.21 5.31
CA TYR B 381 36.21 -28.69 5.86
C TYR B 381 36.46 -27.50 6.78
N ILE B 382 35.36 -26.84 7.17
CA ILE B 382 35.39 -25.76 8.13
C ILE B 382 34.56 -26.16 9.36
N SER B 383 35.07 -25.85 10.54
CA SER B 383 34.38 -26.15 11.79
C SER B 383 34.60 -25.04 12.81
N ASN B 384 33.85 -25.11 13.92
CA ASN B 384 34.02 -24.17 15.02
C ASN B 384 34.66 -24.85 16.24
N GLU B 385 35.54 -25.81 15.98
CA GLU B 385 36.16 -26.61 17.03
C GLU B 385 37.17 -25.82 17.85
N TYR B 386 38.06 -25.11 17.15
CA TYR B 386 39.23 -24.48 17.77
C TYR B 386 38.86 -23.54 18.92
N LYS B 387 39.66 -23.61 19.98
CA LYS B 387 39.45 -22.87 21.23
C LYS B 387 38.00 -22.94 21.74
N GLU B 388 37.28 -23.99 21.33
CA GLU B 388 35.90 -24.20 21.74
C GLU B 388 34.98 -22.99 21.48
N MET B 389 35.27 -22.23 20.42
CA MET B 389 34.50 -21.02 20.08
C MET B 389 33.48 -21.31 18.97
N PRO B 390 32.17 -21.30 19.30
CA PRO B 390 31.18 -21.55 18.24
C PRO B 390 31.14 -20.48 17.14
N GLY B 391 31.63 -19.28 17.44
CA GLY B 391 31.71 -18.19 16.47
C GLY B 391 33.11 -18.01 15.90
N GLY B 392 33.94 -19.03 16.06
CA GLY B 392 35.23 -19.08 15.39
C GLY B 392 35.11 -20.00 14.20
N ARG B 393 36.00 -19.83 13.23
CA ARG B 393 35.92 -20.58 11.99
C ARG B 393 37.32 -20.95 11.48
N ASN B 394 37.58 -22.24 11.28
CA ASN B 394 38.90 -22.68 10.84
C ASN B 394 38.88 -23.79 9.78
N LEU B 395 39.92 -23.80 8.94
CA LEU B 395 40.07 -24.81 7.89
C LEU B 395 40.76 -26.04 8.45
N TYR B 396 40.17 -27.21 8.21
CA TYR B 396 40.73 -28.48 8.66
C TYR B 396 40.93 -29.45 7.50
N LYS B 397 41.83 -30.40 7.71
CA LYS B 397 42.18 -31.39 6.69
C LYS B 397 42.22 -32.76 7.35
N ILE B 398 41.39 -33.68 6.88
CA ILE B 398 41.30 -35.01 7.48
C ILE B 398 41.53 -36.11 6.43
N GLN B 399 42.33 -37.10 6.79
CA GLN B 399 42.67 -38.20 5.89
C GLN B 399 41.52 -39.22 5.88
N LEU B 400 41.21 -39.74 4.70
CA LEU B 400 40.09 -40.67 4.53
C LEU B 400 40.41 -42.08 5.04
N THR B 401 41.68 -42.48 4.93
CA THR B 401 42.13 -43.77 5.44
C THR B 401 42.26 -43.76 6.96
N ASP B 402 42.81 -42.66 7.48
CA ASP B 402 43.08 -42.52 8.91
C ASP B 402 42.38 -41.27 9.46
N HIS B 403 41.30 -41.48 10.21
CA HIS B 403 40.49 -40.37 10.75
C HIS B 403 41.03 -39.78 12.04
N THR B 404 42.30 -40.01 12.36
CA THR B 404 42.97 -39.28 13.45
C THR B 404 44.00 -38.28 12.91
N ASN B 405 44.25 -38.33 11.60
CA ASN B 405 45.11 -37.35 10.95
C ASN B 405 44.29 -36.09 10.63
N LYS B 406 43.91 -35.36 11.68
CA LYS B 406 43.13 -34.13 11.55
C LYS B 406 44.00 -32.92 11.87
N LYS B 407 44.54 -32.29 10.84
CA LYS B 407 45.32 -31.06 11.00
C LYS B 407 44.42 -29.83 10.87
N CYS B 408 44.65 -28.84 11.73
CA CYS B 408 44.08 -27.51 11.51
C CYS B 408 45.04 -26.74 10.63
N LEU B 409 44.52 -26.15 9.55
CA LEU B 409 45.33 -25.50 8.54
C LEU B 409 45.44 -23.99 8.74
N SER B 410 44.57 -23.43 9.57
CA SER B 410 44.46 -21.96 9.72
C SER B 410 44.51 -21.46 11.17
N CYS B 411 44.61 -22.36 12.14
CA CYS B 411 44.50 -22.00 13.56
C CYS B 411 45.58 -21.04 14.03
N ASP B 412 46.84 -21.39 13.78
CA ASP B 412 47.99 -20.68 14.35
C ASP B 412 48.58 -19.61 13.45
N LEU B 413 47.98 -19.39 12.28
CA LEU B 413 48.54 -18.46 11.28
C LEU B 413 48.72 -17.05 11.83
N ASN B 414 47.72 -16.57 12.56
CA ASN B 414 47.78 -15.28 13.25
C ASN B 414 46.67 -15.23 14.31
N PRO B 415 46.90 -15.84 15.49
CA PRO B 415 45.85 -16.06 16.49
C PRO B 415 45.16 -14.79 17.03
N GLU B 416 45.85 -13.65 16.99
CA GLU B 416 45.30 -12.40 17.51
C GLU B 416 44.40 -11.73 16.46
N ARG B 417 44.87 -11.70 15.22
CA ARG B 417 44.18 -11.05 14.10
C ARG B 417 43.14 -11.95 13.42
N CYS B 418 43.40 -13.26 13.42
CA CYS B 418 42.65 -14.19 12.56
C CYS B 418 42.04 -15.39 13.29
N GLN B 419 40.74 -15.31 13.57
CA GLN B 419 40.01 -16.39 14.22
C GLN B 419 38.74 -16.80 13.46
N TYR B 420 38.51 -16.20 12.28
CA TYR B 420 37.31 -16.45 11.49
C TYR B 420 37.68 -16.56 10.02
N TYR B 421 37.78 -17.79 9.54
CA TYR B 421 38.29 -18.08 8.21
C TYR B 421 37.22 -18.57 7.24
N SER B 422 37.34 -18.14 5.99
CA SER B 422 36.68 -18.79 4.86
C SER B 422 37.78 -19.26 3.91
N VAL B 423 37.45 -20.18 3.02
CA VAL B 423 38.46 -20.80 2.13
C VAL B 423 37.96 -20.91 0.70
N SER B 424 38.92 -20.85 -0.24
CA SER B 424 38.64 -21.12 -1.64
C SER B 424 39.73 -22.02 -2.22
N LEU B 425 39.41 -23.31 -2.36
CA LEU B 425 40.34 -24.30 -2.87
C LEU B 425 40.27 -24.44 -4.39
N SER B 426 41.40 -24.75 -5.01
CA SER B 426 41.47 -24.99 -6.45
C SER B 426 40.83 -26.32 -6.82
N LYS B 427 40.75 -26.62 -8.11
CA LYS B 427 39.92 -27.73 -8.61
C LYS B 427 40.28 -29.09 -8.01
N GLU B 428 41.57 -29.38 -7.84
CA GLU B 428 42.00 -30.60 -7.17
C GLU B 428 42.68 -30.31 -5.83
N ALA B 429 42.28 -29.19 -5.22
CA ALA B 429 42.72 -28.83 -3.86
C ALA B 429 44.24 -28.73 -3.68
N LYS B 430 44.95 -28.34 -4.74
CA LYS B 430 46.40 -28.25 -4.68
C LYS B 430 46.86 -26.93 -4.08
N TYR B 431 46.12 -25.87 -4.37
CA TYR B 431 46.34 -24.56 -3.74
C TYR B 431 45.04 -24.08 -3.12
N TYR B 432 45.13 -23.12 -2.20
CA TYR B 432 43.93 -22.54 -1.61
C TYR B 432 44.12 -21.13 -1.08
N GLN B 433 43.13 -20.28 -1.36
CA GLN B 433 43.04 -18.94 -0.79
C GLN B 433 42.40 -19.04 0.59
N LEU B 434 43.00 -18.40 1.58
CA LEU B 434 42.40 -18.25 2.90
C LEU B 434 41.82 -16.86 3.04
N GLY B 435 40.61 -16.79 3.57
CA GLY B 435 39.98 -15.52 3.89
C GLY B 435 39.85 -15.36 5.39
N CYS B 436 40.79 -14.63 5.99
CA CYS B 436 40.70 -14.21 7.38
C CYS B 436 39.81 -12.98 7.40
N ARG B 437 38.73 -13.03 8.19
CA ARG B 437 37.71 -11.99 8.19
C ARG B 437 37.43 -11.40 9.58
N GLY B 438 38.26 -11.74 10.56
CA GLY B 438 38.15 -11.19 11.91
C GLY B 438 38.92 -12.00 12.94
N PRO B 439 39.12 -11.45 14.15
CA PRO B 439 38.59 -10.18 14.66
C PRO B 439 39.32 -8.93 14.16
N GLY B 440 40.55 -9.08 13.69
CA GLY B 440 41.31 -7.96 13.18
C GLY B 440 40.92 -7.60 11.75
N LEU B 441 41.77 -6.82 11.11
CA LEU B 441 41.55 -6.40 9.73
C LEU B 441 41.60 -7.64 8.82
N PRO B 442 40.57 -7.84 7.99
CA PRO B 442 40.57 -8.95 7.03
C PRO B 442 41.88 -9.14 6.26
N LEU B 443 42.31 -10.40 6.14
CA LEU B 443 43.58 -10.75 5.51
C LEU B 443 43.38 -11.96 4.59
N TYR B 444 43.76 -11.79 3.33
CA TYR B 444 43.55 -12.83 2.32
C TYR B 444 44.90 -13.27 1.75
N THR B 445 45.18 -14.57 1.85
CA THR B 445 46.48 -15.13 1.46
C THR B 445 46.35 -16.37 0.57
N LEU B 446 47.41 -16.64 -0.20
CA LEU B 446 47.48 -17.78 -1.10
C LEU B 446 48.36 -18.88 -0.51
N HIS B 447 47.86 -20.11 -0.45
CA HIS B 447 48.56 -21.22 0.21
C HIS B 447 48.65 -22.45 -0.69
N ARG B 448 49.78 -23.17 -0.61
CA ARG B 448 49.94 -24.48 -1.25
C ARG B 448 49.50 -25.56 -0.26
N SER B 449 48.92 -26.66 -0.77
CA SER B 449 48.24 -27.64 0.07
C SER B 449 49.13 -28.67 0.76
N THR B 450 50.23 -29.05 0.12
CA THR B 450 51.16 -30.01 0.74
C THR B 450 51.91 -29.37 1.91
N ASP B 451 52.47 -28.18 1.66
CA ASP B 451 53.24 -27.45 2.66
C ASP B 451 52.38 -26.68 3.67
N GLN B 452 51.31 -26.05 3.19
CA GLN B 452 50.62 -24.96 3.89
C GLN B 452 51.48 -23.69 3.86
N LYS B 453 52.39 -23.59 2.90
CA LYS B 453 53.27 -22.44 2.79
C LYS B 453 52.54 -21.28 2.13
N GLU B 454 52.63 -20.11 2.75
CA GLU B 454 52.07 -18.89 2.19
C GLU B 454 52.90 -18.47 0.99
N LEU B 455 52.25 -18.37 -0.17
CA LEU B 455 52.94 -17.96 -1.39
C LEU B 455 53.03 -16.45 -1.47
N ARG B 456 51.91 -15.78 -1.23
CA ARG B 456 51.88 -14.31 -1.19
C ARG B 456 50.70 -13.79 -0.37
N VAL B 457 50.70 -12.49 -0.15
CA VAL B 457 49.60 -11.79 0.49
C VAL B 457 48.78 -11.13 -0.61
N LEU B 458 47.51 -11.51 -0.72
CA LEU B 458 46.61 -10.99 -1.74
C LEU B 458 45.99 -9.67 -1.32
N GLU B 459 45.62 -9.56 -0.05
CA GLU B 459 45.11 -8.30 0.52
C GLU B 459 45.23 -8.31 2.05
N ASP B 460 45.97 -7.34 2.58
CA ASP B 460 46.19 -7.19 4.02
C ASP B 460 45.45 -5.98 4.61
N ASN B 461 44.73 -5.25 3.75
CA ASN B 461 43.98 -4.06 4.16
C ASN B 461 44.84 -2.93 4.73
N SER B 462 46.04 -2.78 4.19
CA SER B 462 46.94 -1.69 4.59
C SER B 462 46.32 -0.33 4.38
N ALA B 463 45.70 -0.12 3.22
CA ALA B 463 45.07 1.16 2.89
C ALA B 463 44.00 1.55 3.92
N LEU B 464 43.26 0.56 4.41
CA LEU B 464 42.28 0.75 5.49
C LEU B 464 42.95 0.98 6.85
N ASP B 465 44.08 0.32 7.08
CA ASP B 465 44.84 0.51 8.33
C ASP B 465 45.29 1.97 8.43
N LYS B 466 45.87 2.46 7.34
CA LYS B 466 46.04 3.90 7.14
C LYS B 466 44.63 4.44 6.95
N MET B 467 44.37 5.68 7.38
CA MET B 467 43.01 6.26 7.35
C MET B 467 42.32 6.04 8.68
N LEU B 468 42.42 4.83 9.24
CA LEU B 468 41.95 4.55 10.59
C LEU B 468 42.87 5.12 11.67
N GLN B 469 43.99 5.72 11.25
CA GLN B 469 45.02 6.20 12.19
C GLN B 469 44.56 7.28 13.16
N ASP B 470 43.53 8.04 12.80
CA ASP B 470 43.02 9.10 13.66
C ASP B 470 41.65 8.78 14.25
N VAL B 471 41.10 7.60 13.95
CA VAL B 471 39.74 7.29 14.38
C VAL B 471 39.78 6.52 15.69
N GLN B 472 38.91 6.89 16.62
CA GLN B 472 38.81 6.20 17.89
C GLN B 472 38.12 4.87 17.64
N MET B 473 38.85 3.78 17.89
CA MET B 473 38.44 2.46 17.45
C MET B 473 37.72 1.68 18.54
N PRO B 474 36.50 1.21 18.25
CA PRO B 474 35.87 0.25 19.16
C PRO B 474 36.64 -1.06 19.19
N SER B 475 36.47 -1.81 20.28
CA SER B 475 37.00 -3.16 20.36
C SER B 475 35.81 -4.10 20.36
N LYS B 476 36.08 -5.39 20.22
CA LYS B 476 35.04 -6.40 20.19
C LYS B 476 35.37 -7.50 21.18
N LYS B 477 34.48 -7.73 22.13
CA LYS B 477 34.62 -8.84 23.06
C LYS B 477 33.67 -9.95 22.66
N LEU B 478 34.24 -11.10 22.33
CA LEU B 478 33.47 -12.31 22.09
C LEU B 478 33.65 -13.15 23.36
N ASP B 479 32.55 -13.49 24.01
CA ASP B 479 32.61 -14.25 25.26
C ASP B 479 31.25 -14.88 25.57
N PHE B 480 31.16 -15.58 26.70
CA PHE B 480 29.92 -16.28 27.08
C PHE B 480 29.52 -16.11 28.55
N ILE B 481 28.28 -16.50 28.83
CA ILE B 481 27.75 -16.59 30.19
C ILE B 481 27.09 -17.95 30.38
N VAL B 482 26.96 -18.39 31.63
CA VAL B 482 26.38 -19.71 31.94
C VAL B 482 24.97 -19.59 32.53
N LEU B 483 23.99 -20.13 31.81
CA LEU B 483 22.63 -20.27 32.30
C LEU B 483 22.27 -21.75 32.25
N ASN B 484 21.72 -22.28 33.33
CA ASN B 484 21.34 -23.70 33.40
C ASN B 484 22.49 -24.66 33.07
N GLU B 485 23.70 -24.28 33.45
CA GLU B 485 24.90 -25.12 33.27
C GLU B 485 25.29 -25.36 31.80
N THR B 486 24.97 -24.40 30.93
CA THR B 486 25.40 -24.44 29.52
C THR B 486 25.84 -23.06 29.04
N ARG B 487 26.76 -23.04 28.08
CA ARG B 487 27.37 -21.80 27.62
C ARG B 487 26.54 -21.13 26.54
N PHE B 488 26.29 -19.83 26.72
CA PHE B 488 25.65 -19.01 25.70
C PHE B 488 26.54 -17.81 25.38
N TRP B 489 26.94 -17.70 24.12
CA TRP B 489 27.91 -16.71 23.73
C TRP B 489 27.26 -15.37 23.39
N TYR B 490 28.03 -14.30 23.58
CA TYR B 490 27.61 -12.96 23.21
C TYR B 490 28.77 -12.22 22.59
N GLN B 491 28.49 -11.03 22.07
CA GLN B 491 29.53 -10.13 21.63
C GLN B 491 29.16 -8.70 22.01
N MET B 492 30.18 -7.88 22.25
CA MET B 492 29.99 -6.48 22.57
C MET B 492 30.95 -5.66 21.74
N ILE B 493 30.41 -4.72 20.98
CA ILE B 493 31.23 -3.71 20.33
C ILE B 493 31.33 -2.59 21.37
N LEU B 494 32.45 -2.53 22.08
CA LEU B 494 32.61 -1.61 23.20
C LEU B 494 33.17 -0.29 22.70
N PRO B 495 32.77 0.84 23.32
CA PRO B 495 33.34 2.14 22.92
C PRO B 495 34.85 2.20 23.05
N PRO B 496 35.52 3.08 22.29
CA PRO B 496 36.98 3.12 22.31
C PRO B 496 37.52 3.33 23.73
N HIS B 497 38.52 2.55 24.10
CA HIS B 497 39.12 2.61 25.43
C HIS B 497 38.06 2.39 26.51
N PHE B 498 37.38 1.25 26.40
CA PHE B 498 36.27 0.91 27.28
C PHE B 498 36.71 0.80 28.73
N ASP B 499 36.01 1.51 29.60
CA ASP B 499 36.35 1.63 31.01
C ASP B 499 35.30 0.91 31.86
N LYS B 500 35.68 -0.23 32.42
CA LYS B 500 34.79 -1.03 33.29
C LYS B 500 34.14 -0.23 34.41
N SER B 501 34.82 0.80 34.90
CA SER B 501 34.31 1.63 36.00
C SER B 501 33.08 2.45 35.64
N LYS B 502 32.98 2.86 34.38
CA LYS B 502 31.85 3.69 33.93
C LYS B 502 30.60 2.86 33.66
N LYS B 503 29.47 3.54 33.52
CA LYS B 503 28.21 2.92 33.10
C LYS B 503 27.79 3.48 31.73
N TYR B 504 27.64 2.59 30.76
CA TYR B 504 27.31 2.99 29.40
C TYR B 504 25.87 2.63 29.01
N PRO B 505 25.28 3.43 28.10
CA PRO B 505 24.02 2.98 27.50
C PRO B 505 24.25 1.71 26.66
N LEU B 506 23.28 0.80 26.67
CA LEU B 506 23.40 -0.48 25.97
C LEU B 506 22.38 -0.62 24.82
N LEU B 507 22.86 -1.09 23.68
CA LEU B 507 21.99 -1.42 22.55
C LEU B 507 22.10 -2.91 22.27
N ILE B 508 20.98 -3.62 22.34
CA ILE B 508 20.94 -5.00 21.94
C ILE B 508 20.67 -5.04 20.44
N ASP B 509 21.58 -5.65 19.69
CA ASP B 509 21.39 -5.88 18.28
C ASP B 509 21.02 -7.34 18.11
N VAL B 510 19.75 -7.60 17.79
CA VAL B 510 19.22 -8.95 17.77
C VAL B 510 18.77 -9.38 16.38
N TYR B 511 19.00 -10.66 16.09
CA TYR B 511 18.30 -11.36 15.03
C TYR B 511 17.61 -12.57 15.66
N ALA B 512 18.40 -13.53 16.16
CA ALA B 512 17.89 -14.62 16.99
C ALA B 512 16.93 -15.59 16.29
N GLY B 513 17.03 -15.69 14.97
CA GLY B 513 16.22 -16.64 14.21
C GLY B 513 16.72 -18.06 14.42
N PRO B 514 15.92 -19.06 14.00
CA PRO B 514 16.38 -20.44 14.11
C PRO B 514 17.70 -20.68 13.39
N CYS B 515 18.68 -21.16 14.14
CA CYS B 515 20.02 -21.43 13.64
C CYS B 515 20.84 -20.17 13.33
N SER B 516 20.48 -19.05 13.95
CA SER B 516 21.20 -17.80 13.75
C SER B 516 22.44 -17.75 14.63
N GLN B 517 23.41 -16.93 14.22
CA GLN B 517 24.60 -16.65 15.00
C GLN B 517 24.96 -15.18 14.83
N LYS B 518 24.69 -14.38 15.85
CA LYS B 518 25.07 -12.97 15.87
C LYS B 518 26.33 -12.66 16.69
N ALA B 519 26.76 -13.64 17.49
CA ALA B 519 28.02 -13.54 18.22
C ALA B 519 29.09 -14.38 17.49
N ASP B 520 29.97 -13.69 16.77
CA ASP B 520 31.06 -14.34 16.05
C ASP B 520 32.35 -13.53 16.12
N ALA B 521 33.43 -14.09 15.60
CA ALA B 521 34.74 -13.46 15.69
C ALA B 521 35.11 -12.63 14.46
N ALA B 522 34.11 -12.30 13.62
CA ALA B 522 34.37 -11.56 12.39
C ALA B 522 34.54 -10.06 12.64
N PHE B 523 35.09 -9.37 11.64
CA PHE B 523 35.32 -7.93 11.73
C PHE B 523 34.35 -7.19 10.81
N ARG B 524 33.74 -6.14 11.35
CA ARG B 524 32.76 -5.35 10.61
C ARG B 524 32.88 -3.88 10.95
N LEU B 525 33.00 -3.05 9.91
CA LEU B 525 32.74 -1.62 10.04
C LEU B 525 31.30 -1.43 9.62
N ASN B 526 30.47 -0.98 10.56
CA ASN B 526 29.05 -0.86 10.30
C ASN B 526 28.40 0.17 11.23
N TRP B 527 27.07 0.20 11.28
CA TRP B 527 26.34 1.15 12.12
C TRP B 527 26.77 1.08 13.58
N ALA B 528 26.91 -0.14 14.10
CA ALA B 528 27.32 -0.36 15.49
C ALA B 528 28.68 0.28 15.80
N THR B 529 29.59 0.23 14.84
CA THR B 529 30.90 0.87 15.00
C THR B 529 30.69 2.35 15.31
N TYR B 530 29.81 3.01 14.56
CA TYR B 530 29.52 4.42 14.78
C TYR B 530 28.89 4.68 16.15
N LEU B 531 27.96 3.82 16.55
CA LEU B 531 27.29 3.96 17.85
C LEU B 531 28.30 3.87 19.00
N ALA B 532 29.23 2.92 18.90
CA ALA B 532 30.27 2.77 19.93
C ALA B 532 31.34 3.85 19.81
N SER B 533 31.84 4.08 18.59
CA SER B 533 32.91 5.04 18.37
C SER B 533 32.49 6.48 18.67
N THR B 534 31.35 6.90 18.13
CA THR B 534 30.93 8.31 18.22
C THR B 534 29.99 8.62 19.38
N GLU B 535 29.03 7.74 19.62
CA GLU B 535 27.99 7.98 20.64
C GLU B 535 28.28 7.28 21.96
N ASN B 536 29.36 6.50 22.01
CA ASN B 536 29.73 5.74 23.20
C ASN B 536 28.59 4.87 23.72
N ILE B 537 28.02 4.06 22.83
CA ILE B 537 27.02 3.06 23.17
C ILE B 537 27.64 1.69 22.99
N ILE B 538 27.42 0.81 23.96
CA ILE B 538 27.81 -0.58 23.86
C ILE B 538 26.76 -1.32 23.03
N VAL B 539 27.18 -1.91 21.92
CA VAL B 539 26.30 -2.69 21.07
C VAL B 539 26.56 -4.18 21.30
N ALA B 540 25.54 -4.89 21.78
CA ALA B 540 25.68 -6.29 22.19
C ALA B 540 24.74 -7.21 21.41
N SER B 541 25.19 -8.45 21.18
CA SER B 541 24.36 -9.47 20.55
C SER B 541 24.50 -10.76 21.32
N PHE B 542 23.42 -11.54 21.39
CA PHE B 542 23.39 -12.74 22.20
C PHE B 542 22.76 -13.90 21.43
N ASP B 543 23.48 -15.01 21.35
CA ASP B 543 22.98 -16.23 20.74
C ASP B 543 22.43 -17.14 21.84
N GLY B 544 21.13 -17.02 22.10
CA GLY B 544 20.45 -17.86 23.07
C GLY B 544 19.90 -19.12 22.44
N ARG B 545 18.89 -19.71 23.07
CA ARG B 545 18.26 -20.91 22.55
C ARG B 545 17.64 -20.63 21.19
N GLY B 546 17.81 -21.58 20.27
CA GLY B 546 17.39 -21.41 18.89
C GLY B 546 18.57 -21.15 17.98
N SER B 547 19.65 -20.62 18.55
CA SER B 547 20.84 -20.30 17.78
C SER B 547 21.56 -21.55 17.25
N GLY B 548 22.36 -21.37 16.22
CA GLY B 548 22.94 -22.48 15.50
C GLY B 548 24.37 -22.80 15.88
N TYR B 549 24.90 -23.84 15.25
CA TYR B 549 26.32 -24.17 15.31
C TYR B 549 26.81 -24.67 16.68
N GLN B 550 25.88 -25.02 17.57
CA GLN B 550 26.21 -25.52 18.91
C GLN B 550 25.36 -26.75 19.28
N GLY B 551 24.94 -27.52 18.28
CA GLY B 551 24.19 -28.74 18.52
C GLY B 551 22.68 -28.53 18.46
N ASP B 552 21.96 -29.63 18.26
CA ASP B 552 20.51 -29.60 18.08
C ASP B 552 19.73 -29.36 19.38
N LYS B 553 20.33 -29.64 20.53
CA LYS B 553 19.62 -29.41 21.79
C LYS B 553 19.32 -27.92 21.97
N ILE B 554 20.26 -27.07 21.57
CA ILE B 554 20.10 -25.62 21.62
C ILE B 554 19.24 -25.10 20.45
N MET B 555 19.47 -25.62 19.25
CA MET B 555 18.78 -25.13 18.05
C MET B 555 17.30 -25.50 18.03
N HIS B 556 16.99 -26.74 18.37
CA HIS B 556 15.61 -27.24 18.33
C HIS B 556 14.79 -26.93 19.58
N ALA B 557 15.40 -26.24 20.55
CA ALA B 557 14.70 -25.83 21.75
C ALA B 557 13.39 -25.06 21.46
N ILE B 558 13.40 -24.26 20.40
CA ILE B 558 12.21 -23.44 20.05
C ILE B 558 11.35 -24.06 18.94
N ASN B 559 11.39 -25.38 18.81
CA ASN B 559 10.59 -26.08 17.80
C ASN B 559 9.11 -25.93 18.09
N LYS B 560 8.34 -25.62 17.05
CA LYS B 560 6.90 -25.31 17.16
C LYS B 560 6.57 -24.16 18.13
N ARG B 561 7.58 -23.45 18.62
CA ARG B 561 7.40 -22.42 19.64
C ARG B 561 8.28 -21.22 19.31
N LEU B 562 7.97 -20.59 18.18
CA LEU B 562 8.94 -19.74 17.50
C LEU B 562 9.19 -18.38 18.12
N GLY B 563 8.25 -17.87 18.92
CA GLY B 563 8.44 -16.56 19.56
C GLY B 563 8.43 -16.63 21.07
N THR B 564 9.24 -17.52 21.63
CA THR B 564 9.17 -17.80 23.07
C THR B 564 10.53 -17.75 23.81
N LEU B 565 11.42 -18.71 23.59
CA LEU B 565 12.62 -18.84 24.41
C LEU B 565 13.72 -17.88 23.98
N GLU B 566 13.91 -17.72 22.67
CA GLU B 566 14.88 -16.74 22.16
C GLU B 566 14.47 -15.30 22.47
N VAL B 567 13.18 -15.08 22.69
CA VAL B 567 12.68 -13.79 23.17
C VAL B 567 13.12 -13.61 24.62
N GLU B 568 12.74 -14.57 25.47
CA GLU B 568 13.13 -14.60 26.88
C GLU B 568 14.64 -14.54 27.08
N ASP B 569 15.38 -15.27 26.26
CA ASP B 569 16.84 -15.33 26.38
C ASP B 569 17.54 -14.02 25.99
N GLN B 570 16.87 -13.19 25.18
CA GLN B 570 17.42 -11.88 24.83
C GLN B 570 17.28 -10.92 26.02
N ILE B 571 16.17 -11.07 26.75
CA ILE B 571 15.91 -10.28 27.95
C ILE B 571 16.92 -10.65 29.06
N GLU B 572 17.09 -11.94 29.31
CA GLU B 572 18.06 -12.43 30.30
C GLU B 572 19.49 -11.96 30.02
N ALA B 573 19.90 -12.04 28.76
CA ALA B 573 21.22 -11.56 28.35
C ALA B 573 21.41 -10.12 28.79
N ALA B 574 20.37 -9.31 28.63
CA ALA B 574 20.40 -7.91 29.07
C ALA B 574 20.52 -7.82 30.59
N ARG B 575 19.76 -8.64 31.30
CA ARG B 575 19.86 -8.71 32.75
C ARG B 575 21.27 -9.11 33.18
N GLN B 576 21.83 -10.10 32.50
CA GLN B 576 23.19 -10.53 32.77
C GLN B 576 24.19 -9.41 32.49
N PHE B 577 23.97 -8.66 31.42
CA PHE B 577 24.81 -7.49 31.13
C PHE B 577 24.66 -6.44 32.23
N LEU B 578 23.48 -6.33 32.81
CA LEU B 578 23.25 -5.40 33.92
C LEU B 578 24.03 -5.79 35.18
N LYS B 579 24.13 -7.09 35.46
CA LYS B 579 24.92 -7.57 36.59
C LYS B 579 26.40 -7.22 36.46
N MET B 580 26.90 -7.17 35.22
CA MET B 580 28.31 -6.87 34.97
C MET B 580 28.76 -5.49 35.44
N GLY B 581 27.80 -4.63 35.78
CA GLY B 581 28.10 -3.36 36.45
C GLY B 581 28.34 -2.15 35.57
N PHE B 582 28.67 -2.36 34.29
CA PHE B 582 29.04 -1.24 33.41
C PHE B 582 27.94 -0.81 32.42
N VAL B 583 26.69 -1.19 32.70
CA VAL B 583 25.55 -0.82 31.86
C VAL B 583 24.59 0.12 32.60
N ASP B 584 24.30 1.27 32.01
CA ASP B 584 23.29 2.18 32.54
C ASP B 584 21.90 1.56 32.33
N SER B 585 21.30 1.10 33.42
CA SER B 585 20.03 0.37 33.36
C SER B 585 18.84 1.21 32.90
N LYS B 586 18.97 2.54 32.98
CA LYS B 586 17.91 3.44 32.53
C LYS B 586 18.03 3.81 31.05
N ARG B 587 19.05 3.29 30.37
CA ARG B 587 19.27 3.57 28.94
C ARG B 587 19.65 2.29 28.20
N VAL B 588 18.75 1.30 28.24
CA VAL B 588 18.93 0.03 27.54
C VAL B 588 17.90 -0.04 26.41
N ALA B 589 18.38 -0.33 25.20
CA ALA B 589 17.50 -0.42 24.03
C ALA B 589 17.81 -1.66 23.22
N ILE B 590 16.95 -1.93 22.23
CA ILE B 590 17.07 -3.11 21.40
C ILE B 590 16.58 -2.83 19.98
N TRP B 591 17.24 -3.41 18.98
CA TRP B 591 16.74 -3.28 17.62
C TRP B 591 17.06 -4.52 16.79
N GLY B 592 16.27 -4.72 15.75
CA GLY B 592 16.51 -5.81 14.82
C GLY B 592 15.75 -5.65 13.52
N TRP B 593 16.17 -6.42 12.53
CA TRP B 593 15.63 -6.39 11.17
C TRP B 593 15.01 -7.75 10.90
N SER B 594 13.87 -7.78 10.21
CA SER B 594 13.24 -9.05 9.80
C SER B 594 12.84 -9.87 11.03
N TYR B 595 13.36 -11.09 11.19
CA TYR B 595 13.20 -11.84 12.44
C TYR B 595 13.68 -11.03 13.64
N GLY B 596 14.72 -10.23 13.44
CA GLY B 596 15.20 -9.30 14.46
C GLY B 596 14.15 -8.28 14.90
N GLY B 597 13.33 -7.82 13.95
CA GLY B 597 12.24 -6.91 14.25
C GLY B 597 11.10 -7.58 15.00
N TYR B 598 10.84 -8.84 14.69
CA TYR B 598 9.88 -9.66 15.44
C TYR B 598 10.31 -9.77 16.91
N VAL B 599 11.54 -10.23 17.13
CA VAL B 599 12.04 -10.48 18.48
C VAL B 599 12.13 -9.18 19.28
N THR B 600 12.61 -8.12 18.63
CA THR B 600 12.59 -6.78 19.21
C THR B 600 11.18 -6.44 19.71
N SER B 601 10.20 -6.57 18.81
CA SER B 601 8.84 -6.21 19.13
C SER B 601 8.27 -7.08 20.24
N MET B 602 8.55 -8.38 20.15
CA MET B 602 8.15 -9.32 21.19
C MET B 602 8.80 -8.96 22.53
N VAL B 603 10.09 -8.61 22.49
CA VAL B 603 10.80 -8.19 23.70
C VAL B 603 10.14 -6.95 24.31
N LEU B 604 9.87 -5.95 23.48
CA LEU B 604 9.27 -4.70 23.95
C LEU B 604 7.83 -4.89 24.45
N GLY B 605 7.12 -5.87 23.90
CA GLY B 605 5.76 -6.16 24.33
C GLY B 605 5.67 -7.16 25.46
N SER B 606 6.82 -7.57 25.99
CA SER B 606 6.89 -8.60 27.04
C SER B 606 6.58 -8.01 28.43
N GLY B 607 6.79 -6.71 28.59
CA GLY B 607 6.54 -6.02 29.86
C GLY B 607 7.63 -6.29 30.89
N SER B 608 8.83 -6.62 30.42
CA SER B 608 9.94 -6.99 31.31
C SER B 608 10.44 -5.81 32.13
N GLY B 609 10.36 -4.61 31.56
CA GLY B 609 10.80 -3.38 32.21
C GLY B 609 12.26 -3.02 31.97
N VAL B 610 12.99 -3.93 31.32
CA VAL B 610 14.43 -3.76 31.13
C VAL B 610 14.74 -2.74 30.04
N PHE B 611 13.88 -2.62 29.03
CA PHE B 611 14.17 -1.83 27.85
C PHE B 611 13.38 -0.54 27.78
N LYS B 612 14.09 0.58 27.62
CA LYS B 612 13.46 1.89 27.50
C LYS B 612 12.82 2.06 26.13
N CYS B 613 13.55 1.67 25.10
CA CYS B 613 13.08 1.84 23.73
C CYS B 613 13.63 0.76 22.81
N GLY B 614 13.19 0.78 21.57
CA GLY B 614 13.70 -0.10 20.55
C GLY B 614 13.15 0.20 19.17
N ILE B 615 13.74 -0.43 18.16
CA ILE B 615 13.41 -0.18 16.75
C ILE B 615 13.27 -1.51 16.00
N ALA B 616 12.09 -1.76 15.45
CA ALA B 616 11.84 -2.96 14.65
C ALA B 616 11.79 -2.55 13.20
N VAL B 617 12.65 -3.15 12.38
CA VAL B 617 12.70 -2.83 10.95
C VAL B 617 12.24 -4.03 10.14
N ALA B 618 11.15 -3.82 9.38
CA ALA B 618 10.54 -4.87 8.56
C ALA B 618 10.27 -6.14 9.35
N PRO B 619 9.59 -6.01 10.48
CA PRO B 619 9.35 -7.17 11.34
C PRO B 619 8.32 -8.13 10.78
N VAL B 620 8.53 -9.42 11.02
CA VAL B 620 7.44 -10.39 11.02
C VAL B 620 6.58 -10.02 12.23
N SER B 621 5.25 -10.05 12.06
CA SER B 621 4.32 -9.69 13.14
C SER B 621 3.40 -10.84 13.56
N ARG B 622 3.05 -11.71 12.63
CA ARG B 622 2.50 -13.01 12.98
C ARG B 622 2.79 -14.00 11.87
N TRP B 623 2.94 -15.26 12.25
CA TRP B 623 3.56 -16.22 11.35
C TRP B 623 2.67 -16.67 10.22
N GLU B 624 1.36 -16.52 10.39
CA GLU B 624 0.44 -16.78 9.28
C GLU B 624 0.71 -15.86 8.09
N TYR B 625 1.39 -14.74 8.30
CA TYR B 625 1.71 -13.77 7.24
C TYR B 625 2.97 -14.13 6.46
N TYR B 626 3.84 -14.96 7.02
CA TYR B 626 5.11 -15.28 6.38
C TYR B 626 4.99 -16.55 5.54
N ASP B 627 5.96 -16.78 4.65
CA ASP B 627 5.87 -17.88 3.69
C ASP B 627 5.96 -19.27 4.35
N SER B 628 5.36 -20.23 3.67
CA SER B 628 5.14 -21.58 4.20
C SER B 628 6.43 -22.36 4.47
N VAL B 629 7.35 -22.33 3.51
CA VAL B 629 8.56 -23.14 3.59
C VAL B 629 9.38 -22.78 4.83
N TYR B 630 9.64 -21.48 5.01
CA TYR B 630 10.34 -21.02 6.20
C TYR B 630 9.53 -21.24 7.46
N THR B 631 8.29 -20.76 7.46
CA THR B 631 7.47 -20.74 8.66
C THR B 631 7.14 -22.13 9.20
N GLU B 632 6.67 -23.01 8.31
CA GLU B 632 6.21 -24.34 8.71
C GLU B 632 7.38 -25.26 9.09
N ARG B 633 8.59 -24.88 8.73
CA ARG B 633 9.79 -25.59 9.16
C ARG B 633 9.93 -25.56 10.67
N TYR B 634 9.55 -24.43 11.28
CA TYR B 634 9.75 -24.19 12.70
C TYR B 634 8.43 -24.24 13.46
N MET B 635 7.37 -23.75 12.85
CA MET B 635 6.04 -23.80 13.41
C MET B 635 5.35 -24.97 12.73
N GLY B 636 4.13 -25.29 13.16
CA GLY B 636 3.39 -26.34 12.46
C GLY B 636 2.67 -25.75 11.26
N LEU B 637 1.54 -26.35 10.93
CA LEU B 637 0.54 -25.69 10.10
C LEU B 637 -0.39 -24.97 11.07
N PRO B 638 -0.93 -23.82 10.67
CA PRO B 638 -1.89 -23.12 11.51
C PRO B 638 -3.27 -23.79 11.48
N THR B 639 -3.34 -25.01 12.02
CA THR B 639 -4.59 -25.77 12.09
C THR B 639 -4.86 -26.18 13.53
N PRO B 640 -6.14 -26.33 13.90
CA PRO B 640 -6.45 -26.85 15.25
C PRO B 640 -5.79 -28.21 15.52
N GLU B 641 -5.70 -29.03 14.48
CA GLU B 641 -5.07 -30.35 14.57
C GLU B 641 -3.57 -30.27 14.88
N ASP B 642 -2.91 -29.20 14.46
CA ASP B 642 -1.47 -29.05 14.64
C ASP B 642 -1.13 -27.91 15.62
N ASN B 643 -0.69 -26.76 15.12
CA ASN B 643 -0.08 -25.74 15.98
C ASN B 643 -0.77 -24.37 15.90
N LEU B 644 -2.07 -24.35 15.63
CA LEU B 644 -2.82 -23.10 15.52
C LEU B 644 -2.80 -22.23 16.78
N ASP B 645 -2.80 -22.87 17.96
CA ASP B 645 -2.83 -22.14 19.23
C ASP B 645 -1.62 -21.23 19.39
N HIS B 646 -0.44 -21.74 19.04
CA HIS B 646 0.78 -20.94 19.16
C HIS B 646 0.97 -19.93 18.03
N TYR B 647 0.43 -20.22 16.84
CA TYR B 647 0.34 -19.20 15.79
C TYR B 647 -0.43 -17.98 16.33
N ARG B 648 -1.56 -18.24 16.99
CA ARG B 648 -2.41 -17.20 17.58
C ARG B 648 -1.75 -16.51 18.78
N ASN B 649 -0.91 -17.24 19.51
CA ASN B 649 -0.28 -16.71 20.73
C ASN B 649 1.08 -16.03 20.54
N SER B 650 1.71 -16.23 19.39
CA SER B 650 3.07 -15.69 19.19
C SER B 650 3.09 -14.44 18.29
N THR B 651 2.04 -13.63 18.36
CA THR B 651 1.89 -12.45 17.49
C THR B 651 2.29 -11.19 18.22
N VAL B 652 2.85 -10.23 17.49
CA VAL B 652 3.21 -8.95 18.10
C VAL B 652 1.95 -8.21 18.53
N MET B 653 0.91 -8.24 17.69
CA MET B 653 -0.32 -7.50 17.94
C MET B 653 -0.93 -7.77 19.32
N SER B 654 -0.98 -9.03 19.73
CA SER B 654 -1.58 -9.40 21.03
C SER B 654 -0.95 -8.67 22.22
N ARG B 655 0.34 -8.35 22.09
CA ARG B 655 1.08 -7.64 23.14
C ARG B 655 1.00 -6.11 23.06
N ALA B 656 0.11 -5.57 22.23
CA ALA B 656 0.00 -4.12 22.00
C ALA B 656 -0.03 -3.26 23.28
N GLU B 657 -0.81 -3.69 24.27
CA GLU B 657 -1.00 -2.88 25.47
C GLU B 657 0.31 -2.64 26.23
N ASN B 658 1.19 -3.64 26.25
CA ASN B 658 2.48 -3.53 26.93
C ASN B 658 3.45 -2.52 26.31
N PHE B 659 3.20 -2.08 25.07
CA PHE B 659 4.02 -1.02 24.45
C PHE B 659 3.78 0.37 25.05
N LYS B 660 2.88 0.47 26.03
CA LYS B 660 2.64 1.73 26.74
C LYS B 660 3.81 2.14 27.63
N GLN B 661 4.65 1.17 28.00
CA GLN B 661 5.77 1.42 28.91
C GLN B 661 7.14 1.46 28.21
N VAL B 662 7.12 1.69 26.88
CA VAL B 662 8.34 1.77 26.07
C VAL B 662 8.16 2.77 24.92
N GLU B 663 9.28 3.19 24.33
CA GLU B 663 9.26 4.02 23.13
C GLU B 663 9.65 3.14 21.94
N TYR B 664 8.76 3.05 20.95
CA TYR B 664 8.86 2.09 19.86
C TYR B 664 8.94 2.81 18.52
N LEU B 665 9.89 2.41 17.68
CA LEU B 665 10.03 2.94 16.31
C LEU B 665 9.84 1.79 15.32
N LEU B 666 8.83 1.91 14.45
CA LEU B 666 8.44 0.87 13.51
C LEU B 666 8.80 1.29 12.09
N ILE B 667 9.55 0.46 11.37
CA ILE B 667 10.03 0.83 10.03
C ILE B 667 9.80 -0.31 9.03
N HIS B 668 9.14 0.00 7.92
CA HIS B 668 8.93 -0.99 6.86
C HIS B 668 8.97 -0.38 5.46
N GLY B 669 9.47 -1.15 4.50
CA GLY B 669 9.41 -0.77 3.08
C GLY B 669 8.08 -1.18 2.47
N THR B 670 7.47 -0.28 1.71
CA THR B 670 6.17 -0.54 1.07
C THR B 670 6.24 -1.62 0.00
N ALA B 671 7.38 -1.78 -0.66
CA ALA B 671 7.53 -2.79 -1.72
C ALA B 671 8.30 -4.02 -1.23
N ASP B 672 8.14 -4.36 0.05
CA ASP B 672 8.79 -5.53 0.62
C ASP B 672 8.04 -6.76 0.13
N ASP B 673 8.66 -7.52 -0.76
CA ASP B 673 8.10 -8.77 -1.27
C ASP B 673 8.27 -9.94 -0.30
N ASN B 674 9.21 -9.82 0.63
CA ASN B 674 9.64 -10.90 1.52
C ASN B 674 8.82 -10.87 2.81
N VAL B 675 9.12 -9.94 3.70
CA VAL B 675 8.24 -9.67 4.84
C VAL B 675 7.37 -8.48 4.45
N HIS B 676 6.11 -8.78 4.15
CA HIS B 676 5.21 -7.81 3.54
C HIS B 676 4.80 -6.69 4.49
N PHE B 677 4.62 -5.49 3.91
CA PHE B 677 4.28 -4.30 4.66
C PHE B 677 3.05 -4.52 5.54
N GLN B 678 2.14 -5.36 5.04
CA GLN B 678 1.04 -5.92 5.84
C GLN B 678 1.41 -6.19 7.30
N GLN B 679 2.55 -6.83 7.50
CA GLN B 679 2.95 -7.26 8.84
C GLN B 679 3.09 -6.06 9.78
N SER B 680 3.70 -4.98 9.31
CA SER B 680 3.78 -3.74 10.10
C SER B 680 2.48 -2.95 10.08
N ALA B 681 1.69 -3.11 9.02
CA ALA B 681 0.39 -2.47 8.96
C ALA B 681 -0.50 -2.97 10.08
N GLN B 682 -0.38 -4.26 10.40
CA GLN B 682 -1.17 -4.86 11.46
C GLN B 682 -0.63 -4.51 12.84
N ILE B 683 0.69 -4.38 12.99
CA ILE B 683 1.26 -3.93 14.26
C ILE B 683 0.76 -2.52 14.56
N SER B 684 0.85 -1.64 13.58
CA SER B 684 0.42 -0.26 13.77
C SER B 684 -1.09 -0.14 14.03
N LYS B 685 -1.88 -1.00 13.40
CA LYS B 685 -3.33 -0.97 13.63
C LYS B 685 -3.69 -1.42 15.06
N ALA B 686 -3.03 -2.47 15.53
CA ALA B 686 -3.24 -2.95 16.91
C ALA B 686 -2.72 -1.95 17.95
N LEU B 687 -1.62 -1.27 17.65
CA LEU B 687 -1.11 -0.23 18.56
C LEU B 687 -2.08 0.96 18.63
N VAL B 688 -2.53 1.42 17.48
CA VAL B 688 -3.58 2.45 17.39
C VAL B 688 -4.84 2.01 18.14
N ASP B 689 -5.30 0.79 17.91
CA ASP B 689 -6.47 0.26 18.63
C ASP B 689 -6.29 0.32 20.15
N ALA B 690 -5.08 0.03 20.62
CA ALA B 690 -4.81 -0.06 22.06
C ALA B 690 -4.45 1.29 22.71
N GLY B 691 -4.47 2.38 21.95
CA GLY B 691 -4.18 3.71 22.50
C GLY B 691 -2.73 3.96 22.89
N VAL B 692 -1.79 3.27 22.27
CA VAL B 692 -0.36 3.43 22.61
C VAL B 692 0.35 4.26 21.55
N ASP B 693 1.15 5.22 22.00
CA ASP B 693 1.93 6.05 21.09
C ASP B 693 3.23 5.35 20.73
N PHE B 694 3.72 5.67 19.55
CA PHE B 694 4.90 5.03 18.98
C PHE B 694 5.23 5.84 17.75
N GLN B 695 6.42 5.61 17.19
CA GLN B 695 6.88 6.33 16.01
C GLN B 695 6.99 5.36 14.85
N ALA B 696 6.78 5.87 13.64
CA ALA B 696 6.71 5.03 12.47
C ALA B 696 7.41 5.68 11.29
N MET B 697 7.86 4.85 10.35
CA MET B 697 8.41 5.33 9.10
C MET B 697 8.24 4.25 8.04
N TRP B 698 7.68 4.63 6.90
CA TRP B 698 7.56 3.74 5.77
C TRP B 698 8.57 4.21 4.74
N TYR B 699 9.08 3.29 3.92
CA TYR B 699 9.95 3.67 2.81
C TYR B 699 9.34 3.26 1.49
N THR B 700 8.84 4.28 0.79
CA THR B 700 8.17 4.12 -0.48
C THR B 700 9.05 3.35 -1.46
N ASP B 701 8.46 2.28 -2.01
CA ASP B 701 9.10 1.46 -3.03
C ASP B 701 10.34 0.70 -2.60
N GLU B 702 10.69 0.72 -1.31
CA GLU B 702 11.84 -0.05 -0.83
C GLU B 702 11.40 -1.47 -0.49
N ASP B 703 12.30 -2.42 -0.73
CA ASP B 703 12.02 -3.82 -0.43
C ASP B 703 12.65 -4.21 0.91
N HIS B 704 12.78 -5.52 1.15
CA HIS B 704 13.23 -6.01 2.46
C HIS B 704 14.60 -5.47 2.88
N GLY B 705 15.50 -5.28 1.91
CA GLY B 705 16.83 -4.76 2.20
C GLY B 705 16.85 -3.28 2.59
N ILE B 706 15.88 -2.51 2.11
CA ILE B 706 15.90 -1.04 2.19
C ILE B 706 17.28 -0.56 1.72
N ALA B 707 17.65 -1.00 0.52
CA ALA B 707 19.02 -0.89 0.04
C ALA B 707 19.28 0.20 -0.99
N SER B 708 18.23 0.93 -1.42
CA SER B 708 18.46 2.11 -2.26
C SER B 708 19.34 3.05 -1.46
N SER B 709 20.40 3.53 -2.10
CA SER B 709 21.43 4.33 -1.44
C SER B 709 20.86 5.40 -0.52
N THR B 710 19.87 6.15 -1.02
CA THR B 710 19.28 7.25 -0.28
C THR B 710 18.42 6.75 0.88
N ALA B 711 17.67 5.68 0.64
CA ALA B 711 16.86 5.07 1.70
C ALA B 711 17.76 4.52 2.78
N HIS B 712 18.85 3.87 2.38
CA HIS B 712 19.83 3.31 3.32
C HIS B 712 20.38 4.37 4.27
N GLN B 713 20.79 5.50 3.70
CA GLN B 713 21.33 6.60 4.48
C GLN B 713 20.25 7.21 5.35
N HIS B 714 19.03 7.29 4.82
CA HIS B 714 17.93 7.91 5.54
C HIS B 714 17.48 7.09 6.76
N ILE B 715 17.32 5.78 6.60
CA ILE B 715 16.84 4.92 7.70
C ILE B 715 17.83 4.89 8.88
N TYR B 716 19.11 4.80 8.59
CA TYR B 716 20.11 4.74 9.64
C TYR B 716 20.28 6.06 10.40
N SER B 717 20.15 7.19 9.71
CA SER B 717 20.20 8.49 10.41
C SER B 717 18.90 8.77 11.17
N HIS B 718 17.76 8.34 10.62
CA HIS B 718 16.50 8.38 11.37
C HIS B 718 16.58 7.54 12.63
N MET B 719 17.04 6.30 12.49
CA MET B 719 17.26 5.41 13.65
C MET B 719 18.27 5.99 14.63
N SER B 720 19.29 6.66 14.12
CA SER B 720 20.32 7.25 14.98
C SER B 720 19.73 8.35 15.86
N HIS B 721 19.00 9.28 15.25
CA HIS B 721 18.27 10.34 15.96
C HIS B 721 17.37 9.76 17.06
N PHE B 722 16.75 8.63 16.79
CA PHE B 722 15.80 8.02 17.75
C PHE B 722 16.53 7.55 19.00
N LEU B 723 17.69 6.91 18.81
CA LEU B 723 18.57 6.51 19.91
C LEU B 723 19.15 7.70 20.67
N GLN B 724 19.48 8.77 19.96
CA GLN B 724 20.00 9.99 20.59
C GLN B 724 18.98 10.56 21.57
N GLN B 725 17.73 10.68 21.11
CA GLN B 725 16.64 11.15 21.95
C GLN B 725 16.40 10.18 23.12
N CYS B 726 16.28 8.90 22.81
CA CYS B 726 16.05 7.87 23.83
C CYS B 726 17.12 7.85 24.92
N PHE B 727 18.38 8.09 24.52
CA PHE B 727 19.51 8.07 25.46
C PHE B 727 19.96 9.46 25.93
N SER B 728 19.28 10.52 25.49
CA SER B 728 19.60 11.89 25.90
C SER B 728 21.03 12.32 25.52
N LEU B 729 21.34 12.21 24.22
CA LEU B 729 22.65 12.56 23.68
C LEU B 729 22.59 13.90 22.94
N ARG B 730 21.71 13.95 21.93
CA ARG B 730 21.64 15.05 20.95
C ARG B 730 22.09 16.42 21.46
N GLN C 1 16.12 0.32 -25.82
CA GLN C 1 16.96 1.54 -25.59
C GLN C 1 16.36 2.41 -24.48
N ILE C 2 17.21 2.99 -23.63
CA ILE C 2 16.74 3.98 -22.66
C ILE C 2 16.54 5.34 -23.33
N VAL C 3 15.30 5.79 -23.35
CA VAL C 3 14.94 7.08 -23.95
C VAL C 3 15.27 8.21 -22.97
N LEU C 4 16.19 9.09 -23.38
CA LEU C 4 16.50 10.30 -22.61
C LEU C 4 15.68 11.47 -23.13
N SER C 5 15.12 12.26 -22.21
CA SER C 5 14.37 13.46 -22.56
C SER C 5 15.02 14.68 -21.90
N GLN C 6 15.35 15.69 -22.70
CA GLN C 6 16.05 16.88 -22.23
C GLN C 6 15.05 17.94 -21.78
N SER C 7 15.30 18.49 -20.59
CA SER C 7 14.43 19.50 -19.99
C SER C 7 15.21 20.78 -19.69
N PRO C 8 14.95 21.87 -20.45
CA PRO C 8 14.06 22.01 -21.61
C PRO C 8 14.84 22.06 -22.94
N ALA C 9 14.13 22.29 -24.04
CA ALA C 9 14.75 22.40 -25.36
C ALA C 9 15.71 23.60 -25.42
N ILE C 10 15.19 24.78 -25.08
CA ILE C 10 15.96 26.02 -25.08
C ILE C 10 15.72 26.77 -23.77
N LEU C 11 16.79 27.07 -23.05
CA LEU C 11 16.71 27.84 -21.80
C LEU C 11 17.46 29.17 -21.95
N SER C 12 16.71 30.27 -21.84
CA SER C 12 17.27 31.62 -22.02
C SER C 12 17.57 32.30 -20.68
N ALA C 13 18.86 32.51 -20.40
CA ALA C 13 19.31 33.14 -19.14
C ALA C 13 20.52 34.05 -19.34
N SER C 14 20.60 35.10 -18.54
CA SER C 14 21.58 36.19 -18.74
C SER C 14 23.03 35.79 -18.41
N PRO C 15 24.00 36.64 -18.78
CA PRO C 15 25.39 36.42 -18.35
C PRO C 15 25.60 36.70 -16.85
N GLY C 16 26.30 35.80 -16.16
CA GLY C 16 26.47 35.88 -14.71
C GLY C 16 25.44 35.06 -13.96
N GLU C 17 24.18 35.17 -14.38
CA GLU C 17 23.06 34.41 -13.81
C GLU C 17 23.31 32.91 -13.73
N LYS C 18 22.65 32.25 -12.78
CA LYS C 18 22.82 30.81 -12.55
C LYS C 18 21.89 30.02 -13.46
N VAL C 19 22.43 28.98 -14.09
CA VAL C 19 21.67 28.16 -15.03
C VAL C 19 21.83 26.68 -14.68
N THR C 20 20.71 26.00 -14.45
CA THR C 20 20.75 24.57 -14.16
C THR C 20 20.08 23.78 -15.29
N MET C 21 20.53 22.55 -15.46
CA MET C 21 20.23 21.76 -16.63
C MET C 21 20.03 20.31 -16.20
N THR C 22 18.90 19.70 -16.57
CA THR C 22 18.56 18.35 -16.10
C THR C 22 18.16 17.38 -17.22
N CYS C 23 18.72 16.17 -17.17
CA CYS C 23 18.37 15.08 -18.08
C CYS C 23 17.57 14.04 -17.31
N ARG C 24 16.47 13.58 -17.91
CA ARG C 24 15.61 12.57 -17.27
C ARG C 24 15.30 11.39 -18.21
N ALA C 25 15.59 10.18 -17.73
CA ALA C 25 15.52 8.96 -18.54
C ALA C 25 14.15 8.29 -18.45
N SER C 26 14.05 7.11 -19.06
CA SER C 26 12.88 6.24 -18.90
C SER C 26 13.16 5.08 -17.92
N SER C 27 14.43 4.81 -17.66
CA SER C 27 14.84 3.84 -16.63
C SER C 27 16.05 4.37 -15.89
N SER C 28 16.36 3.77 -14.75
CA SER C 28 17.44 4.26 -13.89
C SER C 28 18.80 4.21 -14.59
N VAL C 29 19.65 5.17 -14.24
CA VAL C 29 20.98 5.34 -14.83
C VAL C 29 21.98 5.63 -13.71
N ASN C 30 23.15 4.98 -13.77
CA ASN C 30 24.16 5.12 -12.71
C ASN C 30 24.91 6.45 -12.76
N ASN C 31 25.14 6.98 -13.96
CA ASN C 31 25.96 8.17 -14.16
C ASN C 31 25.62 8.87 -15.47
N MET C 32 25.05 10.07 -15.38
CA MET C 32 24.68 10.85 -16.57
C MET C 32 25.82 11.74 -17.04
N HIS C 33 25.99 11.82 -18.36
CA HIS C 33 27.07 12.58 -18.98
C HIS C 33 26.53 13.78 -19.73
N TRP C 34 27.42 14.71 -20.09
CA TRP C 34 27.04 15.97 -20.73
C TRP C 34 28.04 16.42 -21.79
N TYR C 35 27.55 16.80 -22.97
CA TYR C 35 28.41 17.21 -24.09
C TYR C 35 27.99 18.58 -24.64
N GLN C 36 28.99 19.43 -24.91
CA GLN C 36 28.76 20.79 -25.42
C GLN C 36 29.03 20.85 -26.92
N GLN C 37 28.06 21.35 -27.69
CA GLN C 37 28.21 21.46 -29.15
C GLN C 37 27.65 22.79 -29.67
N LYS C 38 28.46 23.48 -30.48
CA LYS C 38 28.02 24.69 -31.17
C LYS C 38 27.75 24.35 -32.64
N PRO C 39 26.76 25.01 -33.26
CA PRO C 39 26.48 24.84 -34.70
C PRO C 39 27.74 24.91 -35.57
N GLY C 40 27.87 23.97 -36.50
CA GLY C 40 29.02 23.91 -37.39
C GLY C 40 30.32 23.44 -36.74
N SER C 41 30.21 22.84 -35.56
CA SER C 41 31.36 22.32 -34.83
C SER C 41 30.99 21.02 -34.12
N SER C 42 31.98 20.19 -33.84
CA SER C 42 31.76 18.91 -33.18
C SER C 42 31.46 19.10 -31.69
N PRO C 43 30.79 18.11 -31.06
CA PRO C 43 30.58 18.11 -29.61
C PRO C 43 31.89 18.09 -28.81
N LYS C 44 31.82 18.59 -27.57
CA LYS C 44 33.00 18.69 -26.70
C LYS C 44 32.75 17.99 -25.36
N PRO C 45 33.74 17.20 -24.89
CA PRO C 45 33.63 16.52 -23.61
C PRO C 45 33.66 17.49 -22.44
N TRP C 46 32.52 17.66 -21.78
CA TRP C 46 32.39 18.68 -20.75
C TRP C 46 32.46 18.14 -19.31
N LEU C 47 31.49 17.32 -18.94
CA LEU C 47 31.39 16.79 -17.58
C LEU C 47 31.19 15.27 -17.58
N HIS C 48 32.21 14.54 -17.16
CA HIS C 48 32.14 13.08 -17.04
C HIS C 48 31.91 12.66 -15.59
N GLY C 49 31.70 11.36 -15.37
CA GLY C 49 31.08 10.88 -14.15
C GLY C 49 29.69 11.49 -14.13
N THR C 50 29.39 12.27 -13.09
CA THR C 50 28.33 13.27 -13.19
C THR C 50 28.84 14.66 -12.77
N SER C 51 29.97 14.71 -12.07
CA SER C 51 30.49 15.93 -11.47
C SER C 51 31.97 16.21 -11.78
N ASN C 52 32.59 15.40 -12.62
CA ASN C 52 34.01 15.55 -12.95
C ASN C 52 34.21 16.27 -14.28
N LEU C 53 34.93 17.39 -14.24
CA LEU C 53 35.19 18.19 -15.44
C LEU C 53 36.45 17.71 -16.15
N ALA C 54 36.43 17.77 -17.48
CA ALA C 54 37.53 17.26 -18.31
C ALA C 54 38.71 18.23 -18.34
N SER C 55 39.80 17.81 -18.99
CA SER C 55 41.02 18.62 -19.08
C SER C 55 40.79 19.87 -19.95
N GLY C 56 40.62 21.01 -19.29
CA GLY C 56 40.37 22.29 -19.97
C GLY C 56 38.99 22.88 -19.67
N VAL C 57 38.12 22.10 -19.06
CA VAL C 57 36.75 22.52 -18.74
C VAL C 57 36.76 23.43 -17.50
N PRO C 58 36.09 24.59 -17.58
CA PRO C 58 36.16 25.56 -16.47
C PRO C 58 35.44 25.12 -15.18
N VAL C 59 35.70 25.83 -14.09
CA VAL C 59 35.21 25.45 -12.75
C VAL C 59 33.85 26.08 -12.40
N ARG C 60 33.36 26.99 -13.25
CA ARG C 60 32.01 27.55 -13.09
C ARG C 60 30.90 26.57 -13.49
N PHE C 61 31.30 25.38 -13.97
CA PHE C 61 30.37 24.31 -14.34
C PHE C 61 30.46 23.15 -13.34
N SER C 62 29.33 22.50 -13.10
CA SER C 62 29.26 21.35 -12.17
C SER C 62 27.98 20.54 -12.39
N GLY C 63 27.95 19.31 -11.86
CA GLY C 63 26.78 18.44 -12.05
C GLY C 63 26.52 17.46 -10.91
N SER C 64 25.30 16.91 -10.88
CA SER C 64 24.89 15.99 -9.82
C SER C 64 23.60 15.24 -10.22
N GLY C 65 23.16 14.33 -9.34
CA GLY C 65 21.88 13.62 -9.53
C GLY C 65 21.98 12.11 -9.49
N SER C 66 20.82 11.45 -9.65
CA SER C 66 20.71 10.00 -9.56
C SER C 66 19.39 9.50 -10.17
N GLY C 67 19.35 8.22 -10.53
CA GLY C 67 18.10 7.58 -10.97
C GLY C 67 17.61 8.05 -12.32
N THR C 68 16.35 8.49 -12.38
CA THR C 68 15.75 8.99 -13.61
C THR C 68 15.68 10.52 -13.67
N SER C 69 16.63 11.19 -13.02
CA SER C 69 16.73 12.66 -13.06
C SER C 69 18.09 13.15 -12.56
N PHE C 70 18.99 13.38 -13.52
CA PHE C 70 20.31 13.94 -13.23
C PHE C 70 20.33 15.44 -13.53
N SER C 71 21.44 16.10 -13.19
CA SER C 71 21.54 17.56 -13.37
C SER C 71 22.96 18.06 -13.66
N LEU C 72 23.01 19.26 -14.24
CA LEU C 72 24.25 19.99 -14.49
C LEU C 72 23.98 21.49 -14.32
N THR C 73 24.87 22.18 -13.61
CA THR C 73 24.69 23.59 -13.33
C THR C 73 25.84 24.43 -13.88
N ILE C 74 25.50 25.43 -14.68
CA ILE C 74 26.45 26.46 -15.10
C ILE C 74 26.30 27.61 -14.12
N SER C 75 27.29 27.79 -13.25
CA SER C 75 27.20 28.75 -12.16
C SER C 75 27.26 30.19 -12.65
N ARG C 76 28.25 30.48 -13.48
CA ARG C 76 28.52 31.85 -13.94
C ARG C 76 28.63 31.88 -15.46
N VAL C 77 27.53 32.25 -16.13
CA VAL C 77 27.44 32.13 -17.59
C VAL C 77 28.24 33.22 -18.32
N GLU C 78 29.20 32.79 -19.14
CA GLU C 78 29.90 33.68 -20.06
C GLU C 78 29.10 33.81 -21.36
N ALA C 79 29.57 34.65 -22.27
CA ALA C 79 29.00 34.73 -23.61
C ALA C 79 29.40 33.50 -24.44
N GLU C 80 30.61 32.98 -24.18
CA GLU C 80 31.16 31.83 -24.91
C GLU C 80 30.37 30.54 -24.67
N ASP C 81 29.66 30.49 -23.55
CA ASP C 81 28.85 29.31 -23.19
C ASP C 81 27.67 29.09 -24.12
N ALA C 82 27.29 30.11 -24.90
CA ALA C 82 26.25 30.00 -25.91
C ALA C 82 26.50 28.79 -26.81
N ALA C 83 25.76 27.71 -26.55
CA ALA C 83 25.92 26.45 -27.26
C ALA C 83 24.68 25.57 -27.06
N THR C 84 24.78 24.31 -27.47
CA THR C 84 23.76 23.31 -27.14
C THR C 84 24.44 22.19 -26.37
N TYR C 85 23.75 21.70 -25.33
CA TYR C 85 24.27 20.68 -24.44
C TYR C 85 23.46 19.39 -24.54
N PHE C 86 24.12 18.28 -24.85
CA PHE C 86 23.49 16.97 -24.96
C PHE C 86 23.82 16.11 -23.75
N CYS C 87 22.83 15.45 -23.18
CA CYS C 87 23.06 14.46 -22.12
C CYS C 87 23.23 13.07 -22.73
N GLN C 88 24.26 12.35 -22.27
CA GLN C 88 24.54 11.00 -22.73
C GLN C 88 24.35 10.01 -21.60
N GLN C 89 23.70 8.90 -21.90
CA GLN C 89 23.56 7.79 -20.97
C GLN C 89 24.30 6.59 -21.55
N TRP C 90 25.11 5.91 -20.74
CA TRP C 90 25.65 4.60 -21.11
C TRP C 90 25.94 3.68 -19.92
N SER C 91 25.00 3.62 -18.98
CA SER C 91 24.98 2.58 -17.94
C SER C 91 24.04 1.45 -18.40
N ASN C 92 23.29 1.71 -19.46
CA ASN C 92 22.48 0.72 -20.15
C ASN C 92 22.82 0.74 -21.64
N HIS C 93 23.22 -0.41 -22.17
CA HIS C 93 23.55 -0.54 -23.59
C HIS C 93 22.26 -0.69 -24.41
N PRO C 94 22.20 -0.04 -25.59
CA PRO C 94 23.17 0.86 -26.20
C PRO C 94 23.12 2.27 -25.63
N PRO C 95 24.22 3.04 -25.78
CA PRO C 95 24.26 4.42 -25.31
C PRO C 95 23.28 5.31 -26.07
N THR C 96 22.74 6.31 -25.37
CA THR C 96 21.70 7.17 -25.93
C THR C 96 21.96 8.63 -25.62
N PHE C 97 21.36 9.50 -26.42
CA PHE C 97 21.50 10.95 -26.29
C PHE C 97 20.12 11.56 -26.14
N GLY C 98 20.06 12.73 -25.51
CA GLY C 98 18.79 13.38 -25.23
C GLY C 98 18.04 13.98 -26.42
N GLY C 99 18.61 15.03 -26.99
CA GLY C 99 17.86 15.98 -27.83
C GLY C 99 17.99 17.30 -27.11
N GLY C 100 19.19 17.85 -27.21
CA GLY C 100 19.81 18.69 -26.16
C GLY C 100 19.12 19.93 -25.60
N THR C 101 19.84 20.56 -24.67
CA THR C 101 19.45 21.83 -24.07
C THR C 101 20.26 22.94 -24.74
N LYS C 102 19.59 23.73 -25.60
CA LYS C 102 20.24 24.86 -26.27
C LYS C 102 20.43 26.03 -25.29
N LEU C 103 21.65 26.18 -24.77
CA LEU C 103 21.97 27.25 -23.83
C LEU C 103 21.91 28.62 -24.53
N GLU C 104 20.72 29.20 -24.54
CA GLU C 104 20.49 30.52 -25.13
C GLU C 104 20.87 31.59 -24.10
N ILE C 105 21.49 32.68 -24.56
CA ILE C 105 21.92 33.77 -23.68
C ILE C 105 21.00 34.98 -23.80
N ASP C 106 20.79 35.66 -22.67
CA ASP C 106 19.84 36.76 -22.57
C ASP C 106 20.55 38.11 -22.37
N ARG C 107 20.77 38.82 -23.48
CA ARG C 107 21.37 40.16 -23.47
C ARG C 107 20.31 41.23 -23.80
N ALA C 108 20.74 42.49 -23.84
CA ALA C 108 19.84 43.61 -24.15
C ALA C 108 19.33 43.58 -25.58
N ASP C 109 18.25 44.33 -25.84
CA ASP C 109 17.64 44.39 -27.16
C ASP C 109 18.42 45.31 -28.10
N ALA C 110 18.12 45.22 -29.39
CA ALA C 110 18.77 46.05 -30.42
C ALA C 110 17.95 46.06 -31.72
N ALA C 111 18.17 47.07 -32.54
CA ALA C 111 17.46 47.22 -33.81
C ALA C 111 18.25 46.57 -34.96
N PRO C 112 17.54 46.04 -35.97
CA PRO C 112 18.20 45.41 -37.12
C PRO C 112 18.74 46.44 -38.10
N THR C 113 20.01 46.30 -38.49
CA THR C 113 20.61 47.17 -39.50
C THR C 113 20.15 46.70 -40.88
N VAL C 114 19.24 47.46 -41.49
CA VAL C 114 18.60 47.06 -42.75
C VAL C 114 19.33 47.65 -43.96
N SER C 115 19.85 46.77 -44.82
CA SER C 115 20.50 47.17 -46.07
C SER C 115 19.63 46.75 -47.25
N ILE C 116 20.10 46.99 -48.47
CA ILE C 116 19.40 46.57 -49.68
C ILE C 116 20.39 46.41 -50.83
N PHE C 117 20.15 45.42 -51.68
CA PHE C 117 21.06 45.07 -52.78
C PHE C 117 20.31 44.69 -54.06
N PRO C 118 20.31 45.59 -55.06
CA PRO C 118 19.86 45.21 -56.40
C PRO C 118 20.73 44.09 -57.00
N PRO C 119 20.24 43.42 -58.06
CA PRO C 119 21.01 42.34 -58.67
C PRO C 119 22.27 42.86 -59.37
N SER C 120 23.40 42.19 -59.14
CA SER C 120 24.67 42.58 -59.76
C SER C 120 24.64 42.31 -61.26
N SER C 121 25.44 43.09 -62.00
CA SER C 121 25.47 43.00 -63.47
C SER C 121 25.94 41.62 -63.98
N GLU C 122 26.69 40.89 -63.17
CA GLU C 122 27.12 39.53 -63.52
C GLU C 122 25.95 38.54 -63.52
N GLN C 123 25.01 38.73 -62.60
CA GLN C 123 23.85 37.85 -62.48
C GLN C 123 22.83 38.06 -63.60
N LEU C 124 22.64 39.33 -63.99
CA LEU C 124 21.69 39.68 -65.07
C LEU C 124 21.96 38.93 -66.38
N THR C 125 23.24 38.64 -66.65
CA THR C 125 23.64 37.95 -67.88
C THR C 125 23.21 36.46 -67.91
N SER C 126 22.79 35.93 -66.78
CA SER C 126 22.37 34.53 -66.67
C SER C 126 20.86 34.32 -66.91
N GLY C 127 20.23 35.25 -67.61
CA GLY C 127 18.80 35.18 -67.90
C GLY C 127 17.91 35.25 -66.67
N GLY C 128 18.42 35.89 -65.61
CA GLY C 128 17.71 35.97 -64.33
C GLY C 128 18.29 37.06 -63.45
N ALA C 129 17.52 37.49 -62.45
CA ALA C 129 17.95 38.57 -61.55
C ALA C 129 17.40 38.35 -60.14
N SER C 130 18.28 38.46 -59.15
CA SER C 130 17.93 38.23 -57.75
C SER C 130 18.15 39.48 -56.90
N VAL C 131 17.06 40.03 -56.36
CA VAL C 131 17.12 41.17 -55.45
C VAL C 131 17.39 40.66 -54.03
N VAL C 132 18.38 41.26 -53.38
CA VAL C 132 18.82 40.83 -52.05
C VAL C 132 18.56 41.93 -51.02
N CYS C 133 18.26 41.52 -49.79
CA CYS C 133 17.99 42.45 -48.69
C CYS C 133 18.52 41.86 -47.38
N PHE C 134 19.41 42.60 -46.72
CA PHE C 134 20.15 42.09 -45.55
C PHE C 134 19.69 42.69 -44.22
N LEU C 135 19.93 41.94 -43.15
CA LEU C 135 19.56 42.33 -41.78
C LEU C 135 20.65 41.85 -40.82
N ASN C 136 21.71 42.64 -40.66
CA ASN C 136 22.91 42.19 -39.95
C ASN C 136 22.74 41.97 -38.44
N ASN C 137 23.12 42.93 -37.60
CA ASN C 137 23.03 42.74 -36.15
C ASN C 137 21.58 42.74 -35.67
N PHE C 138 21.24 41.74 -34.85
CA PHE C 138 19.83 41.42 -34.55
C PHE C 138 19.66 41.02 -33.09
N TYR C 139 18.40 41.05 -32.63
CA TYR C 139 18.00 40.42 -31.37
C TYR C 139 16.51 40.00 -31.37
N PRO C 140 15.59 40.89 -31.81
CA PRO C 140 14.20 40.42 -31.99
C PRO C 140 14.06 39.43 -33.15
N LYS C 141 14.02 38.14 -32.83
CA LYS C 141 13.93 37.08 -33.83
C LYS C 141 12.49 36.87 -34.35
N ASP C 142 11.51 37.45 -33.65
CA ASP C 142 10.13 37.45 -34.14
C ASP C 142 10.01 38.47 -35.26
N ILE C 143 10.10 38.01 -36.51
CA ILE C 143 10.02 38.89 -37.68
C ILE C 143 9.35 38.21 -38.87
N ASN C 144 8.47 38.97 -39.53
CA ASN C 144 7.75 38.49 -40.71
C ASN C 144 7.94 39.49 -41.86
N VAL C 145 8.85 39.15 -42.77
CA VAL C 145 9.25 40.07 -43.85
C VAL C 145 8.36 39.91 -45.08
N LYS C 146 8.16 41.01 -45.81
CA LYS C 146 7.36 41.00 -47.04
C LYS C 146 7.92 41.98 -48.08
N TRP C 147 7.49 41.79 -49.33
CA TRP C 147 8.00 42.58 -50.46
C TRP C 147 6.86 43.21 -51.27
N LYS C 148 7.02 44.48 -51.63
CA LYS C 148 6.05 45.22 -52.43
C LYS C 148 6.58 45.56 -53.81
N ILE C 149 5.80 45.24 -54.85
CA ILE C 149 6.13 45.63 -56.23
C ILE C 149 5.13 46.68 -56.71
N ASP C 150 5.59 47.92 -56.81
CA ASP C 150 4.73 49.07 -57.12
C ASP C 150 3.64 49.25 -56.06
N GLY C 151 4.03 49.11 -54.80
CA GLY C 151 3.09 49.21 -53.68
C GLY C 151 2.03 48.12 -53.66
N SER C 152 2.39 46.93 -54.16
CA SER C 152 1.47 45.80 -54.22
C SER C 152 2.15 44.53 -53.70
N GLU C 153 1.42 43.79 -52.87
CA GLU C 153 1.97 42.60 -52.21
C GLU C 153 2.23 41.47 -53.20
N GLY C 157 7.98 33.49 -54.37
CA GLY C 157 9.37 33.18 -54.69
C GLY C 157 10.34 33.98 -53.85
N VAL C 158 10.16 33.91 -52.53
CA VAL C 158 11.05 34.60 -51.58
C VAL C 158 11.79 33.57 -50.74
N LEU C 159 13.03 33.91 -50.35
CA LEU C 159 13.92 32.99 -49.64
C LEU C 159 14.53 33.68 -48.42
N ASN C 160 14.65 32.96 -47.30
CA ASN C 160 15.25 33.49 -46.08
C ASN C 160 16.32 32.56 -45.52
N SER C 161 17.23 33.12 -44.71
CA SER C 161 18.29 32.34 -44.07
C SER C 161 18.85 33.09 -42.86
N TRP C 162 18.97 32.39 -41.73
CA TRP C 162 19.32 32.99 -40.45
C TRP C 162 20.73 32.60 -40.02
N THR C 163 21.19 33.19 -38.91
CA THR C 163 22.43 32.79 -38.25
C THR C 163 22.09 32.35 -36.83
N ASP C 164 22.92 31.49 -36.25
CA ASP C 164 22.76 31.08 -34.86
C ASP C 164 23.23 32.21 -33.95
N GLN C 165 23.05 32.04 -32.63
CA GLN C 165 23.46 33.05 -31.68
C GLN C 165 24.97 33.29 -31.74
N ASP C 166 25.37 34.54 -31.64
CA ASP C 166 26.78 34.91 -31.66
C ASP C 166 27.47 34.40 -30.39
N SER C 167 28.40 33.46 -30.55
CA SER C 167 29.22 32.99 -29.44
C SER C 167 30.30 34.01 -29.07
N LYS C 168 30.11 35.25 -29.51
CA LYS C 168 31.04 36.34 -29.30
C LYS C 168 30.36 37.42 -28.46
N ASP C 169 29.21 37.91 -28.93
CA ASP C 169 28.44 38.93 -28.22
C ASP C 169 26.91 38.67 -28.20
N SER C 170 26.51 37.41 -28.43
CA SER C 170 25.13 36.94 -28.21
C SER C 170 24.03 37.59 -29.08
N THR C 171 24.42 38.29 -30.14
CA THR C 171 23.46 38.82 -31.12
C THR C 171 23.13 37.77 -32.20
N TYR C 172 22.16 38.07 -33.06
CA TYR C 172 21.74 37.19 -34.15
C TYR C 172 21.86 37.91 -35.50
N SER C 173 21.32 37.31 -36.57
CA SER C 173 21.28 37.94 -37.89
C SER C 173 20.26 37.28 -38.82
N MET C 174 20.12 37.82 -40.03
CA MET C 174 19.21 37.26 -41.04
C MET C 174 19.55 37.75 -42.46
N SER C 175 19.18 36.94 -43.45
CA SER C 175 19.27 37.31 -44.87
C SER C 175 17.91 37.09 -45.54
N SER C 176 17.63 37.87 -46.57
CA SER C 176 16.38 37.76 -47.33
C SER C 176 16.66 37.95 -48.83
N THR C 177 16.06 37.08 -49.65
CA THR C 177 16.34 37.07 -51.09
C THR C 177 15.07 36.92 -51.93
N LEU C 178 14.95 37.74 -52.97
CA LEU C 178 13.84 37.71 -53.92
C LEU C 178 14.37 37.39 -55.31
N THR C 179 13.94 36.26 -55.88
CA THR C 179 14.46 35.79 -57.17
C THR C 179 13.38 35.83 -58.25
N LEU C 180 13.66 36.55 -59.34
CA LEU C 180 12.75 36.65 -60.49
C LEU C 180 13.50 36.39 -61.79
N THR C 181 12.74 36.10 -62.85
CA THR C 181 13.31 35.92 -64.18
C THR C 181 13.51 37.27 -64.84
N LYS C 182 14.56 37.42 -65.64
CA LYS C 182 14.97 38.72 -66.19
C LYS C 182 13.87 39.40 -67.02
N ASP C 183 13.02 38.60 -67.67
CA ASP C 183 11.88 39.12 -68.42
C ASP C 183 10.79 39.63 -67.47
N GLU C 184 10.53 38.87 -66.41
CA GLU C 184 9.56 39.25 -65.37
C GLU C 184 10.13 40.30 -64.42
N TYR C 185 11.47 40.33 -64.29
CA TYR C 185 12.16 41.22 -63.34
C TYR C 185 12.13 42.68 -63.76
N GLU C 186 12.23 42.93 -65.06
CA GLU C 186 12.22 44.30 -65.59
C GLU C 186 10.83 44.68 -66.13
N ARG C 187 9.83 44.52 -65.28
CA ARG C 187 8.46 44.95 -65.59
C ARG C 187 7.97 46.01 -64.59
N HIS C 188 8.64 46.12 -63.44
CA HIS C 188 8.27 47.08 -62.39
C HIS C 188 9.43 48.01 -62.07
N ASN C 189 9.18 48.98 -61.19
CA ASN C 189 10.20 49.96 -60.78
C ASN C 189 10.41 50.02 -59.26
N SER C 190 9.33 50.18 -58.52
CA SER C 190 9.40 50.32 -57.06
C SER C 190 9.41 48.97 -56.35
N TYR C 191 10.58 48.59 -55.83
CA TYR C 191 10.74 47.39 -55.02
C TYR C 191 11.08 47.81 -53.59
N THR C 192 10.42 47.20 -52.61
CA THR C 192 10.52 47.62 -51.22
C THR C 192 10.87 46.45 -50.29
N CYS C 193 11.75 46.72 -49.33
CA CYS C 193 12.10 45.75 -48.29
C CYS C 193 11.80 46.34 -46.90
N GLU C 194 10.72 45.88 -46.29
CA GLU C 194 10.31 46.31 -44.96
C GLU C 194 9.95 45.10 -44.11
N ALA C 195 9.90 45.27 -42.78
CA ALA C 195 9.59 44.18 -41.87
C ALA C 195 9.13 44.65 -40.48
N THR C 196 8.32 43.82 -39.83
CA THR C 196 7.80 44.10 -38.48
C THR C 196 8.48 43.18 -37.47
N HIS C 197 8.78 43.73 -36.29
CA HIS C 197 9.54 43.00 -35.25
C HIS C 197 9.11 43.40 -33.84
N LYS C 198 9.82 42.93 -32.82
CA LYS C 198 9.44 43.17 -31.41
C LYS C 198 10.25 44.28 -30.73
N THR C 199 10.89 45.14 -31.52
CA THR C 199 11.49 46.38 -30.99
C THR C 199 10.91 47.63 -31.69
N SER C 200 9.88 47.44 -32.52
CA SER C 200 9.17 48.53 -33.18
C SER C 200 7.93 47.98 -33.89
N THR C 201 7.01 48.87 -34.26
CA THR C 201 5.83 48.48 -35.05
C THR C 201 5.60 49.40 -36.26
N SER C 202 6.64 50.12 -36.67
CA SER C 202 6.64 50.88 -37.91
C SER C 202 7.67 50.24 -38.85
N PRO C 203 7.22 49.67 -39.98
CA PRO C 203 8.13 48.96 -40.88
C PRO C 203 9.35 49.79 -41.28
N ILE C 204 10.55 49.23 -41.10
CA ILE C 204 11.81 49.94 -41.40
C ILE C 204 11.97 50.15 -42.90
N VAL C 205 11.94 51.42 -43.32
CA VAL C 205 11.99 51.79 -44.74
C VAL C 205 13.41 51.81 -45.29
N LYS C 206 13.75 50.81 -46.10
CA LYS C 206 15.01 50.79 -46.85
C LYS C 206 14.78 50.09 -48.19
N SER C 207 15.07 50.80 -49.27
CA SER C 207 14.73 50.34 -50.62
C SER C 207 15.69 50.89 -51.68
N PHE C 208 15.45 50.48 -52.93
CA PHE C 208 16.17 51.00 -54.10
C PHE C 208 15.17 51.40 -55.18
N ASN C 209 15.67 51.91 -56.31
CA ASN C 209 14.81 52.32 -57.40
C ASN C 209 15.54 52.39 -58.74
N ARG C 210 15.11 51.57 -59.70
CA ARG C 210 15.61 51.64 -61.08
C ARG C 210 14.86 52.72 -61.84
N GLU D 1 48.58 17.83 -28.26
CA GLU D 1 47.28 17.35 -27.67
C GLU D 1 46.72 16.16 -28.47
N PHE D 2 45.67 15.55 -27.94
CA PHE D 2 45.00 14.43 -28.60
C PHE D 2 44.07 14.98 -29.68
N GLN D 3 44.24 14.50 -30.92
CA GLN D 3 43.52 15.05 -32.06
C GLN D 3 43.03 13.96 -33.03
N LEU D 4 41.78 14.10 -33.47
CA LEU D 4 41.13 13.14 -34.36
C LEU D 4 40.74 13.81 -35.68
N GLN D 5 41.61 13.69 -36.67
CA GLN D 5 41.37 14.29 -37.99
C GLN D 5 40.64 13.31 -38.91
N GLN D 6 39.47 13.74 -39.40
CA GLN D 6 38.64 12.92 -40.28
C GLN D 6 38.70 13.45 -41.72
N SER D 7 38.40 12.57 -42.67
CA SER D 7 38.39 12.93 -44.09
C SER D 7 37.24 13.89 -44.41
N GLY D 8 37.35 14.57 -45.55
CA GLY D 8 36.43 15.64 -45.91
C GLY D 8 35.04 15.18 -46.34
N PRO D 9 34.14 16.13 -46.64
CA PRO D 9 32.76 15.83 -47.04
C PRO D 9 32.66 14.92 -48.26
N GLU D 10 31.57 14.16 -48.34
CA GLU D 10 31.42 13.12 -49.35
C GLU D 10 30.03 13.17 -49.99
N LEU D 11 30.00 13.13 -51.32
CA LEU D 11 28.76 12.96 -52.07
C LEU D 11 28.80 11.61 -52.77
N VAL D 12 27.72 10.85 -52.65
CA VAL D 12 27.57 9.57 -53.33
C VAL D 12 26.12 9.30 -53.70
N LYS D 13 25.91 8.29 -54.53
CA LYS D 13 24.59 7.95 -55.03
C LYS D 13 24.00 6.76 -54.26
N PRO D 14 22.66 6.62 -54.31
CA PRO D 14 21.97 5.48 -53.68
C PRO D 14 22.53 4.13 -54.11
N GLY D 15 22.58 3.18 -53.18
CA GLY D 15 23.07 1.83 -53.47
C GLY D 15 24.57 1.67 -53.35
N ALA D 16 25.31 2.75 -53.52
CA ALA D 16 26.78 2.73 -53.39
C ALA D 16 27.18 2.69 -51.91
N SER D 17 28.48 2.64 -51.67
CA SER D 17 29.03 2.65 -50.30
C SER D 17 30.06 3.76 -50.15
N VAL D 18 30.32 4.14 -48.90
CA VAL D 18 31.30 5.19 -48.57
C VAL D 18 32.18 4.72 -47.42
N LYS D 19 33.42 5.18 -47.41
CA LYS D 19 34.39 4.86 -46.37
C LYS D 19 35.10 6.14 -45.92
N ILE D 20 34.87 6.54 -44.68
CA ILE D 20 35.42 7.80 -44.15
C ILE D 20 36.47 7.45 -43.09
N SER D 21 37.50 8.29 -43.00
CA SER D 21 38.66 7.99 -42.14
C SER D 21 38.69 8.83 -40.88
N CYS D 22 39.50 8.39 -39.92
CA CYS D 22 39.68 9.08 -38.65
C CYS D 22 41.09 8.76 -38.13
N LYS D 23 42.05 9.59 -38.52
CA LYS D 23 43.45 9.43 -38.10
C LYS D 23 43.62 10.01 -36.70
N ALA D 24 44.26 9.25 -35.82
CA ALA D 24 44.47 9.68 -34.43
C ALA D 24 45.95 9.76 -34.09
N SER D 25 46.37 10.91 -33.56
CA SER D 25 47.75 11.13 -33.12
C SER D 25 47.78 12.00 -31.88
N GLY D 26 48.82 11.82 -31.06
CA GLY D 26 48.94 12.53 -29.78
C GLY D 26 48.92 11.61 -28.57
N TYR D 27 48.50 10.36 -28.77
CA TYR D 27 48.44 9.38 -27.70
C TYR D 27 48.81 7.97 -28.19
N SER D 28 48.85 7.02 -27.26
CA SER D 28 49.08 5.62 -27.59
C SER D 28 47.80 5.06 -28.21
N PHE D 29 47.69 5.19 -29.54
CA PHE D 29 46.48 4.84 -30.30
C PHE D 29 45.81 3.54 -29.88
N THR D 30 46.64 2.53 -29.63
CA THR D 30 46.17 1.17 -29.34
C THR D 30 45.44 1.02 -27.99
N ASP D 31 45.65 1.96 -27.07
CA ASP D 31 45.15 1.84 -25.69
C ASP D 31 43.73 2.35 -25.45
N TYR D 32 43.17 3.09 -26.40
CA TYR D 32 41.83 3.68 -26.25
C TYR D 32 40.93 3.29 -27.42
N ASN D 33 39.64 3.14 -27.14
CA ASN D 33 38.68 2.63 -28.12
C ASN D 33 37.94 3.74 -28.87
N ILE D 34 37.69 3.49 -30.17
CA ILE D 34 37.04 4.46 -31.04
C ILE D 34 35.56 4.14 -31.18
N ASN D 35 34.72 5.13 -30.92
CA ASN D 35 33.27 5.02 -31.08
C ASN D 35 32.78 5.97 -32.16
N TRP D 36 31.80 5.54 -32.94
CA TRP D 36 31.25 6.35 -34.03
C TRP D 36 29.82 6.79 -33.74
N MET D 37 29.53 8.06 -34.05
CA MET D 37 28.19 8.62 -33.87
C MET D 37 27.62 9.07 -35.21
N LYS D 38 26.30 9.23 -35.25
CA LYS D 38 25.60 9.85 -36.38
C LYS D 38 24.71 10.97 -35.87
N GLN D 39 24.72 12.10 -36.59
CA GLN D 39 23.81 13.20 -36.29
C GLN D 39 23.14 13.67 -37.57
N SER D 40 21.83 13.43 -37.67
CA SER D 40 21.07 13.81 -38.86
C SER D 40 20.76 15.31 -38.88
N ASN D 41 21.82 16.11 -39.04
CA ASN D 41 21.74 17.57 -39.13
C ASN D 41 20.88 18.26 -38.06
N GLY D 42 19.56 18.31 -38.27
CA GLY D 42 18.65 19.00 -37.35
C GLY D 42 18.02 18.08 -36.32
N LYS D 43 18.75 17.06 -35.90
CA LYS D 43 18.23 16.03 -35.00
C LYS D 43 19.24 15.68 -33.90
N SER D 44 18.87 14.72 -33.05
CA SER D 44 19.74 14.26 -31.97
C SER D 44 20.82 13.33 -32.49
N LEU D 45 21.83 13.10 -31.65
CA LEU D 45 22.93 12.20 -31.97
C LEU D 45 22.48 10.74 -31.82
N GLU D 46 23.32 9.82 -32.33
CA GLU D 46 22.94 8.42 -32.43
C GLU D 46 24.20 7.55 -32.55
N TRP D 47 24.40 6.67 -31.58
CA TRP D 47 25.56 5.80 -31.54
C TRP D 47 25.43 4.70 -32.61
N ILE D 48 26.50 4.50 -33.38
CA ILE D 48 26.53 3.48 -34.42
C ILE D 48 27.23 2.21 -33.94
N GLY D 49 28.39 2.39 -33.33
CA GLY D 49 29.19 1.25 -32.91
C GLY D 49 30.56 1.66 -32.42
N VAL D 50 31.38 0.67 -32.08
CA VAL D 50 32.67 0.90 -31.45
C VAL D 50 33.69 -0.12 -31.94
N VAL D 51 34.97 0.28 -31.94
CA VAL D 51 36.08 -0.64 -32.21
C VAL D 51 37.17 -0.45 -31.17
N ILE D 52 37.85 -1.54 -30.83
CA ILE D 52 39.11 -1.45 -30.09
C ILE D 52 40.23 -1.57 -31.14
N PRO D 53 41.06 -0.53 -31.28
CA PRO D 53 42.20 -0.56 -32.23
C PRO D 53 43.14 -1.73 -32.01
N LYS D 54 43.34 -2.11 -30.75
CA LYS D 54 44.32 -3.14 -30.37
C LYS D 54 44.12 -4.47 -31.11
N TYR D 55 42.90 -5.02 -31.04
CA TYR D 55 42.60 -6.33 -31.64
C TYR D 55 41.57 -6.30 -32.76
N GLY D 56 40.97 -5.14 -33.02
CA GLY D 56 39.97 -5.01 -34.09
C GLY D 56 38.59 -5.52 -33.71
N THR D 57 38.36 -5.68 -32.41
CA THR D 57 37.06 -6.14 -31.90
C THR D 57 36.00 -5.07 -32.11
N THR D 58 34.86 -5.46 -32.66
CA THR D 58 33.77 -4.53 -32.94
C THR D 58 32.51 -4.87 -32.15
N ASN D 59 31.74 -3.83 -31.83
CA ASN D 59 30.38 -3.98 -31.31
C ASN D 59 29.48 -2.93 -31.95
N TYR D 60 28.47 -3.39 -32.67
CA TYR D 60 27.59 -2.50 -33.40
C TYR D 60 26.25 -2.34 -32.70
N ASN D 61 25.68 -1.15 -32.86
CA ASN D 61 24.28 -0.92 -32.59
C ASN D 61 23.46 -1.79 -33.54
N GLN D 62 22.50 -2.52 -33.00
CA GLN D 62 21.58 -3.36 -33.78
C GLN D 62 20.97 -2.58 -34.95
N LYS D 63 20.72 -1.29 -34.72
CA LYS D 63 20.14 -0.40 -35.73
C LYS D 63 21.03 -0.28 -36.97
N PHE D 64 22.34 -0.37 -36.80
CA PHE D 64 23.31 -0.25 -37.90
C PHE D 64 24.12 -1.53 -38.14
N GLN D 65 23.62 -2.67 -37.68
CA GLN D 65 24.37 -3.93 -37.79
C GLN D 65 24.79 -4.20 -39.25
N GLY D 66 23.83 -4.15 -40.16
CA GLY D 66 24.11 -4.29 -41.59
C GLY D 66 24.72 -3.06 -42.22
N LYS D 67 24.32 -1.89 -41.73
CA LYS D 67 24.68 -0.59 -42.33
C LYS D 67 26.17 -0.27 -42.29
N ALA D 68 26.73 -0.22 -41.09
CA ALA D 68 28.11 0.22 -40.89
C ALA D 68 29.05 -0.96 -40.70
N THR D 69 30.30 -0.76 -41.10
CA THR D 69 31.36 -1.75 -40.90
C THR D 69 32.63 -1.03 -40.51
N LEU D 70 33.08 -1.23 -39.27
CA LEU D 70 34.20 -0.50 -38.73
C LEU D 70 35.48 -1.32 -38.77
N THR D 71 36.59 -0.65 -39.02
CA THR D 71 37.89 -1.29 -39.22
C THR D 71 38.99 -0.36 -38.73
N VAL D 72 40.20 -0.88 -38.57
CA VAL D 72 41.30 -0.09 -38.01
C VAL D 72 42.69 -0.48 -38.56
N ASP D 73 43.54 0.52 -38.73
CA ASP D 73 44.93 0.35 -39.17
C ASP D 73 45.86 0.87 -38.07
N GLN D 74 46.41 -0.06 -37.30
CA GLN D 74 47.30 0.26 -36.18
C GLN D 74 48.65 0.86 -36.61
N SER D 75 49.15 0.44 -37.77
CA SER D 75 50.40 0.99 -38.33
C SER D 75 50.22 2.45 -38.77
N SER D 76 49.02 2.76 -39.26
CA SER D 76 48.69 4.13 -39.69
C SER D 76 48.01 4.94 -38.58
N SER D 77 47.68 4.29 -37.46
CA SER D 77 46.93 4.91 -36.37
C SER D 77 45.61 5.51 -36.85
N THR D 78 44.94 4.80 -37.76
CA THR D 78 43.73 5.30 -38.41
C THR D 78 42.58 4.30 -38.26
N ALA D 79 41.40 4.83 -37.97
CA ALA D 79 40.17 4.02 -37.90
C ALA D 79 39.22 4.44 -39.02
N TYR D 80 38.49 3.47 -39.56
CA TYR D 80 37.57 3.72 -40.68
C TYR D 80 36.16 3.26 -40.35
N ILE D 81 35.19 3.88 -41.04
CA ILE D 81 33.78 3.48 -40.95
C ILE D 81 33.24 3.28 -42.36
N GLN D 82 32.93 2.03 -42.69
CA GLN D 82 32.47 1.67 -44.01
C GLN D 82 30.93 1.64 -44.02
N LEU D 83 30.32 2.66 -44.61
CA LEU D 83 28.87 2.75 -44.69
C LEU D 83 28.38 2.15 -46.01
N ASN D 84 27.75 0.99 -45.91
CA ASN D 84 27.40 0.17 -47.09
C ASN D 84 25.93 0.29 -47.48
N SER D 85 25.67 0.16 -48.78
CA SER D 85 24.30 0.13 -49.31
C SER D 85 23.48 1.35 -48.88
N LEU D 86 23.93 2.54 -49.30
CA LEU D 86 23.40 3.80 -48.79
C LEU D 86 22.06 4.21 -49.42
N THR D 87 21.33 5.04 -48.69
CA THR D 87 20.04 5.58 -49.14
C THR D 87 19.90 7.04 -48.72
N SER D 88 18.77 7.65 -49.09
CA SER D 88 18.45 9.03 -48.72
C SER D 88 18.44 9.24 -47.19
N GLU D 89 18.03 8.22 -46.45
CA GLU D 89 17.95 8.29 -44.99
C GLU D 89 19.31 8.41 -44.32
N ASP D 90 20.36 7.95 -45.01
CA ASP D 90 21.72 7.95 -44.44
C ASP D 90 22.46 9.28 -44.54
N SER D 91 21.82 10.30 -45.09
CA SER D 91 22.43 11.63 -45.21
C SER D 91 22.57 12.29 -43.84
N ALA D 92 23.79 12.42 -43.36
CA ALA D 92 24.04 12.97 -42.02
C ALA D 92 25.52 13.29 -41.78
N VAL D 93 25.80 13.92 -40.64
CA VAL D 93 27.17 14.13 -40.18
C VAL D 93 27.59 12.89 -39.38
N TYR D 94 28.88 12.58 -39.40
CA TYR D 94 29.41 11.38 -38.74
C TYR D 94 30.70 11.68 -38.00
N TYR D 95 30.69 11.46 -36.67
CA TYR D 95 31.85 11.75 -35.83
C TYR D 95 32.52 10.47 -35.34
N CYS D 96 33.85 10.51 -35.24
CA CYS D 96 34.60 9.47 -34.52
C CYS D 96 34.98 10.05 -33.15
N THR D 97 34.93 9.21 -32.11
CA THR D 97 35.17 9.68 -30.75
C THR D 97 36.01 8.69 -29.94
N ARG D 98 36.96 9.22 -29.17
CA ARG D 98 37.76 8.40 -28.26
C ARG D 98 36.92 8.09 -27.01
N PHE D 99 37.30 7.04 -26.28
CA PHE D 99 36.64 6.70 -25.02
C PHE D 99 37.68 6.59 -23.90
N ARG D 100 37.50 7.37 -22.84
CA ARG D 100 38.49 7.49 -21.75
C ARG D 100 38.42 6.32 -20.77
N ASP D 101 37.81 5.21 -21.20
CA ASP D 101 37.31 4.16 -20.30
C ASP D 101 36.31 4.75 -19.27
N VAL D 102 35.66 5.85 -19.66
CA VAL D 102 34.67 6.56 -18.84
C VAL D 102 33.63 7.22 -19.74
N PHE D 103 34.09 8.07 -20.67
CA PHE D 103 33.20 8.74 -21.64
C PHE D 103 33.96 9.18 -22.91
N PHE D 104 33.28 9.88 -23.81
CA PHE D 104 33.89 10.31 -25.08
C PHE D 104 34.74 11.58 -24.89
N ASP D 105 36.02 11.40 -24.55
CA ASP D 105 36.88 12.53 -24.16
C ASP D 105 37.66 13.19 -25.30
N VAL D 106 37.56 12.66 -26.51
CA VAL D 106 38.10 13.32 -27.71
C VAL D 106 37.13 13.14 -28.88
N TRP D 107 36.93 14.20 -29.66
CA TRP D 107 35.98 14.18 -30.77
C TRP D 107 36.64 14.68 -32.06
N GLY D 108 36.25 14.07 -33.18
CA GLY D 108 36.79 14.46 -34.49
C GLY D 108 36.00 15.58 -35.13
N THR D 109 36.49 16.08 -36.25
CA THR D 109 35.89 17.23 -36.94
C THR D 109 34.49 16.94 -37.52
N GLY D 110 34.24 15.69 -37.89
CA GLY D 110 32.93 15.27 -38.36
C GLY D 110 32.77 15.38 -39.86
N THR D 111 32.61 14.23 -40.53
CA THR D 111 32.46 14.18 -41.97
C THR D 111 30.98 14.31 -42.33
N THR D 112 30.68 15.20 -43.27
CA THR D 112 29.31 15.37 -43.77
C THR D 112 29.12 14.47 -45.01
N VAL D 113 28.16 13.56 -44.93
CA VAL D 113 27.88 12.61 -46.01
C VAL D 113 26.50 12.90 -46.61
N THR D 114 26.47 13.22 -47.91
CA THR D 114 25.22 13.44 -48.62
C THR D 114 24.99 12.30 -49.61
N VAL D 115 23.77 11.75 -49.59
CA VAL D 115 23.39 10.67 -50.49
C VAL D 115 22.30 11.18 -51.43
N SER D 116 22.62 11.26 -52.73
CA SER D 116 21.68 11.77 -53.71
C SER D 116 22.04 11.35 -55.14
N SER D 117 21.02 11.25 -55.99
CA SER D 117 21.18 10.92 -57.40
C SER D 117 21.59 12.14 -58.22
N ALA D 118 21.47 13.34 -57.64
CA ALA D 118 21.77 14.58 -58.34
C ALA D 118 23.25 14.71 -58.70
N LYS D 119 23.51 15.43 -59.77
CA LYS D 119 24.86 15.60 -60.30
C LYS D 119 25.53 16.82 -59.69
N THR D 120 26.84 16.75 -59.50
CA THR D 120 27.60 17.83 -58.90
C THR D 120 27.47 19.13 -59.70
N THR D 121 27.37 20.26 -59.00
CA THR D 121 27.17 21.57 -59.63
C THR D 121 28.00 22.66 -58.93
N ALA D 122 28.74 23.43 -59.71
CA ALA D 122 29.61 24.49 -59.18
C ALA D 122 28.84 25.77 -58.93
N PRO D 123 29.29 26.59 -57.97
CA PRO D 123 28.56 27.80 -57.58
C PRO D 123 28.76 28.98 -58.52
N SER D 124 27.75 29.84 -58.60
CA SER D 124 27.83 31.10 -59.35
C SER D 124 28.03 32.26 -58.38
N VAL D 125 29.27 32.70 -58.24
CA VAL D 125 29.65 33.73 -57.26
C VAL D 125 29.43 35.13 -57.82
N TYR D 126 28.58 35.91 -57.15
CA TYR D 126 28.32 37.31 -57.52
C TYR D 126 28.74 38.24 -56.38
N PRO D 127 29.28 39.43 -56.71
CA PRO D 127 29.46 40.49 -55.72
C PRO D 127 28.39 41.58 -55.87
N LEU D 128 27.45 41.65 -54.93
CA LEU D 128 26.35 42.62 -54.99
C LEU D 128 26.78 43.94 -54.36
N ALA D 129 26.96 44.96 -55.18
CA ALA D 129 27.43 46.26 -54.71
C ALA D 129 26.31 47.02 -53.98
N PRO D 130 26.70 47.97 -53.10
CA PRO D 130 25.72 48.90 -52.52
C PRO D 130 25.18 49.89 -53.56
N SER D 139 26.59 53.27 -41.77
CA SER D 139 27.82 53.07 -42.52
C SER D 139 27.61 52.05 -43.66
N VAL D 140 28.68 51.74 -44.38
CA VAL D 140 28.60 50.91 -45.58
C VAL D 140 28.48 49.41 -45.25
N THR D 141 27.46 48.77 -45.80
CA THR D 141 27.29 47.33 -45.72
C THR D 141 27.27 46.75 -47.14
N LEU D 142 28.06 45.69 -47.36
CA LEU D 142 28.15 45.05 -48.67
C LEU D 142 27.78 43.56 -48.59
N GLY D 143 27.75 42.89 -49.74
CA GLY D 143 27.35 41.48 -49.80
C GLY D 143 28.05 40.66 -50.88
N CYS D 144 27.81 39.35 -50.86
CA CYS D 144 28.42 38.41 -51.80
C CYS D 144 27.61 37.11 -51.89
N LEU D 145 26.81 36.99 -52.95
CA LEU D 145 25.91 35.85 -53.11
C LEU D 145 26.60 34.66 -53.79
N VAL D 146 26.39 33.47 -53.23
CA VAL D 146 26.86 32.22 -53.82
C VAL D 146 25.62 31.36 -54.11
N LYS D 147 25.30 31.21 -55.39
CA LYS D 147 24.03 30.62 -55.82
C LYS D 147 24.23 29.44 -56.78
N GLY D 148 23.39 28.42 -56.63
CA GLY D 148 23.30 27.33 -57.60
C GLY D 148 24.42 26.30 -57.55
N TYR D 149 24.58 25.66 -56.40
CA TYR D 149 25.53 24.56 -56.23
C TYR D 149 24.83 23.40 -55.49
N PHE D 150 25.57 22.43 -54.97
CA PHE D 150 24.92 21.31 -54.26
C PHE D 150 25.67 20.69 -53.05
N PRO D 151 26.86 20.07 -53.26
CA PRO D 151 27.55 19.34 -52.16
C PRO D 151 27.61 20.00 -50.76
N GLU D 152 27.40 21.32 -50.68
CA GLU D 152 27.02 22.04 -49.44
C GLU D 152 28.13 22.98 -48.89
N PRO D 153 29.38 22.51 -48.81
CA PRO D 153 30.51 23.44 -48.60
C PRO D 153 31.44 23.46 -49.83
N VAL D 154 31.81 24.61 -50.40
CA VAL D 154 31.41 25.99 -50.03
C VAL D 154 31.93 26.46 -48.66
N THR D 155 33.21 26.81 -48.65
CA THR D 155 33.85 27.51 -47.54
C THR D 155 34.08 28.96 -48.00
N LEU D 156 33.45 29.90 -47.30
CA LEU D 156 33.46 31.30 -47.70
C LEU D 156 34.25 32.16 -46.71
N THR D 157 35.17 32.97 -47.23
CA THR D 157 35.98 33.87 -46.43
C THR D 157 36.04 35.26 -47.09
N TRP D 158 36.75 36.19 -46.46
CA TRP D 158 36.97 37.53 -47.02
C TRP D 158 38.46 37.90 -46.94
N ASN D 159 39.04 38.20 -48.10
CA ASN D 159 40.47 38.56 -48.21
C ASN D 159 41.38 37.51 -47.60
N SER D 160 41.13 36.24 -47.92
CA SER D 160 41.83 35.08 -47.34
C SER D 160 41.46 34.86 -45.86
N GLY D 161 41.73 35.86 -45.03
CA GLY D 161 41.32 35.86 -43.62
C GLY D 161 40.83 37.23 -43.17
N SER D 162 41.79 38.14 -42.96
CA SER D 162 41.55 39.54 -42.55
C SER D 162 40.16 39.87 -42.00
N LEU D 163 39.16 39.99 -42.88
CA LEU D 163 37.82 40.44 -42.49
C LEU D 163 37.03 39.35 -41.75
N SER D 164 37.15 39.35 -40.42
CA SER D 164 36.37 38.46 -39.56
C SER D 164 35.24 39.22 -38.86
N SER D 165 35.46 40.50 -38.58
CA SER D 165 34.50 41.33 -37.85
C SER D 165 33.30 41.71 -38.73
N GLY D 166 32.10 41.65 -38.15
CA GLY D 166 30.88 41.99 -38.86
C GLY D 166 30.45 40.98 -39.92
N VAL D 167 31.01 39.78 -39.85
CA VAL D 167 30.71 38.72 -40.82
C VAL D 167 29.46 37.96 -40.35
N HIS D 168 28.60 37.62 -41.31
CA HIS D 168 27.41 36.83 -41.05
C HIS D 168 27.19 35.80 -42.16
N THR D 169 27.94 34.71 -42.09
CA THR D 169 27.82 33.63 -43.06
C THR D 169 26.53 32.85 -42.80
N PHE D 170 25.52 33.11 -43.63
CA PHE D 170 24.21 32.47 -43.48
C PHE D 170 24.26 31.08 -44.09
N PRO D 171 23.98 30.03 -43.30
CA PRO D 171 23.92 28.68 -43.88
C PRO D 171 22.92 28.58 -45.03
N ALA D 172 23.24 27.75 -46.02
CA ALA D 172 22.47 27.69 -47.27
C ALA D 172 21.13 26.98 -47.11
N LEU D 173 20.22 27.24 -48.05
CA LEU D 173 18.93 26.56 -48.10
C LEU D 173 18.78 25.85 -49.45
N LEU D 174 18.30 24.60 -49.42
CA LEU D 174 18.12 23.80 -50.62
C LEU D 174 16.91 24.27 -51.42
N GLN D 175 17.16 24.91 -52.56
CA GLN D 175 16.11 25.43 -53.43
C GLN D 175 16.07 24.65 -54.74
N SER D 176 15.09 23.76 -54.86
CA SER D 176 14.87 22.95 -56.07
C SER D 176 16.09 22.11 -56.47
N GLY D 177 16.78 21.55 -55.47
CA GLY D 177 17.99 20.76 -55.70
C GLY D 177 19.28 21.56 -55.67
N LEU D 178 19.18 22.89 -55.62
CA LEU D 178 20.34 23.78 -55.64
C LEU D 178 20.42 24.63 -54.37
N TYR D 179 21.59 24.65 -53.74
CA TYR D 179 21.82 25.46 -52.54
C TYR D 179 22.18 26.90 -52.87
N THR D 180 21.76 27.82 -52.00
CA THR D 180 22.02 29.26 -52.15
C THR D 180 22.57 29.81 -50.83
N LEU D 181 23.81 30.27 -50.86
CA LEU D 181 24.51 30.73 -49.65
C LEU D 181 24.94 32.20 -49.78
N SER D 182 24.38 33.06 -48.93
CA SER D 182 24.73 34.48 -48.90
C SER D 182 25.70 34.79 -47.77
N SER D 183 26.25 36.01 -47.77
CA SER D 183 27.22 36.44 -46.76
C SER D 183 27.34 37.96 -46.70
N SER D 184 27.63 38.49 -45.51
CA SER D 184 27.73 39.94 -45.30
C SER D 184 29.09 40.35 -44.74
N VAL D 185 29.36 41.65 -44.81
CA VAL D 185 30.47 42.27 -44.08
C VAL D 185 30.26 43.79 -44.03
N THR D 186 29.99 44.30 -42.84
CA THR D 186 29.75 45.72 -42.62
C THR D 186 31.05 46.41 -42.20
N VAL D 187 31.22 47.66 -42.65
CA VAL D 187 32.44 48.43 -42.42
C VAL D 187 32.14 49.93 -42.29
N THR D 188 33.18 50.71 -42.01
CA THR D 188 33.05 52.17 -41.92
C THR D 188 32.94 52.82 -43.29
N SER D 189 32.69 54.13 -43.30
CA SER D 189 32.50 54.87 -44.54
C SER D 189 33.79 55.08 -45.34
N ASN D 190 34.92 55.24 -44.65
CA ASN D 190 36.18 55.61 -45.29
C ASN D 190 37.12 54.44 -45.57
N THR D 191 36.62 53.21 -45.53
CA THR D 191 37.49 52.03 -45.67
C THR D 191 37.32 51.28 -47.00
N TRP D 192 36.08 51.16 -47.49
CA TRP D 192 35.84 50.46 -48.78
C TRP D 192 35.61 51.36 -50.00
N PRO D 193 34.72 52.36 -49.92
CA PRO D 193 34.50 53.21 -51.10
C PRO D 193 35.78 53.65 -51.82
N SER D 194 36.90 53.74 -51.08
CA SER D 194 38.22 53.96 -51.66
C SER D 194 38.95 52.64 -51.94
N GLN D 195 39.23 51.87 -50.88
CA GLN D 195 40.04 50.64 -51.00
C GLN D 195 39.28 49.45 -51.56
N THR D 196 39.99 48.34 -51.78
CA THR D 196 39.42 47.14 -52.41
C THR D 196 39.02 46.07 -51.38
N ILE D 197 37.93 45.36 -51.66
CA ILE D 197 37.51 44.19 -50.88
C ILE D 197 37.14 43.04 -51.84
N THR D 198 37.64 41.84 -51.55
CA THR D 198 37.43 40.68 -52.40
C THR D 198 36.73 39.54 -51.65
N CYS D 199 35.80 38.87 -52.34
CA CYS D 199 35.03 37.77 -51.76
C CYS D 199 35.59 36.43 -52.23
N ASN D 200 36.25 35.71 -51.32
CA ASN D 200 36.95 34.47 -51.65
C ASN D 200 36.10 33.23 -51.35
N VAL D 201 35.74 32.49 -52.40
CA VAL D 201 34.91 31.28 -52.28
C VAL D 201 35.72 30.04 -52.64
N ALA D 202 35.30 28.89 -52.13
CA ALA D 202 35.89 27.60 -52.49
C ALA D 202 34.80 26.54 -52.58
N HIS D 203 35.05 25.49 -53.36
CA HIS D 203 34.10 24.38 -53.51
C HIS D 203 34.81 23.15 -54.07
N PRO D 204 35.48 22.37 -53.20
CA PRO D 204 36.29 21.19 -53.56
C PRO D 204 35.62 20.15 -54.46
N ALA D 205 34.31 19.99 -54.36
CA ALA D 205 33.58 18.97 -55.12
C ALA D 205 33.69 19.17 -56.63
N SER D 206 33.68 20.43 -57.08
CA SER D 206 33.82 20.77 -58.50
C SER D 206 35.18 21.42 -58.80
N SER D 207 36.11 21.35 -57.84
CA SER D 207 37.44 21.94 -57.95
C SER D 207 37.39 23.42 -58.35
N THR D 208 36.48 24.17 -57.74
CA THR D 208 36.34 25.61 -58.01
C THR D 208 37.00 26.47 -56.91
N LYS D 209 37.73 27.49 -57.36
CA LYS D 209 38.39 28.45 -56.47
C LYS D 209 38.16 29.84 -57.06
N VAL D 210 37.14 30.54 -56.54
CA VAL D 210 36.68 31.79 -57.12
C VAL D 210 37.07 33.02 -56.30
N ASP D 211 37.41 34.10 -57.00
CA ASP D 211 37.58 35.42 -56.41
C ASP D 211 36.64 36.39 -57.11
N LYS D 212 36.03 37.29 -56.34
CA LYS D 212 35.18 38.34 -56.91
C LYS D 212 35.25 39.62 -56.08
N LYS D 213 35.98 40.61 -56.60
CA LYS D 213 36.04 41.92 -55.95
C LYS D 213 34.71 42.64 -56.13
N ILE D 214 34.34 43.43 -55.12
CA ILE D 214 33.09 44.19 -55.15
C ILE D 214 33.40 45.65 -55.52
N VAL D 215 32.67 46.15 -56.51
CA VAL D 215 32.97 47.46 -57.11
C VAL D 215 31.76 48.40 -56.96
N PRO D 216 32.01 49.69 -56.64
CA PRO D 216 30.92 50.66 -56.60
C PRO D 216 30.17 50.74 -57.94
N ARG D 217 28.84 50.78 -57.90
CA ARG D 217 28.03 50.85 -59.12
C ARG D 217 28.18 52.19 -59.83
N GLN E 1 -26.99 -11.20 8.83
CA GLN E 1 -26.71 -12.13 9.96
C GLN E 1 -25.20 -12.27 10.22
N ILE E 2 -24.69 -11.48 11.15
CA ILE E 2 -23.30 -11.60 11.59
C ILE E 2 -23.12 -12.86 12.43
N VAL E 3 -22.15 -13.68 12.05
CA VAL E 3 -21.86 -14.91 12.79
C VAL E 3 -20.80 -14.64 13.85
N LEU E 4 -21.19 -14.83 15.12
CA LEU E 4 -20.28 -14.63 16.26
C LEU E 4 -19.57 -15.93 16.61
N SER E 5 -18.34 -15.81 17.10
CA SER E 5 -17.53 -16.95 17.52
C SER E 5 -16.99 -16.73 18.93
N GLN E 6 -17.26 -17.68 19.82
CA GLN E 6 -16.86 -17.58 21.23
C GLN E 6 -15.49 -18.22 21.42
N SER E 7 -14.57 -17.44 21.98
CA SER E 7 -13.20 -17.88 22.20
C SER E 7 -12.90 -17.97 23.70
N PRO E 8 -12.68 -19.20 24.23
CA PRO E 8 -12.79 -20.52 23.61
C PRO E 8 -14.07 -21.26 24.03
N ALA E 9 -14.17 -22.53 23.64
CA ALA E 9 -15.33 -23.37 24.00
C ALA E 9 -15.50 -23.48 25.52
N ILE E 10 -14.47 -24.02 26.18
CA ILE E 10 -14.48 -24.21 27.64
C ILE E 10 -13.22 -23.61 28.26
N LEU E 11 -13.41 -22.69 29.20
CA LEU E 11 -12.30 -22.03 29.90
C LEU E 11 -12.26 -22.51 31.36
N SER E 12 -11.19 -23.23 31.71
CA SER E 12 -11.04 -23.82 33.05
C SER E 12 -10.00 -23.08 33.91
N ALA E 13 -10.49 -22.24 34.82
CA ALA E 13 -9.62 -21.47 35.73
C ALA E 13 -10.14 -21.52 37.18
N SER E 14 -9.19 -21.60 38.12
CA SER E 14 -9.50 -21.81 39.55
C SER E 14 -10.22 -20.62 40.20
N PRO E 15 -10.67 -20.77 41.46
CA PRO E 15 -11.27 -19.64 42.17
C PRO E 15 -10.26 -18.55 42.54
N GLY E 16 -10.68 -17.29 42.40
CA GLY E 16 -9.84 -16.14 42.71
C GLY E 16 -8.90 -15.69 41.58
N GLU E 17 -9.02 -16.32 40.41
CA GLU E 17 -8.09 -16.09 39.30
C GLU E 17 -8.55 -15.02 38.32
N LYS E 18 -7.68 -14.70 37.37
CA LYS E 18 -8.05 -13.93 36.18
C LYS E 18 -8.86 -14.84 35.25
N VAL E 19 -9.96 -14.31 34.71
CA VAL E 19 -10.75 -15.02 33.71
C VAL E 19 -11.29 -14.02 32.71
N THR E 20 -10.74 -14.06 31.49
CA THR E 20 -11.17 -13.16 30.42
C THR E 20 -11.87 -13.93 29.32
N MET E 21 -12.84 -13.28 28.69
CA MET E 21 -13.74 -13.90 27.74
C MET E 21 -13.88 -12.98 26.52
N THR E 22 -13.99 -13.56 25.33
CA THR E 22 -13.97 -12.76 24.09
C THR E 22 -14.92 -13.30 23.00
N CYS E 23 -15.69 -12.39 22.42
CA CYS E 23 -16.64 -12.69 21.35
C CYS E 23 -16.08 -12.14 20.03
N ARG E 24 -16.06 -12.98 18.99
CA ARG E 24 -15.37 -12.65 17.73
C ARG E 24 -16.31 -12.72 16.51
N ALA E 25 -16.51 -11.58 15.86
CA ALA E 25 -17.48 -11.44 14.77
C ALA E 25 -16.86 -11.50 13.37
N SER E 26 -17.70 -11.77 12.38
CA SER E 26 -17.30 -11.75 10.97
C SER E 26 -17.35 -10.33 10.40
N SER E 27 -18.01 -9.42 11.10
CA SER E 27 -18.11 -8.02 10.70
C SER E 27 -18.30 -7.16 11.95
N SER E 28 -18.00 -5.86 11.82
CA SER E 28 -17.94 -4.96 12.98
C SER E 28 -19.26 -4.87 13.76
N VAL E 29 -19.13 -4.53 15.04
CA VAL E 29 -20.26 -4.41 15.98
C VAL E 29 -20.00 -3.25 16.92
N ASN E 30 -21.03 -2.45 17.20
CA ASN E 30 -20.89 -1.23 18.01
C ASN E 30 -20.97 -1.46 19.51
N ASN E 31 -21.83 -2.40 19.92
CA ASN E 31 -21.94 -2.82 21.31
C ASN E 31 -22.15 -4.33 21.43
N MET E 32 -21.59 -4.93 22.47
CA MET E 32 -21.69 -6.38 22.70
C MET E 32 -22.37 -6.67 24.05
N HIS E 33 -23.16 -7.74 24.07
CA HIS E 33 -23.92 -8.13 25.26
C HIS E 33 -23.51 -9.53 25.69
N TRP E 34 -23.79 -9.87 26.95
CA TRP E 34 -23.37 -11.16 27.53
C TRP E 34 -24.44 -11.77 28.44
N TYR E 35 -24.61 -13.10 28.36
CA TYR E 35 -25.66 -13.82 29.09
C TYR E 35 -25.16 -15.10 29.75
N GLN E 36 -25.51 -15.30 31.03
CA GLN E 36 -25.13 -16.52 31.77
C GLN E 36 -26.28 -17.53 31.81
N GLN E 37 -25.99 -18.76 31.37
CA GLN E 37 -26.96 -19.85 31.42
C GLN E 37 -26.34 -21.11 32.03
N LYS E 38 -27.04 -21.69 33.00
CA LYS E 38 -26.64 -22.97 33.59
C LYS E 38 -27.50 -24.09 32.98
N PRO E 39 -26.93 -25.30 32.86
CA PRO E 39 -27.69 -26.46 32.40
C PRO E 39 -29.03 -26.64 33.13
N GLY E 40 -30.10 -26.88 32.36
CA GLY E 40 -31.43 -27.04 32.93
C GLY E 40 -32.07 -25.77 33.47
N SER E 41 -31.52 -24.62 33.09
CA SER E 41 -32.04 -23.32 33.52
C SER E 41 -31.91 -22.29 32.41
N SER E 42 -32.68 -21.22 32.50
CA SER E 42 -32.72 -20.20 31.46
C SER E 42 -31.53 -19.26 31.58
N PRO E 43 -31.14 -18.60 30.46
CA PRO E 43 -30.11 -17.55 30.50
C PRO E 43 -30.49 -16.36 31.39
N LYS E 44 -29.49 -15.60 31.81
CA LYS E 44 -29.71 -14.41 32.66
C LYS E 44 -28.88 -13.22 32.16
N PRO E 45 -29.45 -12.00 32.22
CA PRO E 45 -28.71 -10.79 31.81
C PRO E 45 -27.57 -10.43 32.75
N TRP E 46 -26.37 -10.32 32.19
CA TRP E 46 -25.18 -9.99 32.98
C TRP E 46 -24.59 -8.63 32.67
N LEU E 47 -24.12 -8.46 31.44
CA LEU E 47 -23.41 -7.25 31.01
C LEU E 47 -24.07 -6.67 29.76
N HIS E 48 -24.57 -5.44 29.88
CA HIS E 48 -25.22 -4.75 28.76
C HIS E 48 -24.43 -3.50 28.35
N GLY E 49 -24.41 -3.23 27.05
CA GLY E 49 -23.67 -2.09 26.51
C GLY E 49 -22.16 -2.27 26.60
N THR E 50 -21.68 -3.44 26.18
CA THR E 50 -20.26 -3.81 26.28
C THR E 50 -19.80 -4.11 27.71
N SER E 51 -20.15 -3.22 28.64
CA SER E 51 -19.69 -3.29 30.02
C SER E 51 -20.50 -2.36 30.92
N ASN E 52 -21.47 -2.90 31.65
CA ASN E 52 -22.31 -2.05 32.51
C ASN E 52 -23.00 -2.71 33.72
N LEU E 53 -23.05 -4.04 33.76
CA LEU E 53 -23.66 -4.80 34.88
C LEU E 53 -25.17 -4.55 35.02
N ALA E 54 -25.96 -5.61 34.87
CA ALA E 54 -27.41 -5.51 34.96
C ALA E 54 -27.88 -5.24 36.41
N SER E 55 -29.19 -5.14 36.59
CA SER E 55 -29.78 -4.86 37.91
C SER E 55 -29.65 -6.08 38.83
N GLY E 56 -28.79 -5.96 39.85
CA GLY E 56 -28.54 -7.04 40.81
C GLY E 56 -27.32 -7.89 40.47
N VAL E 57 -26.57 -7.48 39.44
CA VAL E 57 -25.41 -8.23 38.97
C VAL E 57 -24.17 -7.90 39.82
N PRO E 58 -23.42 -8.94 40.25
CA PRO E 58 -22.16 -8.80 40.99
C PRO E 58 -21.14 -7.85 40.37
N VAL E 59 -20.25 -7.30 41.19
CA VAL E 59 -19.30 -6.26 40.77
C VAL E 59 -17.85 -6.75 40.57
N ARG E 60 -17.64 -8.06 40.66
CA ARG E 60 -16.34 -8.66 40.33
C ARG E 60 -16.25 -9.02 38.83
N PHE E 61 -17.09 -8.36 38.02
CA PHE E 61 -17.18 -8.62 36.58
C PHE E 61 -17.00 -7.31 35.83
N SER E 62 -16.48 -7.40 34.60
CA SER E 62 -16.24 -6.21 33.78
C SER E 62 -16.13 -6.58 32.29
N GLY E 63 -16.56 -5.66 31.43
CA GLY E 63 -16.53 -5.87 29.97
C GLY E 63 -15.66 -4.87 29.25
N SER E 64 -15.43 -5.11 27.96
CA SER E 64 -14.58 -4.24 27.14
C SER E 64 -14.60 -4.63 25.65
N GLY E 65 -13.98 -3.79 24.82
CA GLY E 65 -13.76 -4.10 23.41
C GLY E 65 -14.49 -3.22 22.41
N SER E 66 -14.17 -3.43 21.14
CA SER E 66 -14.75 -2.66 20.03
C SER E 66 -14.46 -3.36 18.71
N GLY E 67 -15.34 -3.17 17.73
CA GLY E 67 -15.13 -3.70 16.38
C GLY E 67 -15.38 -5.21 16.27
N THR E 68 -14.38 -5.95 15.80
CA THR E 68 -14.53 -7.39 15.58
C THR E 68 -13.93 -8.25 16.71
N SER E 69 -13.77 -7.65 17.89
CA SER E 69 -13.30 -8.38 19.08
C SER E 69 -13.65 -7.66 20.38
N PHE E 70 -14.76 -8.08 20.99
CA PHE E 70 -15.17 -7.58 22.31
C PHE E 70 -14.67 -8.53 23.40
N SER E 71 -14.86 -8.16 24.66
CA SER E 71 -14.40 -8.99 25.76
C SER E 71 -15.17 -8.78 27.08
N LEU E 72 -15.02 -9.77 27.97
CA LEU E 72 -15.62 -9.75 29.30
C LEU E 72 -14.69 -10.44 30.28
N THR E 73 -14.42 -9.79 31.41
CA THR E 73 -13.48 -10.31 32.39
C THR E 73 -14.17 -10.57 33.73
N ILE E 74 -14.11 -11.82 34.18
CA ILE E 74 -14.54 -12.19 35.52
C ILE E 74 -13.31 -12.12 36.44
N SER E 75 -13.43 -11.40 37.54
CA SER E 75 -12.33 -11.26 38.49
C SER E 75 -12.28 -12.50 39.40
N ARG E 76 -12.28 -12.31 40.72
CA ARG E 76 -12.14 -13.44 41.65
C ARG E 76 -13.27 -14.46 41.44
N VAL E 77 -12.96 -15.50 40.68
CA VAL E 77 -13.95 -16.53 40.34
C VAL E 77 -14.42 -17.24 41.61
N GLU E 78 -15.74 -17.32 41.77
CA GLU E 78 -16.34 -18.08 42.87
C GLU E 78 -16.84 -19.39 42.28
N ALA E 79 -17.31 -20.29 43.15
CA ALA E 79 -17.86 -21.57 42.71
C ALA E 79 -19.15 -21.39 41.91
N GLU E 80 -19.99 -20.46 42.37
CA GLU E 80 -21.29 -20.17 41.74
C GLU E 80 -21.19 -19.65 40.30
N ASP E 81 -20.06 -19.06 39.95
CA ASP E 81 -19.82 -18.55 38.59
C ASP E 81 -19.90 -19.66 37.54
N ALA E 82 -19.55 -20.88 37.94
CA ALA E 82 -19.63 -22.05 37.05
C ALA E 82 -20.95 -22.08 36.28
N ALA E 83 -20.88 -21.79 34.98
CA ALA E 83 -22.05 -21.66 34.12
C ALA E 83 -21.60 -21.73 32.66
N THR E 84 -22.46 -21.26 31.75
CA THR E 84 -22.07 -21.02 30.36
C THR E 84 -22.48 -19.61 29.98
N TYR E 85 -21.53 -18.86 29.42
CA TYR E 85 -21.74 -17.47 29.03
C TYR E 85 -21.86 -17.36 27.50
N PHE E 86 -22.91 -16.66 27.06
CA PHE E 86 -23.14 -16.42 25.63
C PHE E 86 -23.03 -14.94 25.32
N CYS E 87 -22.40 -14.60 24.20
CA CYS E 87 -22.34 -13.22 23.72
C CYS E 87 -23.45 -12.98 22.69
N GLN E 88 -24.16 -11.86 22.86
CA GLN E 88 -25.22 -11.47 21.95
C GLN E 88 -24.81 -10.20 21.20
N GLN E 89 -25.11 -10.18 19.90
CA GLN E 89 -24.91 -9.01 19.05
C GLN E 89 -26.26 -8.56 18.54
N TRP E 90 -26.52 -7.24 18.58
CA TRP E 90 -27.67 -6.68 17.87
C TRP E 90 -27.45 -5.22 17.44
N SER E 91 -26.26 -4.92 16.94
CA SER E 91 -26.01 -3.68 16.20
C SER E 91 -26.26 -3.90 14.71
N ASN E 92 -26.47 -5.17 14.34
CA ASN E 92 -26.80 -5.58 12.99
C ASN E 92 -27.93 -6.62 13.05
N HIS E 93 -29.03 -6.35 12.35
CA HIS E 93 -30.19 -7.24 12.33
C HIS E 93 -29.99 -8.34 11.29
N PRO E 94 -30.35 -9.60 11.62
CA PRO E 94 -30.93 -10.07 12.89
C PRO E 94 -29.88 -10.27 13.97
N PRO E 95 -30.31 -10.24 15.25
CA PRO E 95 -29.41 -10.49 16.36
C PRO E 95 -28.90 -11.93 16.34
N THR E 96 -27.71 -12.15 16.91
CA THR E 96 -27.07 -13.45 16.85
C THR E 96 -26.34 -13.81 18.15
N PHE E 97 -26.07 -15.11 18.32
CA PHE E 97 -25.40 -15.63 19.50
C PHE E 97 -24.17 -16.41 19.09
N GLY E 98 -23.17 -16.45 19.96
CA GLY E 98 -21.84 -16.97 19.62
C GLY E 98 -21.50 -18.43 19.88
N GLY E 99 -22.47 -19.24 20.28
CA GLY E 99 -22.24 -20.68 20.43
C GLY E 99 -21.50 -21.13 21.68
N GLY E 100 -21.48 -20.29 22.72
CA GLY E 100 -21.11 -20.71 24.08
C GLY E 100 -19.66 -20.64 24.54
N THR E 101 -19.43 -19.91 25.65
CA THR E 101 -18.21 -20.02 26.46
C THR E 101 -18.58 -20.68 27.79
N LYS E 102 -18.24 -21.96 27.95
CA LYS E 102 -18.57 -22.73 29.14
C LYS E 102 -17.57 -22.49 30.27
N LEU E 103 -17.97 -21.74 31.30
CA LEU E 103 -17.09 -21.44 32.43
C LEU E 103 -16.91 -22.66 33.35
N GLU E 104 -15.79 -23.36 33.15
CA GLU E 104 -15.39 -24.48 34.00
C GLU E 104 -14.53 -23.95 35.16
N ILE E 105 -14.54 -24.66 36.29
CA ILE E 105 -13.72 -24.30 37.44
C ILE E 105 -12.69 -25.39 37.74
N ASP E 106 -11.43 -24.97 37.93
CA ASP E 106 -10.31 -25.89 38.15
C ASP E 106 -9.98 -25.95 39.64
N ARG E 107 -10.30 -27.08 40.27
CA ARG E 107 -10.12 -27.26 41.72
C ARG E 107 -9.38 -28.56 42.05
N ALA E 108 -9.38 -28.93 43.34
CA ALA E 108 -8.71 -30.14 43.81
C ALA E 108 -9.32 -31.43 43.25
N ASP E 109 -8.48 -32.46 43.14
CA ASP E 109 -8.89 -33.75 42.57
C ASP E 109 -9.38 -34.71 43.65
N ALA E 110 -10.04 -35.79 43.22
CA ALA E 110 -10.57 -36.81 44.12
C ALA E 110 -10.89 -38.10 43.35
N ALA E 111 -11.55 -39.05 44.01
CA ALA E 111 -11.96 -40.31 43.39
C ALA E 111 -13.44 -40.61 43.69
N PRO E 112 -14.09 -41.39 42.80
CA PRO E 112 -15.53 -41.64 42.94
C PRO E 112 -15.90 -42.64 44.04
N THR E 113 -17.11 -42.50 44.56
CA THR E 113 -17.66 -43.47 45.50
C THR E 113 -18.40 -44.54 44.70
N VAL E 114 -17.74 -45.67 44.45
CA VAL E 114 -18.26 -46.70 43.55
C VAL E 114 -19.20 -47.66 44.28
N SER E 115 -20.49 -47.50 44.05
CA SER E 115 -21.52 -48.39 44.61
C SER E 115 -22.12 -49.23 43.49
N ILE E 116 -22.80 -50.31 43.86
CA ILE E 116 -23.43 -51.20 42.89
C ILE E 116 -24.84 -51.61 43.35
N PHE E 117 -25.71 -51.90 42.39
CA PHE E 117 -27.11 -52.20 42.65
C PHE E 117 -27.62 -53.33 41.76
N PRO E 118 -27.88 -54.52 42.34
CA PRO E 118 -28.57 -55.58 41.60
C PRO E 118 -30.00 -55.18 41.21
N PRO E 119 -30.60 -55.90 40.25
CA PRO E 119 -31.96 -55.56 39.83
C PRO E 119 -32.96 -55.84 40.95
N SER E 120 -33.78 -54.84 41.26
CA SER E 120 -34.77 -54.96 42.34
C SER E 120 -35.86 -55.97 42.00
N SER E 121 -36.64 -56.35 43.01
CA SER E 121 -37.71 -57.33 42.84
C SER E 121 -38.83 -56.81 41.92
N GLU E 122 -39.02 -55.50 41.88
CA GLU E 122 -40.04 -54.87 41.03
C GLU E 122 -39.68 -54.88 39.54
N GLN E 123 -38.39 -54.98 39.21
CA GLN E 123 -37.94 -54.91 37.81
C GLN E 123 -37.90 -56.28 37.14
N LEU E 124 -37.42 -57.30 37.84
CA LEU E 124 -37.42 -58.68 37.34
C LEU E 124 -38.84 -59.10 36.92
N THR E 125 -39.82 -58.58 37.65
CA THR E 125 -41.24 -58.69 37.31
C THR E 125 -41.57 -58.33 35.85
N SER E 126 -40.91 -57.30 35.33
CA SER E 126 -41.25 -56.74 34.01
C SER E 126 -40.55 -57.42 32.82
N GLY E 127 -40.11 -58.67 33.00
CA GLY E 127 -39.49 -59.44 31.92
C GLY E 127 -38.06 -59.07 31.57
N GLY E 128 -37.43 -58.24 32.40
CA GLY E 128 -36.06 -57.80 32.18
C GLY E 128 -35.34 -57.48 33.48
N ALA E 129 -34.02 -57.33 33.41
CA ALA E 129 -33.19 -57.06 34.59
C ALA E 129 -32.14 -56.01 34.26
N SER E 130 -32.09 -54.95 35.07
CA SER E 130 -31.14 -53.85 34.88
C SER E 130 -30.20 -53.70 36.06
N VAL E 131 -28.94 -54.09 35.86
CA VAL E 131 -27.89 -53.93 36.87
C VAL E 131 -27.37 -52.49 36.79
N VAL E 132 -27.32 -51.81 37.93
CA VAL E 132 -26.92 -50.41 38.00
C VAL E 132 -25.64 -50.26 38.82
N CYS E 133 -24.77 -49.34 38.38
CA CYS E 133 -23.51 -49.05 39.07
C CYS E 133 -23.32 -47.54 39.11
N PHE E 134 -23.04 -47.00 40.31
CA PHE E 134 -22.99 -45.55 40.54
C PHE E 134 -21.57 -45.05 40.81
N LEU E 135 -21.24 -43.87 40.27
CA LEU E 135 -20.00 -43.16 40.56
C LEU E 135 -20.36 -41.70 40.86
N ASN E 136 -20.23 -41.29 42.14
CA ASN E 136 -20.93 -40.10 42.64
C ASN E 136 -20.15 -38.79 42.79
N ASN E 137 -18.83 -38.85 42.93
CA ASN E 137 -18.07 -37.62 43.24
C ASN E 137 -16.62 -37.63 42.75
N PHE E 138 -16.34 -36.85 41.70
CA PHE E 138 -14.99 -36.73 41.15
C PHE E 138 -14.80 -35.48 40.27
N TYR E 139 -13.57 -34.96 40.24
CA TYR E 139 -13.19 -33.90 39.30
C TYR E 139 -12.62 -34.42 37.97
N PRO E 140 -11.77 -35.47 38.01
CA PRO E 140 -11.29 -36.05 36.73
C PRO E 140 -12.42 -36.67 35.89
N LYS E 141 -12.76 -35.98 34.81
CA LYS E 141 -14.01 -36.24 34.09
C LYS E 141 -13.98 -37.50 33.21
N ASP E 142 -12.90 -37.68 32.45
CA ASP E 142 -12.78 -38.82 31.53
C ASP E 142 -12.62 -40.15 32.28
N ILE E 143 -13.17 -41.22 31.71
CA ILE E 143 -13.14 -42.54 32.35
C ILE E 143 -13.44 -43.67 31.35
N ASN E 144 -12.87 -44.85 31.60
CA ASN E 144 -13.11 -46.05 30.80
C ASN E 144 -13.68 -47.17 31.67
N VAL E 145 -14.97 -47.46 31.51
CA VAL E 145 -15.66 -48.48 32.31
C VAL E 145 -15.92 -49.72 31.45
N LYS E 146 -15.96 -50.89 32.10
CA LYS E 146 -16.18 -52.16 31.40
C LYS E 146 -16.88 -53.19 32.29
N TRP E 147 -17.77 -53.98 31.68
CA TRP E 147 -18.57 -54.98 32.38
C TRP E 147 -18.17 -56.39 31.97
N LYS E 148 -18.18 -57.32 32.94
CA LYS E 148 -17.84 -58.73 32.69
C LYS E 148 -18.92 -59.66 33.24
N ILE E 149 -19.32 -60.65 32.44
CA ILE E 149 -20.30 -61.66 32.86
C ILE E 149 -19.55 -62.98 33.05
N ASP E 150 -19.10 -63.22 34.28
CA ASP E 150 -18.28 -64.39 34.61
C ASP E 150 -17.01 -64.46 33.77
N GLY E 151 -16.28 -63.35 33.71
CA GLY E 151 -15.01 -63.28 32.99
C GLY E 151 -15.09 -62.60 31.63
N SER E 152 -16.05 -63.03 30.81
CA SER E 152 -16.18 -62.54 29.44
C SER E 152 -16.74 -61.12 29.41
N GLU E 153 -16.07 -60.24 28.65
CA GLU E 153 -16.48 -58.83 28.56
C GLU E 153 -17.75 -58.68 27.72
N GLY E 157 -25.66 -53.35 24.82
CA GLY E 157 -26.77 -52.80 25.59
C GLY E 157 -26.31 -52.20 26.91
N VAL E 158 -25.34 -51.29 26.83
CA VAL E 158 -24.81 -50.59 28.00
C VAL E 158 -25.07 -49.09 27.86
N LEU E 159 -25.28 -48.41 28.98
CA LEU E 159 -25.76 -47.02 29.00
C LEU E 159 -24.98 -46.18 30.01
N ASN E 160 -24.58 -44.98 29.60
CA ASN E 160 -23.87 -44.04 30.46
C ASN E 160 -24.60 -42.69 30.54
N SER E 161 -24.49 -42.02 31.68
CA SER E 161 -25.11 -40.71 31.88
C SER E 161 -24.38 -39.92 32.97
N TRP E 162 -24.11 -38.65 32.71
CA TRP E 162 -23.22 -37.83 33.55
C TRP E 162 -23.99 -36.67 34.17
N THR E 163 -23.30 -35.91 35.03
CA THR E 163 -23.85 -34.71 35.66
C THR E 163 -23.04 -33.48 35.24
N ASP E 164 -23.63 -32.30 35.37
CA ASP E 164 -22.92 -31.04 35.15
C ASP E 164 -22.15 -30.66 36.40
N GLN E 165 -21.35 -29.59 36.32
CA GLN E 165 -20.57 -29.14 37.47
C GLN E 165 -21.44 -28.45 38.49
N ASP E 166 -21.14 -28.66 39.77
CA ASP E 166 -21.92 -28.10 40.86
C ASP E 166 -21.53 -26.64 41.08
N SER E 167 -22.52 -25.82 41.44
CA SER E 167 -22.30 -24.40 41.73
C SER E 167 -21.86 -24.17 43.18
N LYS E 168 -21.33 -25.22 43.82
CA LYS E 168 -20.96 -25.15 45.23
C LYS E 168 -19.64 -25.90 45.56
N ASP E 169 -19.45 -27.10 44.99
CA ASP E 169 -18.22 -27.87 45.21
C ASP E 169 -17.46 -28.22 43.92
N SER E 170 -18.04 -27.90 42.77
CA SER E 170 -17.44 -28.19 41.46
C SER E 170 -17.01 -29.65 41.30
N THR E 171 -17.98 -30.55 41.18
CA THR E 171 -17.74 -31.98 41.14
C THR E 171 -18.74 -32.69 40.22
N TYR E 172 -18.26 -33.67 39.46
CA TYR E 172 -19.09 -34.41 38.50
C TYR E 172 -19.41 -35.82 38.98
N SER E 173 -20.28 -36.51 38.24
CA SER E 173 -20.70 -37.88 38.57
C SER E 173 -21.05 -38.68 37.31
N MET E 174 -21.41 -39.96 37.49
CA MET E 174 -21.78 -40.84 36.38
C MET E 174 -22.53 -42.08 36.88
N SER E 175 -23.34 -42.68 36.02
CA SER E 175 -23.95 -43.98 36.28
C SER E 175 -23.89 -44.88 35.05
N SER E 176 -23.44 -46.11 35.24
CA SER E 176 -23.39 -47.10 34.17
C SER E 176 -24.53 -48.12 34.36
N THR E 177 -25.36 -48.26 33.34
CA THR E 177 -26.53 -49.15 33.39
C THR E 177 -26.38 -50.30 32.38
N LEU E 178 -26.85 -51.48 32.76
CA LEU E 178 -26.74 -52.69 31.94
C LEU E 178 -28.10 -53.40 31.84
N THR E 179 -28.83 -53.12 30.78
CA THR E 179 -30.17 -53.70 30.56
C THR E 179 -30.09 -55.01 29.77
N LEU E 180 -30.71 -56.05 30.31
CA LEU E 180 -30.80 -57.35 29.63
C LEU E 180 -31.96 -58.19 30.16
N THR E 181 -32.33 -59.23 29.43
CA THR E 181 -33.52 -60.02 29.76
C THR E 181 -33.36 -60.83 31.04
N LYS E 182 -34.49 -61.20 31.65
CA LYS E 182 -34.51 -61.94 32.91
C LYS E 182 -34.07 -63.40 32.73
N ASP E 183 -34.39 -63.98 31.57
CA ASP E 183 -34.02 -65.37 31.26
C ASP E 183 -32.50 -65.52 31.12
N GLU E 184 -31.88 -64.60 30.39
CA GLU E 184 -30.43 -64.61 30.19
C GLU E 184 -29.68 -63.92 31.34
N TYR E 185 -30.42 -63.32 32.28
CA TYR E 185 -29.86 -62.79 33.52
C TYR E 185 -29.54 -63.93 34.49
N GLU E 186 -30.45 -64.90 34.59
CA GLU E 186 -30.31 -66.01 35.53
C GLU E 186 -29.32 -67.10 35.10
N ARG E 187 -28.81 -67.00 33.87
CA ARG E 187 -27.86 -67.99 33.34
C ARG E 187 -26.42 -67.74 33.82
N HIS E 188 -26.17 -66.55 34.39
CA HIS E 188 -24.85 -66.21 34.94
C HIS E 188 -24.97 -65.85 36.43
N ASN E 189 -23.82 -65.72 37.10
CA ASN E 189 -23.78 -65.53 38.55
C ASN E 189 -23.15 -64.18 38.97
N SER E 190 -21.95 -63.90 38.46
CA SER E 190 -21.20 -62.72 38.87
C SER E 190 -21.32 -61.56 37.87
N TYR E 191 -21.34 -60.33 38.41
CA TYR E 191 -21.45 -59.11 37.61
C TYR E 191 -20.40 -58.11 38.07
N THR E 192 -19.65 -57.54 37.12
CA THR E 192 -18.47 -56.73 37.43
C THR E 192 -18.62 -55.27 37.02
N CYS E 193 -18.13 -54.36 37.87
CA CYS E 193 -18.11 -52.93 37.58
C CYS E 193 -16.76 -52.33 37.97
N GLU E 194 -15.96 -51.97 36.96
CA GLU E 194 -14.60 -51.47 37.16
C GLU E 194 -14.46 -50.02 36.68
N ALA E 195 -13.27 -49.45 36.82
CA ALA E 195 -13.00 -48.07 36.40
C ALA E 195 -11.52 -47.80 36.14
N THR E 196 -11.24 -46.84 35.25
CA THR E 196 -9.88 -46.38 34.96
C THR E 196 -9.78 -44.89 35.27
N HIS E 197 -10.07 -44.54 36.52
CA HIS E 197 -10.12 -43.14 36.96
C HIS E 197 -8.73 -42.65 37.36
N LYS E 198 -8.56 -41.32 37.41
CA LYS E 198 -7.28 -40.70 37.76
C LYS E 198 -6.90 -40.97 39.21
N THR E 199 -6.31 -42.13 39.45
CA THR E 199 -5.77 -42.53 40.75
C THR E 199 -4.93 -43.81 40.63
N SER E 200 -5.50 -44.82 39.99
CA SER E 200 -4.80 -46.07 39.71
C SER E 200 -4.82 -46.38 38.21
N THR E 201 -3.69 -46.85 37.69
CA THR E 201 -3.61 -47.33 36.31
C THR E 201 -4.13 -48.78 36.17
N SER E 202 -4.25 -49.46 37.31
CA SER E 202 -4.87 -50.79 37.37
C SER E 202 -6.35 -50.65 37.77
N PRO E 203 -7.24 -51.49 37.21
CA PRO E 203 -8.69 -51.37 37.43
C PRO E 203 -9.12 -51.34 38.89
N ILE E 204 -10.08 -50.47 39.21
CA ILE E 204 -10.67 -50.42 40.55
C ILE E 204 -11.73 -51.53 40.67
N VAL E 205 -11.86 -52.11 41.86
CA VAL E 205 -12.71 -53.30 42.05
C VAL E 205 -14.01 -53.00 42.81
N LYS E 206 -15.13 -53.44 42.24
CA LYS E 206 -16.43 -53.36 42.89
C LYS E 206 -17.43 -54.30 42.18
N SER E 207 -18.01 -55.24 42.95
CA SER E 207 -18.91 -56.24 42.38
C SER E 207 -19.89 -56.80 43.43
N PHE E 208 -20.80 -57.65 42.97
CA PHE E 208 -21.72 -58.40 43.85
C PHE E 208 -21.90 -59.83 43.36
N ASN E 209 -22.70 -60.61 44.08
CA ASN E 209 -22.97 -62.00 43.70
C ASN E 209 -24.30 -62.50 44.27
N ARG E 210 -25.05 -63.25 43.46
CA ARG E 210 -26.33 -63.82 43.90
C ARG E 210 -26.12 -65.06 44.75
N GLU F 1 -40.08 -7.83 41.00
CA GLU F 1 -40.94 -6.87 40.23
C GLU F 1 -41.00 -7.17 38.72
N PHE F 2 -40.24 -8.17 38.26
CA PHE F 2 -40.27 -8.59 36.85
C PHE F 2 -40.36 -10.12 36.75
N GLN F 3 -41.58 -10.63 36.54
CA GLN F 3 -41.80 -12.08 36.44
C GLN F 3 -42.23 -12.47 35.03
N LEU F 4 -41.52 -13.43 34.44
CA LEU F 4 -41.90 -14.02 33.15
C LEU F 4 -42.07 -15.53 33.30
N GLN F 5 -43.33 -15.98 33.34
CA GLN F 5 -43.64 -17.41 33.46
C GLN F 5 -44.27 -17.90 32.17
N GLN F 6 -43.76 -19.02 31.66
CA GLN F 6 -44.27 -19.64 30.44
C GLN F 6 -45.01 -20.92 30.77
N SER F 7 -45.89 -21.34 29.87
CA SER F 7 -46.62 -22.60 30.03
C SER F 7 -45.68 -23.79 30.04
N GLY F 8 -46.22 -24.95 30.45
CA GLY F 8 -45.40 -26.13 30.68
C GLY F 8 -44.95 -26.83 29.41
N PRO F 9 -44.19 -27.93 29.54
CA PRO F 9 -43.70 -28.72 28.41
C PRO F 9 -44.80 -29.22 27.47
N GLU F 10 -44.41 -29.62 26.26
CA GLU F 10 -45.36 -29.89 25.20
C GLU F 10 -44.88 -31.01 24.28
N LEU F 11 -45.76 -31.98 24.04
CA LEU F 11 -45.54 -33.02 23.03
C LEU F 11 -46.61 -32.87 21.94
N VAL F 12 -46.17 -32.98 20.68
CA VAL F 12 -47.07 -32.88 19.53
C VAL F 12 -46.56 -33.71 18.36
N LYS F 13 -47.49 -34.20 17.54
CA LYS F 13 -47.13 -34.98 16.36
C LYS F 13 -46.69 -34.06 15.23
N PRO F 14 -45.90 -34.60 14.27
CA PRO F 14 -45.52 -33.81 13.11
C PRO F 14 -46.73 -33.41 12.28
N GLY F 15 -46.75 -32.16 11.83
CA GLY F 15 -47.89 -31.61 11.08
C GLY F 15 -48.77 -30.72 11.93
N ALA F 16 -48.85 -31.00 13.23
CA ALA F 16 -49.68 -30.23 14.15
C ALA F 16 -49.07 -28.85 14.44
N SER F 17 -49.68 -28.12 15.37
CA SER F 17 -49.17 -26.83 15.81
C SER F 17 -49.49 -26.60 17.29
N VAL F 18 -48.70 -25.74 17.93
CA VAL F 18 -48.91 -25.42 19.36
C VAL F 18 -48.64 -23.95 19.67
N LYS F 19 -49.33 -23.47 20.71
CA LYS F 19 -49.21 -22.11 21.20
C LYS F 19 -48.72 -22.17 22.64
N ILE F 20 -47.72 -21.35 22.97
CA ILE F 20 -47.18 -21.32 24.34
C ILE F 20 -47.28 -19.89 24.87
N SER F 21 -47.63 -19.77 26.15
CA SER F 21 -47.88 -18.47 26.76
C SER F 21 -46.66 -17.93 27.50
N CYS F 22 -46.71 -16.65 27.81
CA CYS F 22 -45.66 -15.98 28.59
C CYS F 22 -46.32 -14.88 29.41
N LYS F 23 -46.71 -15.22 30.64
CA LYS F 23 -47.39 -14.29 31.54
C LYS F 23 -46.37 -13.31 32.12
N ALA F 24 -46.69 -12.02 32.05
CA ALA F 24 -45.83 -10.97 32.58
C ALA F 24 -46.54 -10.18 33.67
N SER F 25 -45.82 -9.87 34.74
CA SER F 25 -46.39 -9.14 35.89
C SER F 25 -45.34 -8.31 36.63
N GLY F 26 -45.82 -7.36 37.42
CA GLY F 26 -44.98 -6.48 38.22
C GLY F 26 -44.82 -5.11 37.60
N TYR F 27 -44.55 -5.06 36.29
CA TYR F 27 -44.32 -3.81 35.57
C TYR F 27 -45.47 -3.46 34.62
N SER F 28 -45.39 -2.26 34.03
CA SER F 28 -46.38 -1.83 33.03
C SER F 28 -46.12 -2.56 31.72
N PHE F 29 -46.85 -3.66 31.51
CA PHE F 29 -46.62 -4.59 30.39
C PHE F 29 -46.48 -3.92 29.02
N THR F 30 -47.23 -2.84 28.81
CA THR F 30 -47.32 -2.19 27.51
C THR F 30 -46.10 -1.34 27.08
N ASP F 31 -45.00 -1.41 27.84
CA ASP F 31 -43.86 -0.51 27.64
C ASP F 31 -42.60 -1.13 27.02
N TYR F 32 -42.49 -2.47 27.03
CA TYR F 32 -41.26 -3.14 26.59
C TYR F 32 -41.53 -4.32 25.66
N ASN F 33 -40.55 -4.63 24.81
CA ASN F 33 -40.71 -5.61 23.74
C ASN F 33 -40.44 -7.06 24.18
N ILE F 34 -41.31 -7.97 23.75
CA ILE F 34 -41.15 -9.40 24.02
C ILE F 34 -40.43 -10.05 22.84
N ASN F 35 -39.24 -10.60 23.09
CA ASN F 35 -38.47 -11.30 22.08
C ASN F 35 -38.41 -12.80 22.37
N TRP F 36 -38.47 -13.62 21.32
CA TRP F 36 -38.49 -15.06 21.47
C TRP F 36 -37.22 -15.70 20.93
N MET F 37 -36.70 -16.68 21.67
CA MET F 37 -35.50 -17.41 21.27
C MET F 37 -35.81 -18.89 21.10
N LYS F 38 -34.85 -19.62 20.51
CA LYS F 38 -34.91 -21.07 20.39
C LYS F 38 -33.54 -21.64 20.73
N GLN F 39 -33.52 -22.78 21.41
CA GLN F 39 -32.28 -23.49 21.71
C GLN F 39 -32.46 -24.99 21.53
N SER F 40 -31.95 -25.53 20.43
CA SER F 40 -31.90 -26.98 20.26
C SER F 40 -30.88 -27.55 21.25
N ASN F 41 -31.09 -28.82 21.63
CA ASN F 41 -30.35 -29.41 22.74
C ASN F 41 -28.85 -29.56 22.45
N GLY F 42 -28.06 -28.68 23.07
CA GLY F 42 -26.60 -28.64 22.85
C GLY F 42 -26.17 -27.53 21.90
N LYS F 43 -27.02 -27.19 20.94
CA LYS F 43 -26.71 -26.18 19.93
C LYS F 43 -26.77 -24.76 20.52
N SER F 44 -26.47 -23.77 19.66
CA SER F 44 -26.50 -22.36 20.06
C SER F 44 -27.93 -21.82 20.08
N LEU F 45 -28.07 -20.59 20.56
CA LEU F 45 -29.38 -19.92 20.60
C LEU F 45 -29.71 -19.30 19.24
N GLU F 46 -31.01 -19.17 18.96
CA GLU F 46 -31.49 -18.53 17.73
C GLU F 46 -32.66 -17.60 18.02
N TRP F 47 -32.58 -16.37 17.53
CA TRP F 47 -33.67 -15.41 17.66
C TRP F 47 -34.78 -15.74 16.68
N ILE F 48 -36.03 -15.74 17.16
CA ILE F 48 -37.19 -16.05 16.33
C ILE F 48 -37.87 -14.78 15.83
N GLY F 49 -38.17 -13.89 16.75
CA GLY F 49 -38.89 -12.66 16.42
C GLY F 49 -39.24 -11.86 17.65
N VAL F 50 -39.97 -10.76 17.43
CA VAL F 50 -40.32 -9.83 18.49
C VAL F 50 -41.72 -9.28 18.30
N VAL F 51 -42.36 -8.87 19.40
CA VAL F 51 -43.61 -8.11 19.35
C VAL F 51 -43.53 -6.92 20.30
N ILE F 52 -44.14 -5.80 19.91
CA ILE F 52 -44.37 -4.71 20.86
C ILE F 52 -45.80 -4.88 21.40
N PRO F 53 -45.93 -5.18 22.71
CA PRO F 53 -47.24 -5.48 23.31
C PRO F 53 -48.32 -4.43 23.06
N LYS F 54 -47.93 -3.16 23.11
CA LYS F 54 -48.87 -2.04 22.99
C LYS F 54 -49.72 -2.10 21.72
N TYR F 55 -49.06 -2.13 20.56
CA TYR F 55 -49.76 -2.03 19.27
C TYR F 55 -49.81 -3.35 18.49
N GLY F 56 -49.13 -4.38 18.97
CA GLY F 56 -49.13 -5.68 18.29
C GLY F 56 -48.26 -5.74 17.05
N THR F 57 -47.34 -4.80 16.91
CA THR F 57 -46.37 -4.80 15.82
C THR F 57 -45.38 -5.94 16.01
N THR F 58 -45.16 -6.70 14.95
CA THR F 58 -44.23 -7.84 15.00
C THR F 58 -43.08 -7.69 14.01
N ASN F 59 -41.98 -8.39 14.30
CA ASN F 59 -40.87 -8.53 13.38
C ASN F 59 -40.21 -9.89 13.53
N TYR F 60 -40.24 -10.67 12.45
CA TYR F 60 -39.75 -12.04 12.49
C TYR F 60 -38.38 -12.18 11.82
N ASN F 61 -37.58 -13.08 12.37
CA ASN F 61 -36.42 -13.60 11.69
C ASN F 61 -36.91 -14.28 10.41
N GLN F 62 -36.29 -13.93 9.28
CA GLN F 62 -36.64 -14.50 7.98
C GLN F 62 -36.69 -16.04 8.01
N LYS F 63 -35.82 -16.63 8.84
CA LYS F 63 -35.77 -18.08 9.04
C LYS F 63 -37.11 -18.66 9.55
N PHE F 64 -37.81 -17.89 10.40
CA PHE F 64 -39.07 -18.33 11.00
C PHE F 64 -40.28 -17.50 10.55
N GLN F 65 -40.24 -16.93 9.35
CA GLN F 65 -41.33 -16.09 8.86
C GLN F 65 -42.64 -16.87 8.79
N GLY F 66 -42.59 -18.07 8.21
CA GLY F 66 -43.74 -18.95 8.13
C GLY F 66 -43.99 -19.79 9.39
N LYS F 67 -42.93 -20.08 10.13
CA LYS F 67 -43.00 -21.04 11.24
C LYS F 67 -43.66 -20.50 12.51
N ALA F 68 -43.21 -19.34 12.97
CA ALA F 68 -43.71 -18.76 14.21
C ALA F 68 -44.73 -17.67 13.94
N THR F 69 -45.67 -17.51 14.87
CA THR F 69 -46.68 -16.46 14.79
C THR F 69 -46.86 -15.89 16.20
N LEU F 70 -46.47 -14.64 16.39
CA LEU F 70 -46.48 -14.02 17.72
C LEU F 70 -47.68 -13.10 17.88
N THR F 71 -48.29 -13.16 19.07
CA THR F 71 -49.48 -12.39 19.39
C THR F 71 -49.42 -11.96 20.86
N VAL F 72 -50.29 -11.02 21.23
CA VAL F 72 -50.27 -10.45 22.58
C VAL F 72 -51.68 -10.14 23.10
N ASP F 73 -51.93 -10.48 24.36
CA ASP F 73 -53.11 -10.04 25.11
C ASP F 73 -52.64 -9.07 26.19
N GLN F 74 -53.19 -7.86 26.18
CA GLN F 74 -52.74 -6.77 27.07
C GLN F 74 -53.55 -6.67 28.35
N SER F 75 -54.78 -7.17 28.34
CA SER F 75 -55.61 -7.26 29.55
C SER F 75 -55.08 -8.36 30.48
N SER F 76 -54.59 -9.44 29.88
CA SER F 76 -54.01 -10.55 30.62
C SER F 76 -52.50 -10.38 30.88
N SER F 77 -51.90 -9.36 30.27
CA SER F 77 -50.45 -9.14 30.31
C SER F 77 -49.68 -10.38 29.86
N THR F 78 -50.16 -10.98 28.77
CA THR F 78 -49.61 -12.25 28.27
C THR F 78 -49.25 -12.15 26.78
N ALA F 79 -48.11 -12.75 26.43
CA ALA F 79 -47.67 -12.85 25.04
C ALA F 79 -47.62 -14.32 24.64
N TYR F 80 -47.90 -14.60 23.37
CA TYR F 80 -47.97 -15.98 22.88
C TYR F 80 -47.08 -16.18 21.65
N ILE F 81 -46.71 -17.44 21.41
CA ILE F 81 -45.98 -17.83 20.20
C ILE F 81 -46.61 -19.08 19.58
N GLN F 82 -47.27 -18.88 18.44
CA GLN F 82 -47.92 -19.98 17.73
C GLN F 82 -46.90 -20.60 16.76
N LEU F 83 -46.51 -21.83 17.02
CA LEU F 83 -45.56 -22.56 16.16
C LEU F 83 -46.33 -23.51 15.25
N ASN F 84 -46.31 -23.21 13.94
CA ASN F 84 -47.18 -23.86 12.97
C ASN F 84 -46.47 -24.89 12.09
N SER F 85 -47.19 -25.96 11.76
CA SER F 85 -46.70 -27.02 10.87
C SER F 85 -45.33 -27.55 11.31
N LEU F 86 -45.33 -28.36 12.37
CA LEU F 86 -44.09 -28.76 13.04
C LEU F 86 -43.48 -30.04 12.48
N THR F 87 -42.18 -30.21 12.71
CA THR F 87 -41.45 -31.43 12.32
C THR F 87 -40.42 -31.78 13.39
N SER F 88 -39.68 -32.86 13.15
CA SER F 88 -38.63 -33.30 14.06
C SER F 88 -37.61 -32.20 14.39
N GLU F 89 -37.33 -31.34 13.41
CA GLU F 89 -36.33 -30.29 13.58
C GLU F 89 -36.86 -29.03 14.27
N ASP F 90 -38.09 -29.09 14.78
CA ASP F 90 -38.64 -28.01 15.61
C ASP F 90 -38.51 -28.32 17.11
N SER F 91 -37.96 -29.48 17.45
CA SER F 91 -37.81 -29.90 18.85
C SER F 91 -36.69 -29.11 19.52
N ALA F 92 -37.05 -28.32 20.53
CA ALA F 92 -36.10 -27.46 21.23
C ALA F 92 -36.74 -26.79 22.44
N VAL F 93 -35.93 -26.05 23.19
CA VAL F 93 -36.42 -25.18 24.25
C VAL F 93 -36.73 -23.81 23.63
N TYR F 94 -37.72 -23.12 24.18
CA TYR F 94 -38.15 -21.82 23.67
C TYR F 94 -38.31 -20.83 24.82
N TYR F 95 -37.67 -19.67 24.71
CA TYR F 95 -37.69 -18.64 25.76
C TYR F 95 -38.39 -17.36 25.30
N CYS F 96 -39.22 -16.79 26.18
CA CYS F 96 -39.74 -15.43 25.99
C CYS F 96 -38.84 -14.50 26.80
N THR F 97 -38.38 -13.41 26.17
CA THR F 97 -37.44 -12.49 26.81
C THR F 97 -37.87 -11.04 26.63
N ARG F 98 -37.59 -10.22 27.64
CA ARG F 98 -37.92 -8.79 27.62
C ARG F 98 -36.78 -8.00 27.00
N PHE F 99 -37.06 -6.79 26.50
CA PHE F 99 -36.03 -5.89 25.97
C PHE F 99 -36.17 -4.50 26.59
N ARG F 100 -35.16 -4.08 27.36
CA ARG F 100 -35.25 -2.83 28.13
C ARG F 100 -34.65 -1.64 27.39
N ASP F 101 -34.91 -1.56 26.08
CA ASP F 101 -34.32 -0.54 25.21
C ASP F 101 -32.81 -0.72 25.00
N VAL F 102 -32.24 -1.84 25.47
CA VAL F 102 -30.80 -2.12 25.34
C VAL F 102 -30.53 -3.60 25.09
N PHE F 103 -31.04 -4.47 25.97
CA PHE F 103 -30.82 -5.92 25.83
C PHE F 103 -31.90 -6.74 26.55
N PHE F 104 -31.76 -8.07 26.52
CA PHE F 104 -32.76 -8.98 27.11
C PHE F 104 -32.59 -9.07 28.63
N ASP F 105 -33.28 -8.21 29.37
CA ASP F 105 -33.06 -8.08 30.81
C ASP F 105 -33.98 -8.95 31.70
N VAL F 106 -34.90 -9.70 31.10
CA VAL F 106 -35.73 -10.66 31.83
C VAL F 106 -36.00 -11.89 30.96
N TRP F 107 -35.73 -13.08 31.51
CA TRP F 107 -35.89 -14.34 30.78
C TRP F 107 -36.82 -15.29 31.51
N GLY F 108 -37.74 -15.91 30.78
CA GLY F 108 -38.70 -16.84 31.36
C GLY F 108 -38.11 -18.23 31.55
N THR F 109 -38.90 -19.09 32.21
CA THR F 109 -38.45 -20.44 32.60
C THR F 109 -37.99 -21.31 31.41
N GLY F 110 -38.66 -21.17 30.27
CA GLY F 110 -38.31 -21.91 29.06
C GLY F 110 -39.22 -23.11 28.90
N THR F 111 -39.87 -23.19 27.74
CA THR F 111 -40.79 -24.27 27.43
C THR F 111 -40.14 -25.29 26.51
N THR F 112 -39.94 -26.50 27.03
CA THR F 112 -39.40 -27.60 26.23
C THR F 112 -40.49 -28.16 25.34
N VAL F 113 -40.27 -28.11 24.02
CA VAL F 113 -41.26 -28.61 23.04
C VAL F 113 -40.67 -29.78 22.27
N THR F 114 -41.39 -30.91 22.29
CA THR F 114 -40.96 -32.14 21.60
C THR F 114 -41.93 -32.48 20.47
N VAL F 115 -41.37 -32.86 19.32
CA VAL F 115 -42.17 -33.19 18.14
C VAL F 115 -41.84 -34.61 17.69
N SER F 116 -42.80 -35.52 17.82
CA SER F 116 -42.60 -36.92 17.46
C SER F 116 -43.92 -37.66 17.25
N SER F 117 -43.84 -38.76 16.50
CA SER F 117 -45.00 -39.57 16.16
C SER F 117 -45.43 -40.50 17.30
N ALA F 118 -44.57 -40.66 18.31
CA ALA F 118 -44.75 -41.69 19.34
C ALA F 118 -45.82 -41.33 20.38
N LYS F 119 -46.55 -42.36 20.80
CA LYS F 119 -47.48 -42.27 21.94
C LYS F 119 -46.77 -41.93 23.25
N THR F 120 -47.48 -41.25 24.15
CA THR F 120 -46.97 -40.94 25.48
C THR F 120 -46.87 -42.23 26.31
N THR F 121 -45.85 -42.30 27.18
CA THR F 121 -45.61 -43.48 28.01
C THR F 121 -45.29 -43.09 29.44
N ALA F 122 -45.90 -43.78 30.40
CA ALA F 122 -45.68 -43.51 31.82
C ALA F 122 -44.45 -44.27 32.34
N PRO F 123 -43.75 -43.69 33.34
CA PRO F 123 -42.49 -44.28 33.81
C PRO F 123 -42.70 -45.49 34.73
N SER F 124 -41.68 -46.35 34.77
CA SER F 124 -41.65 -47.49 35.70
C SER F 124 -40.66 -47.20 36.82
N VAL F 125 -41.18 -46.75 37.96
CA VAL F 125 -40.34 -46.33 39.08
C VAL F 125 -39.96 -47.51 39.97
N TYR F 126 -38.67 -47.82 40.03
CA TYR F 126 -38.15 -48.88 40.90
C TYR F 126 -37.31 -48.29 42.03
N PRO F 127 -37.34 -48.93 43.22
CA PRO F 127 -36.39 -48.60 44.29
C PRO F 127 -35.19 -49.54 44.29
N LEU F 128 -33.99 -49.00 44.52
CA LEU F 128 -32.76 -49.80 44.54
C LEU F 128 -32.12 -49.76 45.93
N ALA F 129 -31.82 -50.93 46.47
CA ALA F 129 -31.22 -51.06 47.81
C ALA F 129 -29.76 -51.49 47.71
N PRO F 130 -28.98 -51.31 48.80
CA PRO F 130 -27.58 -51.73 48.77
C PRO F 130 -27.40 -53.26 48.79
N VAL F 131 -27.69 -53.90 49.93
CA VAL F 131 -27.69 -55.37 50.10
C VAL F 131 -27.48 -55.73 51.57
N SER F 139 -21.40 -43.87 55.55
CA SER F 139 -21.43 -43.94 54.10
C SER F 139 -22.44 -44.98 53.63
N VAL F 140 -23.57 -44.53 53.09
CA VAL F 140 -24.62 -45.42 52.57
C VAL F 140 -25.22 -44.83 51.29
N THR F 141 -24.94 -45.48 50.15
CA THR F 141 -25.47 -45.04 48.85
C THR F 141 -26.65 -45.92 48.43
N LEU F 142 -27.77 -45.28 48.09
CA LEU F 142 -28.96 -45.97 47.59
C LEU F 142 -29.31 -45.42 46.20
N GLY F 143 -30.45 -45.85 45.64
CA GLY F 143 -30.85 -45.43 44.29
C GLY F 143 -32.34 -45.46 44.00
N CYS F 144 -32.71 -44.95 42.83
CA CYS F 144 -34.11 -44.90 42.39
C CYS F 144 -34.20 -44.77 40.88
N LEU F 145 -34.41 -45.90 40.20
CA LEU F 145 -34.42 -45.94 38.73
C LEU F 145 -35.80 -45.60 38.18
N VAL F 146 -35.83 -44.72 37.16
CA VAL F 146 -37.05 -44.33 36.46
C VAL F 146 -36.88 -44.70 34.98
N LYS F 147 -37.58 -45.76 34.55
CA LYS F 147 -37.34 -46.37 33.24
C LYS F 147 -38.61 -46.49 32.40
N GLY F 148 -38.50 -46.16 31.12
CA GLY F 148 -39.56 -46.41 30.14
C GLY F 148 -40.66 -45.36 30.08
N TYR F 149 -40.28 -44.10 29.86
CA TYR F 149 -41.24 -43.01 29.63
C TYR F 149 -40.83 -42.22 28.38
N PHE F 150 -41.62 -41.23 27.99
CA PHE F 150 -41.34 -40.49 26.75
C PHE F 150 -41.06 -38.98 26.92
N PRO F 151 -42.08 -38.15 27.25
CA PRO F 151 -41.68 -36.74 27.43
C PRO F 151 -40.66 -36.57 28.57
N GLU F 152 -39.54 -35.91 28.27
CA GLU F 152 -38.40 -35.84 29.19
C GLU F 152 -38.69 -35.20 30.56
N PRO F 153 -39.66 -34.27 30.65
CA PRO F 153 -39.98 -33.69 31.96
C PRO F 153 -40.44 -34.72 33.01
N VAL F 154 -39.47 -35.32 33.69
CA VAL F 154 -39.74 -36.22 34.81
C VAL F 154 -39.10 -35.63 36.06
N THR F 155 -39.90 -34.94 36.87
CA THR F 155 -39.39 -34.24 38.06
C THR F 155 -39.24 -35.21 39.22
N LEU F 156 -38.00 -35.53 39.56
CA LEU F 156 -37.68 -36.43 40.67
C LEU F 156 -37.33 -35.63 41.92
N THR F 157 -37.84 -36.08 43.07
CA THR F 157 -37.54 -35.47 44.37
C THR F 157 -37.44 -36.57 45.43
N TRP F 158 -36.87 -36.23 46.59
CA TRP F 158 -36.69 -37.20 47.69
C TRP F 158 -37.39 -36.75 48.97
N ASN F 159 -38.21 -37.64 49.54
CA ASN F 159 -38.98 -37.38 50.77
C ASN F 159 -39.81 -36.09 50.71
N SER F 160 -40.36 -35.80 49.53
CA SER F 160 -41.20 -34.62 49.29
C SER F 160 -40.45 -33.30 49.54
N GLY F 161 -39.12 -33.33 49.41
CA GLY F 161 -38.27 -32.18 49.70
C GLY F 161 -36.91 -32.59 50.25
N SER F 162 -36.74 -32.41 51.56
CA SER F 162 -35.52 -32.84 52.27
C SER F 162 -34.23 -32.48 51.53
N SER F 164 -31.89 -32.88 48.93
CA SER F 164 -31.11 -32.07 47.99
C SER F 164 -29.60 -32.26 48.17
N SER F 165 -29.20 -33.12 49.11
CA SER F 165 -27.80 -33.43 49.35
C SER F 165 -27.43 -34.75 48.69
N GLY F 166 -26.24 -34.81 48.08
CA GLY F 166 -25.74 -36.02 47.43
C GLY F 166 -26.60 -36.49 46.25
N VAL F 167 -27.24 -35.55 45.56
CA VAL F 167 -28.11 -35.87 44.43
C VAL F 167 -27.37 -35.68 43.10
N HIS F 168 -27.05 -36.79 42.44
CA HIS F 168 -26.27 -36.77 41.19
C HIS F 168 -26.78 -37.84 40.20
N THR F 169 -26.16 -37.88 39.01
CA THR F 169 -26.53 -38.84 37.95
C THR F 169 -27.88 -38.47 37.28
N PHE F 170 -28.35 -37.25 37.53
CA PHE F 170 -29.72 -36.84 37.15
C PHE F 170 -30.10 -36.97 35.66
N PRO F 171 -29.36 -36.30 34.75
CA PRO F 171 -29.73 -36.34 33.32
C PRO F 171 -29.91 -37.75 32.74
N ALA F 172 -30.75 -37.87 31.73
CA ALA F 172 -31.14 -39.17 31.16
C ALA F 172 -30.65 -39.36 29.72
N LEU F 173 -30.89 -40.54 29.17
CA LEU F 173 -30.59 -40.86 27.78
C LEU F 173 -31.81 -41.44 27.07
N LEU F 174 -31.94 -41.15 25.78
CA LEU F 174 -33.03 -41.67 24.95
C LEU F 174 -32.65 -43.05 24.41
N GLN F 175 -33.34 -44.08 24.90
CA GLN F 175 -33.08 -45.47 24.49
C GLN F 175 -34.28 -46.06 23.76
N SER F 176 -34.19 -46.08 22.43
CA SER F 176 -35.22 -46.65 21.56
C SER F 176 -36.61 -46.04 21.80
N GLY F 177 -36.64 -44.73 21.99
CA GLY F 177 -37.88 -44.01 22.29
C GLY F 177 -38.20 -43.92 23.78
N LEU F 178 -37.56 -44.77 24.58
CA LEU F 178 -37.80 -44.82 26.03
C LEU F 178 -36.66 -44.12 26.79
N TYR F 179 -37.01 -43.10 27.55
CA TYR F 179 -36.04 -42.40 28.41
C TYR F 179 -35.70 -43.25 29.64
N THR F 180 -34.41 -43.43 29.89
CA THR F 180 -33.93 -44.21 31.02
C THR F 180 -33.14 -43.32 31.99
N LEU F 181 -33.86 -42.72 32.93
CA LEU F 181 -33.27 -41.81 33.92
C LEU F 181 -32.91 -42.54 35.21
N SER F 182 -31.87 -42.06 35.89
CA SER F 182 -31.44 -42.62 37.18
C SER F 182 -31.12 -41.50 38.18
N SER F 183 -31.06 -41.86 39.45
CA SER F 183 -30.80 -40.89 40.52
C SER F 183 -30.36 -41.59 41.81
N SER F 184 -29.87 -40.82 42.78
CA SER F 184 -29.41 -41.37 44.06
C SER F 184 -29.31 -40.30 45.16
N VAL F 185 -29.10 -40.76 46.39
CA VAL F 185 -28.84 -39.89 47.53
C VAL F 185 -27.98 -40.63 48.56
N THR F 186 -26.98 -39.95 49.09
CA THR F 186 -26.06 -40.55 50.06
C THR F 186 -26.34 -40.03 51.48
N VAL F 187 -26.27 -40.94 52.44
CA VAL F 187 -26.50 -40.61 53.86
C VAL F 187 -25.49 -41.36 54.75
N THR F 188 -25.53 -41.10 56.05
CA THR F 188 -24.65 -41.77 57.00
C THR F 188 -25.12 -43.20 57.27
N SER F 189 -24.33 -43.94 58.05
CA SER F 189 -24.66 -45.32 58.43
C SER F 189 -25.88 -45.41 59.35
N ASN F 190 -26.19 -44.33 60.05
CA ASN F 190 -27.28 -44.31 61.03
C ASN F 190 -28.61 -43.75 60.52
N THR F 191 -28.55 -42.94 59.45
CA THR F 191 -29.73 -42.20 58.99
C THR F 191 -30.79 -43.10 58.32
N TRP F 192 -30.35 -43.99 57.44
CA TRP F 192 -31.29 -44.82 56.65
C TRP F 192 -31.55 -46.24 57.17
N PRO F 193 -30.52 -47.12 57.19
CA PRO F 193 -30.73 -48.58 57.32
C PRO F 193 -31.98 -49.01 58.10
N SER F 194 -32.19 -48.46 59.29
CA SER F 194 -33.39 -48.74 60.09
C SER F 194 -34.32 -47.53 60.19
N GLN F 195 -34.50 -46.84 59.06
CA GLN F 195 -35.41 -45.68 58.95
C GLN F 195 -35.88 -45.52 57.49
N THR F 196 -36.81 -44.58 57.28
CA THR F 196 -37.50 -44.46 55.98
C THR F 196 -36.93 -43.38 55.06
N ILE F 197 -36.72 -43.75 53.79
CA ILE F 197 -36.40 -42.81 52.71
C ILE F 197 -37.23 -43.19 51.47
N THR F 198 -37.95 -42.21 50.92
CA THR F 198 -38.83 -42.46 49.76
C THR F 198 -38.43 -41.61 48.55
N CYS F 199 -38.64 -42.18 47.36
CA CYS F 199 -38.30 -41.54 46.09
C CYS F 199 -39.56 -41.01 45.40
N ASN F 200 -39.71 -39.70 45.35
CA ASN F 200 -40.89 -39.06 44.75
C ASN F 200 -40.67 -38.74 43.28
N VAL F 201 -41.38 -39.45 42.40
CA VAL F 201 -41.30 -39.22 40.96
C VAL F 201 -42.61 -38.59 40.47
N ALA F 202 -42.50 -37.78 39.41
CA ALA F 202 -43.66 -37.12 38.80
C ALA F 202 -43.51 -37.08 37.29
N HIS F 203 -44.64 -37.06 36.58
CA HIS F 203 -44.66 -37.07 35.12
C HIS F 203 -46.04 -36.62 34.63
N PRO F 204 -46.26 -35.29 34.53
CA PRO F 204 -47.54 -34.68 34.15
C PRO F 204 -48.17 -35.13 32.83
N ALA F 205 -47.34 -35.59 31.87
CA ALA F 205 -47.84 -36.01 30.57
C ALA F 205 -48.87 -37.15 30.63
N SER F 206 -48.60 -38.15 31.48
CA SER F 206 -49.50 -39.30 31.67
C SER F 206 -50.30 -39.21 32.98
N SER F 207 -50.17 -38.08 33.69
CA SER F 207 -50.80 -37.89 35.00
C SER F 207 -50.39 -38.96 36.00
N THR F 208 -49.10 -39.26 36.06
CA THR F 208 -48.56 -40.24 37.00
C THR F 208 -47.81 -39.58 38.15
N LYS F 209 -48.08 -40.04 39.37
CA LYS F 209 -47.45 -39.55 40.59
C LYS F 209 -47.11 -40.74 41.46
N VAL F 210 -45.86 -41.23 41.34
CA VAL F 210 -45.44 -42.48 41.97
C VAL F 210 -44.65 -42.22 43.25
N ASP F 211 -44.72 -43.18 44.18
CA ASP F 211 -43.93 -43.16 45.41
C ASP F 211 -43.30 -44.54 45.64
N LYS F 212 -42.00 -44.58 45.90
CA LYS F 212 -41.29 -45.84 46.16
C LYS F 212 -40.22 -45.69 47.24
N LYS F 213 -40.44 -46.34 48.38
CA LYS F 213 -39.47 -46.37 49.48
C LYS F 213 -38.36 -47.39 49.19
N ILE F 214 -37.20 -47.17 49.82
CA ILE F 214 -36.07 -48.08 49.68
C ILE F 214 -36.05 -49.02 50.89
N VAL F 215 -36.14 -50.33 50.63
CA VAL F 215 -36.20 -51.34 51.69
C VAL F 215 -34.91 -52.17 51.71
N PRO F 216 -34.31 -52.36 52.91
CA PRO F 216 -33.18 -53.28 53.02
C PRO F 216 -33.55 -54.69 52.55
N ARG F 217 -32.73 -55.27 51.68
CA ARG F 217 -33.02 -56.59 51.11
C ARG F 217 -33.06 -57.66 52.20
#